data_3OSM
# 
_entry.id   3OSM 
# 
_audit_conform.dict_name       mmcif_pdbx.dic 
_audit_conform.dict_version    5.387 
_audit_conform.dict_location   http://mmcif.pdb.org/dictionaries/ascii/mmcif_pdbx.dic 
# 
loop_
_database_2.database_id 
_database_2.database_code 
_database_2.pdbx_database_accession 
_database_2.pdbx_DOI 
PDB   3OSM         pdb_00003osm 10.2210/pdb3osm/pdb 
RCSB  RCSB061521   ?            ?                   
WWPDB D_1000061521 ?            ?                   
# 
loop_
_pdbx_audit_revision_history.ordinal 
_pdbx_audit_revision_history.data_content_type 
_pdbx_audit_revision_history.major_revision 
_pdbx_audit_revision_history.minor_revision 
_pdbx_audit_revision_history.revision_date 
1 'Structure model' 1 0 2010-12-22 
2 'Structure model' 1 1 2011-07-13 
3 'Structure model' 1 2 2024-02-21 
# 
_pdbx_audit_revision_details.ordinal             1 
_pdbx_audit_revision_details.revision_ordinal    1 
_pdbx_audit_revision_details.data_content_type   'Structure model' 
_pdbx_audit_revision_details.provider            repository 
_pdbx_audit_revision_details.type                'Initial release' 
_pdbx_audit_revision_details.description         ? 
_pdbx_audit_revision_details.details             ? 
# 
loop_
_pdbx_audit_revision_group.ordinal 
_pdbx_audit_revision_group.revision_ordinal 
_pdbx_audit_revision_group.data_content_type 
_pdbx_audit_revision_group.group 
1 2 'Structure model' 'Version format compliance' 
2 3 'Structure model' 'Data collection'           
3 3 'Structure model' 'Database references'       
4 3 'Structure model' 'Derived calculations'      
# 
loop_
_pdbx_audit_revision_category.ordinal 
_pdbx_audit_revision_category.revision_ordinal 
_pdbx_audit_revision_category.data_content_type 
_pdbx_audit_revision_category.category 
1 3 'Structure model' chem_comp_atom 
2 3 'Structure model' chem_comp_bond 
3 3 'Structure model' database_2     
4 3 'Structure model' struct_site    
# 
loop_
_pdbx_audit_revision_item.ordinal 
_pdbx_audit_revision_item.revision_ordinal 
_pdbx_audit_revision_item.data_content_type 
_pdbx_audit_revision_item.item 
1 3 'Structure model' '_database_2.pdbx_DOI'                
2 3 'Structure model' '_database_2.pdbx_database_accession' 
3 3 'Structure model' '_struct_site.pdbx_auth_asym_id'      
4 3 'Structure model' '_struct_site.pdbx_auth_comp_id'      
5 3 'Structure model' '_struct_site.pdbx_auth_seq_id'       
# 
_pdbx_database_status.status_code                     REL 
_pdbx_database_status.entry_id                        3OSM 
_pdbx_database_status.recvd_initial_deposition_date   2010-09-09 
_pdbx_database_status.deposit_site                    RCSB 
_pdbx_database_status.process_site                    RCSB 
_pdbx_database_status.status_code_sf                  REL 
_pdbx_database_status.status_code_mr                  ? 
_pdbx_database_status.SG_entry                        ? 
_pdbx_database_status.status_code_cs                  ? 
_pdbx_database_status.pdb_format_compatible           Y 
_pdbx_database_status.status_code_nmr_data            ? 
_pdbx_database_status.methods_development_category    ? 
# 
loop_
_pdbx_database_related.db_name 
_pdbx_database_related.db_id 
_pdbx_database_related.details 
_pdbx_database_related.content_type 
PDB 3OSE . unspecified 
PDB 3OST . unspecified 
# 
loop_
_audit_author.name 
_audit_author.pdbx_ordinal 
'Moravcevic, K.' 1 
'Lemmon, M.A.'   2 
# 
_citation.id                        primary 
_citation.title                     
'Kinase Associated-1 Domains Drive MARK/PAR1 Kinases to Membrane Targets by Binding Acidic Phospholipids.' 
_citation.journal_abbrev            'Cell(Cambridge,Mass.)' 
_citation.journal_volume            143 
_citation.page_first                966 
_citation.page_last                 977 
_citation.year                      2010 
_citation.journal_id_ASTM           CELLB5 
_citation.country                   US 
_citation.journal_id_ISSN           0092-8674 
_citation.journal_id_CSD            0998 
_citation.book_publisher            ? 
_citation.pdbx_database_id_PubMed   21145462 
_citation.pdbx_database_id_DOI      10.1016/j.cell.2010.11.028 
# 
loop_
_citation_author.citation_id 
_citation_author.name 
_citation_author.ordinal 
_citation_author.identifier_ORCID 
primary 'Moravcevic, K.' 1 ? 
primary 'Mendrola, J.M.' 2 ? 
primary 'Schmitz, K.R.'  3 ? 
primary 'Wang, Y.H.'     4 ? 
primary 'Slochower, D.'  5 ? 
primary 'Janmey, P.A.'   6 ? 
primary 'Lemmon, M.A.'   7 ? 
# 
loop_
_entity.id 
_entity.type 
_entity.src_method 
_entity.pdbx_description 
_entity.formula_weight 
_entity.pdbx_number_of_molecules 
_entity.pdbx_ec 
_entity.pdbx_mutation 
_entity.pdbx_fragment 
_entity.details 
1 polymer     man 'serine/threonine-protein kinase KCC4' 14744.563 1   2.7.11.1 ? 
'Kinase Associated-1 (KA1) Domain, residues 917-1036' ? 
2 non-polymer syn 'S,R MESO-TARTARIC ACID'               150.087   1   ?        ? ? ? 
3 non-polymer syn GLYCEROL                               92.094    1   ?        ? ? ? 
4 water       nat water                                  18.015    120 ?        ? ? ? 
# 
_entity_poly.entity_id                      1 
_entity_poly.type                           'polypeptide(L)' 
_entity_poly.nstd_linkage                   no 
_entity_poly.nstd_monomer                   no 
_entity_poly.pdbx_seq_one_letter_code       
;MHHHHHHKKPPNSVLLKKFSKGKILELEIHAKIPEKRLYEGLHKLLEGWKQYGLKNLVFNITNMIITGKLVNDSILFLRS
TLFEIMVLPNGDGRSLIKFNKKTGSTKTLTKLATEIQIILQKEGVLDK
;
_entity_poly.pdbx_seq_one_letter_code_can   
;MHHHHHHKKPPNSVLLKKFSKGKILELEIHAKIPEKRLYEGLHKLLEGWKQYGLKNLVFNITNMIITGKLVNDSILFLRS
TLFEIMVLPNGDGRSLIKFNKKTGSTKTLTKLATEIQIILQKEGVLDK
;
_entity_poly.pdbx_strand_id                 A 
_entity_poly.pdbx_target_identifier         ? 
# 
loop_
_pdbx_entity_nonpoly.entity_id 
_pdbx_entity_nonpoly.name 
_pdbx_entity_nonpoly.comp_id 
2 'S,R MESO-TARTARIC ACID' SRT 
3 GLYCEROL                 GOL 
4 water                    HOH 
# 
loop_
_entity_poly_seq.entity_id 
_entity_poly_seq.num 
_entity_poly_seq.mon_id 
_entity_poly_seq.hetero 
1 1   MET n 
1 2   HIS n 
1 3   HIS n 
1 4   HIS n 
1 5   HIS n 
1 6   HIS n 
1 7   HIS n 
1 8   LYS n 
1 9   LYS n 
1 10  PRO n 
1 11  PRO n 
1 12  ASN n 
1 13  SER n 
1 14  VAL n 
1 15  LEU n 
1 16  LEU n 
1 17  LYS n 
1 18  LYS n 
1 19  PHE n 
1 20  SER n 
1 21  LYS n 
1 22  GLY n 
1 23  LYS n 
1 24  ILE n 
1 25  LEU n 
1 26  GLU n 
1 27  LEU n 
1 28  GLU n 
1 29  ILE n 
1 30  HIS n 
1 31  ALA n 
1 32  LYS n 
1 33  ILE n 
1 34  PRO n 
1 35  GLU n 
1 36  LYS n 
1 37  ARG n 
1 38  LEU n 
1 39  TYR n 
1 40  GLU n 
1 41  GLY n 
1 42  LEU n 
1 43  HIS n 
1 44  LYS n 
1 45  LEU n 
1 46  LEU n 
1 47  GLU n 
1 48  GLY n 
1 49  TRP n 
1 50  LYS n 
1 51  GLN n 
1 52  TYR n 
1 53  GLY n 
1 54  LEU n 
1 55  LYS n 
1 56  ASN n 
1 57  LEU n 
1 58  VAL n 
1 59  PHE n 
1 60  ASN n 
1 61  ILE n 
1 62  THR n 
1 63  ASN n 
1 64  MET n 
1 65  ILE n 
1 66  ILE n 
1 67  THR n 
1 68  GLY n 
1 69  LYS n 
1 70  LEU n 
1 71  VAL n 
1 72  ASN n 
1 73  ASP n 
1 74  SER n 
1 75  ILE n 
1 76  LEU n 
1 77  PHE n 
1 78  LEU n 
1 79  ARG n 
1 80  SER n 
1 81  THR n 
1 82  LEU n 
1 83  PHE n 
1 84  GLU n 
1 85  ILE n 
1 86  MET n 
1 87  VAL n 
1 88  LEU n 
1 89  PRO n 
1 90  ASN n 
1 91  GLY n 
1 92  ASP n 
1 93  GLY n 
1 94  ARG n 
1 95  SER n 
1 96  LEU n 
1 97  ILE n 
1 98  LYS n 
1 99  PHE n 
1 100 ASN n 
1 101 LYS n 
1 102 LYS n 
1 103 THR n 
1 104 GLY n 
1 105 SER n 
1 106 THR n 
1 107 LYS n 
1 108 THR n 
1 109 LEU n 
1 110 THR n 
1 111 LYS n 
1 112 LEU n 
1 113 ALA n 
1 114 THR n 
1 115 GLU n 
1 116 ILE n 
1 117 GLN n 
1 118 ILE n 
1 119 ILE n 
1 120 LEU n 
1 121 GLN n 
1 122 LYS n 
1 123 GLU n 
1 124 GLY n 
1 125 VAL n 
1 126 LEU n 
1 127 ASP n 
1 128 LYS n 
# 
_entity_src_gen.entity_id                          1 
_entity_src_gen.pdbx_src_id                        1 
_entity_src_gen.pdbx_alt_source_flag               sample 
_entity_src_gen.pdbx_seq_type                      ? 
_entity_src_gen.pdbx_beg_seq_num                   ? 
_entity_src_gen.pdbx_end_seq_num                   ? 
_entity_src_gen.gene_src_common_name               
;brewer's yeast,lager beer yeast,yeast
;
_entity_src_gen.gene_src_genus                     ? 
_entity_src_gen.pdbx_gene_src_gene                 'KCC4, YCL024W, YCL24W' 
_entity_src_gen.gene_src_species                   ? 
_entity_src_gen.gene_src_strain                    ? 
_entity_src_gen.gene_src_tissue                    ? 
_entity_src_gen.gene_src_tissue_fraction           ? 
_entity_src_gen.gene_src_details                   ? 
_entity_src_gen.pdbx_gene_src_fragment             ? 
_entity_src_gen.pdbx_gene_src_scientific_name      'Saccharomyces cerevisiae' 
_entity_src_gen.pdbx_gene_src_ncbi_taxonomy_id     4932 
_entity_src_gen.pdbx_gene_src_variant              ? 
_entity_src_gen.pdbx_gene_src_cell_line            ? 
_entity_src_gen.pdbx_gene_src_atcc                 ? 
_entity_src_gen.pdbx_gene_src_organ                ? 
_entity_src_gen.pdbx_gene_src_organelle            ? 
_entity_src_gen.pdbx_gene_src_cell                 ? 
_entity_src_gen.pdbx_gene_src_cellular_location    ? 
_entity_src_gen.host_org_common_name               ? 
_entity_src_gen.pdbx_host_org_scientific_name      'Escherichia coli' 
_entity_src_gen.pdbx_host_org_ncbi_taxonomy_id     562 
_entity_src_gen.host_org_genus                     ? 
_entity_src_gen.pdbx_host_org_gene                 ? 
_entity_src_gen.pdbx_host_org_organ                ? 
_entity_src_gen.host_org_species                   ? 
_entity_src_gen.pdbx_host_org_tissue               ? 
_entity_src_gen.pdbx_host_org_tissue_fraction      ? 
_entity_src_gen.pdbx_host_org_strain               ? 
_entity_src_gen.pdbx_host_org_variant              ? 
_entity_src_gen.pdbx_host_org_cell_line            ? 
_entity_src_gen.pdbx_host_org_atcc                 ? 
_entity_src_gen.pdbx_host_org_culture_collection   ? 
_entity_src_gen.pdbx_host_org_cell                 ? 
_entity_src_gen.pdbx_host_org_organelle            ? 
_entity_src_gen.pdbx_host_org_cellular_location    ? 
_entity_src_gen.pdbx_host_org_vector_type          ? 
_entity_src_gen.pdbx_host_org_vector               ? 
_entity_src_gen.host_org_details                   ? 
_entity_src_gen.expression_system_id               ? 
_entity_src_gen.plasmid_name                       ? 
_entity_src_gen.plasmid_details                    ? 
_entity_src_gen.pdbx_description                   ? 
# 
loop_
_chem_comp.id 
_chem_comp.type 
_chem_comp.mon_nstd_flag 
_chem_comp.name 
_chem_comp.pdbx_synonyms 
_chem_comp.formula 
_chem_comp.formula_weight 
ALA 'L-peptide linking' y ALANINE                  ?                               'C3 H7 N O2'     89.093  
ARG 'L-peptide linking' y ARGININE                 ?                               'C6 H15 N4 O2 1' 175.209 
ASN 'L-peptide linking' y ASPARAGINE               ?                               'C4 H8 N2 O3'    132.118 
ASP 'L-peptide linking' y 'ASPARTIC ACID'          ?                               'C4 H7 N O4'     133.103 
GLN 'L-peptide linking' y GLUTAMINE                ?                               'C5 H10 N2 O3'   146.144 
GLU 'L-peptide linking' y 'GLUTAMIC ACID'          ?                               'C5 H9 N O4'     147.129 
GLY 'peptide linking'   y GLYCINE                  ?                               'C2 H5 N O2'     75.067  
GOL non-polymer         . GLYCEROL                 'GLYCERIN; PROPANE-1,2,3-TRIOL' 'C3 H8 O3'       92.094  
HIS 'L-peptide linking' y HISTIDINE                ?                               'C6 H10 N3 O2 1' 156.162 
HOH non-polymer         . WATER                    ?                               'H2 O'           18.015  
ILE 'L-peptide linking' y ISOLEUCINE               ?                               'C6 H13 N O2'    131.173 
LEU 'L-peptide linking' y LEUCINE                  ?                               'C6 H13 N O2'    131.173 
LYS 'L-peptide linking' y LYSINE                   ?                               'C6 H15 N2 O2 1' 147.195 
MET 'L-peptide linking' y METHIONINE               ?                               'C5 H11 N O2 S'  149.211 
PHE 'L-peptide linking' y PHENYLALANINE            ?                               'C9 H11 N O2'    165.189 
PRO 'L-peptide linking' y PROLINE                  ?                               'C5 H9 N O2'     115.130 
SER 'L-peptide linking' y SERINE                   ?                               'C3 H7 N O3'     105.093 
SRT non-polymer         . 'S,R MESO-TARTARIC ACID' ?                               'C4 H6 O6'       150.087 
THR 'L-peptide linking' y THREONINE                ?                               'C4 H9 N O3'     119.119 
TRP 'L-peptide linking' y TRYPTOPHAN               ?                               'C11 H12 N2 O2'  204.225 
TYR 'L-peptide linking' y TYROSINE                 ?                               'C9 H11 N O3'    181.189 
VAL 'L-peptide linking' y VALINE                   ?                               'C5 H11 N O2'    117.146 
# 
loop_
_pdbx_poly_seq_scheme.asym_id 
_pdbx_poly_seq_scheme.entity_id 
_pdbx_poly_seq_scheme.seq_id 
_pdbx_poly_seq_scheme.mon_id 
_pdbx_poly_seq_scheme.ndb_seq_num 
_pdbx_poly_seq_scheme.pdb_seq_num 
_pdbx_poly_seq_scheme.auth_seq_num 
_pdbx_poly_seq_scheme.pdb_mon_id 
_pdbx_poly_seq_scheme.auth_mon_id 
_pdbx_poly_seq_scheme.pdb_strand_id 
_pdbx_poly_seq_scheme.pdb_ins_code 
_pdbx_poly_seq_scheme.hetero 
A 1 1   MET 1   910  ?    ?   ?   A . n 
A 1 2   HIS 2   911  ?    ?   ?   A . n 
A 1 3   HIS 3   912  ?    ?   ?   A . n 
A 1 4   HIS 4   913  ?    ?   ?   A . n 
A 1 5   HIS 5   914  ?    ?   ?   A . n 
A 1 6   HIS 6   915  ?    ?   ?   A . n 
A 1 7   HIS 7   916  ?    ?   ?   A . n 
A 1 8   LYS 8   917  ?    ?   ?   A . n 
A 1 9   LYS 9   918  918  LYS LYS A . n 
A 1 10  PRO 10  919  919  PRO PRO A . n 
A 1 11  PRO 11  920  920  PRO PRO A . n 
A 1 12  ASN 12  921  921  ASN ASN A . n 
A 1 13  SER 13  922  922  SER SER A . n 
A 1 14  VAL 14  923  923  VAL VAL A . n 
A 1 15  LEU 15  924  924  LEU LEU A . n 
A 1 16  LEU 16  925  925  LEU LEU A . n 
A 1 17  LYS 17  926  926  LYS LYS A . n 
A 1 18  LYS 18  927  927  LYS LYS A . n 
A 1 19  PHE 19  928  928  PHE PHE A . n 
A 1 20  SER 20  929  929  SER SER A . n 
A 1 21  LYS 21  930  930  LYS LYS A . n 
A 1 22  GLY 22  931  931  GLY GLY A . n 
A 1 23  LYS 23  932  932  LYS LYS A . n 
A 1 24  ILE 24  933  933  ILE ILE A . n 
A 1 25  LEU 25  934  934  LEU LEU A . n 
A 1 26  GLU 26  935  935  GLU GLU A . n 
A 1 27  LEU 27  936  936  LEU LEU A . n 
A 1 28  GLU 28  937  937  GLU GLU A . n 
A 1 29  ILE 29  938  938  ILE ILE A . n 
A 1 30  HIS 30  939  939  HIS HIS A . n 
A 1 31  ALA 31  940  940  ALA ALA A . n 
A 1 32  LYS 32  941  941  LYS LYS A . n 
A 1 33  ILE 33  942  942  ILE ILE A . n 
A 1 34  PRO 34  943  943  PRO PRO A . n 
A 1 35  GLU 35  944  944  GLU GLU A . n 
A 1 36  LYS 36  945  945  LYS LYS A . n 
A 1 37  ARG 37  946  946  ARG ARG A . n 
A 1 38  LEU 38  947  947  LEU LEU A . n 
A 1 39  TYR 39  948  948  TYR TYR A . n 
A 1 40  GLU 40  949  949  GLU GLU A . n 
A 1 41  GLY 41  950  950  GLY GLY A . n 
A 1 42  LEU 42  951  951  LEU LEU A . n 
A 1 43  HIS 43  952  952  HIS HIS A . n 
A 1 44  LYS 44  953  953  LYS LYS A . n 
A 1 45  LEU 45  954  954  LEU LEU A . n 
A 1 46  LEU 46  955  955  LEU LEU A . n 
A 1 47  GLU 47  956  956  GLU GLU A . n 
A 1 48  GLY 48  957  957  GLY GLY A . n 
A 1 49  TRP 49  958  958  TRP TRP A . n 
A 1 50  LYS 50  959  959  LYS LYS A . n 
A 1 51  GLN 51  960  960  GLN GLN A . n 
A 1 52  TYR 52  961  961  TYR TYR A . n 
A 1 53  GLY 53  962  962  GLY GLY A . n 
A 1 54  LEU 54  963  963  LEU LEU A . n 
A 1 55  LYS 55  964  964  LYS LYS A . n 
A 1 56  ASN 56  965  965  ASN ASN A . n 
A 1 57  LEU 57  966  966  LEU LEU A . n 
A 1 58  VAL 58  967  967  VAL VAL A . n 
A 1 59  PHE 59  968  968  PHE PHE A . n 
A 1 60  ASN 60  969  969  ASN ASN A . n 
A 1 61  ILE 61  970  970  ILE ILE A . n 
A 1 62  THR 62  971  971  THR THR A . n 
A 1 63  ASN 63  972  972  ASN ASN A . n 
A 1 64  MET 64  973  973  MET MET A . n 
A 1 65  ILE 65  974  974  ILE ILE A . n 
A 1 66  ILE 66  975  975  ILE ILE A . n 
A 1 67  THR 67  976  976  THR THR A . n 
A 1 68  GLY 68  977  977  GLY GLY A . n 
A 1 69  LYS 69  978  978  LYS LYS A . n 
A 1 70  LEU 70  979  979  LEU LEU A . n 
A 1 71  VAL 71  980  980  VAL VAL A . n 
A 1 72  ASN 72  981  981  ASN ASN A . n 
A 1 73  ASP 73  982  982  ASP ASP A . n 
A 1 74  SER 74  983  983  SER SER A . n 
A 1 75  ILE 75  984  984  ILE ILE A . n 
A 1 76  LEU 76  985  985  LEU LEU A . n 
A 1 77  PHE 77  986  986  PHE PHE A . n 
A 1 78  LEU 78  987  987  LEU LEU A . n 
A 1 79  ARG 79  988  988  ARG ARG A . n 
A 1 80  SER 80  989  989  SER SER A . n 
A 1 81  THR 81  990  990  THR THR A . n 
A 1 82  LEU 82  991  991  LEU LEU A . n 
A 1 83  PHE 83  992  992  PHE PHE A . n 
A 1 84  GLU 84  993  993  GLU GLU A . n 
A 1 85  ILE 85  994  994  ILE ILE A . n 
A 1 86  MET 86  995  995  MET MET A . n 
A 1 87  VAL 87  996  996  VAL VAL A . n 
A 1 88  LEU 88  997  997  LEU LEU A . n 
A 1 89  PRO 89  998  998  PRO PRO A . n 
A 1 90  ASN 90  999  999  ASN ASN A . n 
A 1 91  GLY 91  1000 1000 GLY GLY A . n 
A 1 92  ASP 92  1001 1001 ASP ASP A . n 
A 1 93  GLY 93  1002 1002 GLY GLY A . n 
A 1 94  ARG 94  1003 1003 ARG ARG A . n 
A 1 95  SER 95  1004 1004 SER SER A . n 
A 1 96  LEU 96  1005 1005 LEU LEU A . n 
A 1 97  ILE 97  1006 1006 ILE ILE A . n 
A 1 98  LYS 98  1007 1007 LYS LYS A . n 
A 1 99  PHE 99  1008 1008 PHE PHE A . n 
A 1 100 ASN 100 1009 1009 ASN ASN A . n 
A 1 101 LYS 101 1010 1010 LYS LYS A . n 
A 1 102 LYS 102 1011 1011 LYS LYS A . n 
A 1 103 THR 103 1012 1012 THR THR A . n 
A 1 104 GLY 104 1013 1013 GLY GLY A . n 
A 1 105 SER 105 1014 1014 SER SER A . n 
A 1 106 THR 106 1015 1015 THR THR A . n 
A 1 107 LYS 107 1016 1016 LYS LYS A . n 
A 1 108 THR 108 1017 1017 THR THR A . n 
A 1 109 LEU 109 1018 1018 LEU LEU A . n 
A 1 110 THR 110 1019 1019 THR THR A . n 
A 1 111 LYS 111 1020 1020 LYS LYS A . n 
A 1 112 LEU 112 1021 1021 LEU LEU A . n 
A 1 113 ALA 113 1022 1022 ALA ALA A . n 
A 1 114 THR 114 1023 1023 THR THR A . n 
A 1 115 GLU 115 1024 1024 GLU GLU A . n 
A 1 116 ILE 116 1025 1025 ILE ILE A . n 
A 1 117 GLN 117 1026 1026 GLN GLN A . n 
A 1 118 ILE 118 1027 1027 ILE ILE A . n 
A 1 119 ILE 119 1028 1028 ILE ILE A . n 
A 1 120 LEU 120 1029 1029 LEU LEU A . n 
A 1 121 GLN 121 1030 1030 GLN GLN A . n 
A 1 122 LYS 122 1031 1031 LYS LYS A . n 
A 1 123 GLU 123 1032 1032 GLU GLU A . n 
A 1 124 GLY 124 1033 1033 GLY GLY A . n 
A 1 125 VAL 125 1034 1034 VAL VAL A . n 
A 1 126 LEU 126 1035 1035 LEU LEU A . n 
A 1 127 ASP 127 1036 1036 ASP ASP A . n 
A 1 128 LYS 128 1037 ?    ?   ?   A . n 
# 
loop_
_pdbx_nonpoly_scheme.asym_id 
_pdbx_nonpoly_scheme.entity_id 
_pdbx_nonpoly_scheme.mon_id 
_pdbx_nonpoly_scheme.ndb_seq_num 
_pdbx_nonpoly_scheme.pdb_seq_num 
_pdbx_nonpoly_scheme.auth_seq_num 
_pdbx_nonpoly_scheme.pdb_mon_id 
_pdbx_nonpoly_scheme.auth_mon_id 
_pdbx_nonpoly_scheme.pdb_strand_id 
_pdbx_nonpoly_scheme.pdb_ins_code 
B 2 SRT 1   1039 1039 SRT SRT A . 
C 3 GOL 1   1038 1038 GOL GOL A . 
D 4 HOH 1   1    1    HOH HOH A . 
D 4 HOH 2   2    2    HOH HOH A . 
D 4 HOH 3   3    3    HOH HOH A . 
D 4 HOH 4   4    4    HOH HOH A . 
D 4 HOH 5   5    5    HOH HOH A . 
D 4 HOH 6   6    6    HOH HOH A . 
D 4 HOH 7   7    7    HOH HOH A . 
D 4 HOH 8   8    8    HOH HOH A . 
D 4 HOH 9   9    9    HOH HOH A . 
D 4 HOH 10  10   10   HOH HOH A . 
D 4 HOH 11  11   11   HOH HOH A . 
D 4 HOH 12  12   12   HOH HOH A . 
D 4 HOH 13  13   13   HOH HOH A . 
D 4 HOH 14  14   14   HOH HOH A . 
D 4 HOH 15  15   15   HOH HOH A . 
D 4 HOH 16  16   16   HOH HOH A . 
D 4 HOH 17  17   17   HOH HOH A . 
D 4 HOH 18  18   18   HOH HOH A . 
D 4 HOH 19  19   19   HOH HOH A . 
D 4 HOH 20  20   20   HOH HOH A . 
D 4 HOH 21  21   21   HOH HOH A . 
D 4 HOH 22  22   22   HOH HOH A . 
D 4 HOH 23  23   23   HOH HOH A . 
D 4 HOH 24  24   24   HOH HOH A . 
D 4 HOH 25  25   25   HOH HOH A . 
D 4 HOH 26  26   26   HOH HOH A . 
D 4 HOH 27  27   27   HOH HOH A . 
D 4 HOH 28  28   28   HOH HOH A . 
D 4 HOH 29  29   29   HOH HOH A . 
D 4 HOH 30  30   30   HOH HOH A . 
D 4 HOH 31  31   31   HOH HOH A . 
D 4 HOH 32  32   32   HOH HOH A . 
D 4 HOH 33  33   33   HOH HOH A . 
D 4 HOH 34  34   34   HOH HOH A . 
D 4 HOH 35  35   35   HOH HOH A . 
D 4 HOH 36  36   36   HOH HOH A . 
D 4 HOH 37  37   37   HOH HOH A . 
D 4 HOH 38  38   38   HOH HOH A . 
D 4 HOH 39  39   39   HOH HOH A . 
D 4 HOH 40  40   40   HOH HOH A . 
D 4 HOH 41  41   41   HOH HOH A . 
D 4 HOH 42  42   42   HOH HOH A . 
D 4 HOH 43  43   43   HOH HOH A . 
D 4 HOH 44  44   44   HOH HOH A . 
D 4 HOH 45  45   45   HOH HOH A . 
D 4 HOH 46  46   46   HOH HOH A . 
D 4 HOH 47  47   47   HOH HOH A . 
D 4 HOH 48  48   48   HOH HOH A . 
D 4 HOH 49  49   49   HOH HOH A . 
D 4 HOH 50  50   50   HOH HOH A . 
D 4 HOH 51  51   51   HOH HOH A . 
D 4 HOH 52  52   52   HOH HOH A . 
D 4 HOH 53  53   53   HOH HOH A . 
D 4 HOH 54  54   54   HOH HOH A . 
D 4 HOH 55  55   55   HOH HOH A . 
D 4 HOH 56  56   56   HOH HOH A . 
D 4 HOH 57  57   57   HOH HOH A . 
D 4 HOH 58  58   58   HOH HOH A . 
D 4 HOH 59  59   59   HOH HOH A . 
D 4 HOH 60  60   60   HOH HOH A . 
D 4 HOH 61  61   61   HOH HOH A . 
D 4 HOH 62  62   62   HOH HOH A . 
D 4 HOH 63  64   64   HOH HOH A . 
D 4 HOH 64  65   65   HOH HOH A . 
D 4 HOH 65  67   67   HOH HOH A . 
D 4 HOH 66  68   68   HOH HOH A . 
D 4 HOH 67  69   69   HOH HOH A . 
D 4 HOH 68  70   70   HOH HOH A . 
D 4 HOH 69  71   71   HOH HOH A . 
D 4 HOH 70  72   72   HOH HOH A . 
D 4 HOH 71  73   73   HOH HOH A . 
D 4 HOH 72  74   74   HOH HOH A . 
D 4 HOH 73  75   75   HOH HOH A . 
D 4 HOH 74  76   76   HOH HOH A . 
D 4 HOH 75  77   77   HOH HOH A . 
D 4 HOH 76  78   78   HOH HOH A . 
D 4 HOH 77  79   79   HOH HOH A . 
D 4 HOH 78  80   80   HOH HOH A . 
D 4 HOH 79  81   81   HOH HOH A . 
D 4 HOH 80  82   82   HOH HOH A . 
D 4 HOH 81  83   83   HOH HOH A . 
D 4 HOH 82  84   84   HOH HOH A . 
D 4 HOH 83  85   85   HOH HOH A . 
D 4 HOH 84  86   86   HOH HOH A . 
D 4 HOH 85  87   87   HOH HOH A . 
D 4 HOH 86  88   88   HOH HOH A . 
D 4 HOH 87  89   89   HOH HOH A . 
D 4 HOH 88  90   90   HOH HOH A . 
D 4 HOH 89  91   91   HOH HOH A . 
D 4 HOH 90  92   92   HOH HOH A . 
D 4 HOH 91  93   93   HOH HOH A . 
D 4 HOH 92  94   94   HOH HOH A . 
D 4 HOH 93  95   95   HOH HOH A . 
D 4 HOH 94  96   96   HOH HOH A . 
D 4 HOH 95  97   97   HOH HOH A . 
D 4 HOH 96  98   98   HOH HOH A . 
D 4 HOH 97  99   99   HOH HOH A . 
D 4 HOH 98  100  100  HOH HOH A . 
D 4 HOH 99  101  101  HOH HOH A . 
D 4 HOH 100 102  102  HOH HOH A . 
D 4 HOH 101 103  103  HOH HOH A . 
D 4 HOH 102 104  104  HOH HOH A . 
D 4 HOH 103 105  105  HOH HOH A . 
D 4 HOH 104 106  106  HOH HOH A . 
D 4 HOH 105 107  107  HOH HOH A . 
D 4 HOH 106 108  108  HOH HOH A . 
D 4 HOH 107 109  109  HOH HOH A . 
D 4 HOH 108 110  110  HOH HOH A . 
D 4 HOH 109 111  111  HOH HOH A . 
D 4 HOH 110 112  112  HOH HOH A . 
D 4 HOH 111 113  113  HOH HOH A . 
D 4 HOH 112 114  114  HOH HOH A . 
D 4 HOH 113 115  115  HOH HOH A . 
D 4 HOH 114 116  116  HOH HOH A . 
D 4 HOH 115 117  117  HOH HOH A . 
D 4 HOH 116 118  118  HOH HOH A . 
D 4 HOH 117 119  119  HOH HOH A . 
D 4 HOH 118 120  120  HOH HOH A . 
D 4 HOH 119 121  121  HOH HOH A . 
D 4 HOH 120 122  122  HOH HOH A . 
# 
loop_
_pdbx_unobs_or_zero_occ_atoms.id 
_pdbx_unobs_or_zero_occ_atoms.PDB_model_num 
_pdbx_unobs_or_zero_occ_atoms.polymer_flag 
_pdbx_unobs_or_zero_occ_atoms.occupancy_flag 
_pdbx_unobs_or_zero_occ_atoms.auth_asym_id 
_pdbx_unobs_or_zero_occ_atoms.auth_comp_id 
_pdbx_unobs_or_zero_occ_atoms.auth_seq_id 
_pdbx_unobs_or_zero_occ_atoms.PDB_ins_code 
_pdbx_unobs_or_zero_occ_atoms.auth_atom_id 
_pdbx_unobs_or_zero_occ_atoms.label_alt_id 
_pdbx_unobs_or_zero_occ_atoms.label_asym_id 
_pdbx_unobs_or_zero_occ_atoms.label_comp_id 
_pdbx_unobs_or_zero_occ_atoms.label_seq_id 
_pdbx_unobs_or_zero_occ_atoms.label_atom_id 
1  1 Y 1 A LYS 918  ? CG  ? A LYS 9  CG  
2  1 Y 1 A LYS 918  ? CD  ? A LYS 9  CD  
3  1 Y 1 A LYS 918  ? CE  ? A LYS 9  CE  
4  1 Y 1 A LYS 918  ? NZ  ? A LYS 9  NZ  
5  1 Y 1 A LYS 930  ? CG  ? A LYS 21 CG  
6  1 Y 1 A LYS 930  ? CD  ? A LYS 21 CD  
7  1 Y 1 A LYS 930  ? CE  ? A LYS 21 CE  
8  1 Y 1 A LYS 930  ? NZ  ? A LYS 21 NZ  
9  1 Y 1 A GLU 935  ? CD  ? A GLU 26 CD  
10 1 Y 1 A GLU 935  ? OE1 ? A GLU 26 OE1 
11 1 Y 1 A GLU 935  ? OE2 ? A GLU 26 OE2 
12 1 Y 1 A LYS 941  ? CG  ? A LYS 32 CG  
13 1 Y 1 A LYS 941  ? CD  ? A LYS 32 CD  
14 1 Y 1 A LYS 941  ? CE  ? A LYS 32 CE  
15 1 Y 1 A LYS 941  ? NZ  ? A LYS 32 NZ  
16 1 Y 1 A LYS 945  ? CD  ? A LYS 36 CD  
17 1 Y 1 A LYS 945  ? CE  ? A LYS 36 CE  
18 1 Y 1 A LYS 945  ? NZ  ? A LYS 36 NZ  
19 1 Y 1 A GLU 949  ? CG  ? A GLU 40 CG  
20 1 Y 1 A GLU 949  ? CD  ? A GLU 40 CD  
21 1 Y 1 A GLU 949  ? OE1 ? A GLU 40 OE1 
22 1 Y 1 A GLU 949  ? OE2 ? A GLU 40 OE2 
23 1 Y 1 A LYS 959  ? CG  ? A LYS 50 CG  
24 1 Y 1 A LYS 959  ? CD  ? A LYS 50 CD  
25 1 Y 1 A LYS 959  ? CE  ? A LYS 50 CE  
26 1 Y 1 A LYS 959  ? NZ  ? A LYS 50 NZ  
27 1 Y 1 A LEU 987  ? CG  ? A LEU 78 CG  
28 1 Y 1 A LEU 987  ? CD1 ? A LEU 78 CD1 
29 1 Y 1 A LEU 987  ? CD2 ? A LEU 78 CD2 
30 1 Y 1 A ASP 1001 ? OD1 ? A ASP 92 OD1 
31 1 Y 1 A ASP 1001 ? OD2 ? A ASP 92 OD2 
# 
loop_
_software.name 
_software.classification 
_software.version 
_software.citation_id 
_software.pdbx_ordinal 
HKL-2000 'data collection' .        ? 1 
PHASER   phasing           .        ? 2 
REFMAC   refinement        5.5.0072 ? 3 
HKL-2000 'data reduction'  .        ? 4 
HKL-2000 'data scaling'    .        ? 5 
# 
_cell.entry_id           3OSM 
_cell.length_a           26.240 
_cell.length_b           33.228 
_cell.length_c           38.145 
_cell.angle_alpha        104.15 
_cell.angle_beta         90.70 
_cell.angle_gamma        107.00 
_cell.Z_PDB              1 
_cell.pdbx_unique_axis   ? 
_cell.length_a_esd       ? 
_cell.length_b_esd       ? 
_cell.length_c_esd       ? 
_cell.angle_alpha_esd    ? 
_cell.angle_beta_esd     ? 
_cell.angle_gamma_esd    ? 
# 
_symmetry.entry_id                         3OSM 
_symmetry.space_group_name_H-M             'P 1' 
_symmetry.pdbx_full_space_group_name_H-M   ? 
_symmetry.cell_setting                     ? 
_symmetry.Int_Tables_number                1 
_symmetry.space_group_name_Hall            ? 
# 
_exptl.entry_id          3OSM 
_exptl.method            'X-RAY DIFFRACTION' 
_exptl.crystals_number   1 
# 
_exptl_crystal.id                    1 
_exptl_crystal.density_meas          ? 
_exptl_crystal.density_Matthews      2.08 
_exptl_crystal.density_percent_sol   40.95 
_exptl_crystal.description           ? 
_exptl_crystal.F_000                 ? 
_exptl_crystal.preparation           ? 
# 
_exptl_crystal_grow.crystal_id      1 
_exptl_crystal_grow.method          'VAPOR DIFFUSION, HANGING DROP' 
_exptl_crystal_grow.temp            294 
_exptl_crystal_grow.temp_details    ? 
_exptl_crystal_grow.pH              7.0 
_exptl_crystal_grow.pdbx_pH_range   ? 
_exptl_crystal_grow.pdbx_details    
'1.0 M K/Na tartrate, 0.1 M Tris, 0.2 M LiSO4, pH 7.0, VAPOR DIFFUSION, HANGING DROP, temperature 294K' 
# 
_diffrn.id                     1 
_diffrn.ambient_temp           100 
_diffrn.ambient_temp_details   ? 
_diffrn.crystal_id             1 
# 
_diffrn_detector.diffrn_id              1 
_diffrn_detector.detector               CCD 
_diffrn_detector.type                   'ADSC QUANTUM 210' 
_diffrn_detector.pdbx_collection_date   2008-12-17 
_diffrn_detector.details                ? 
# 
_diffrn_radiation.diffrn_id                        1 
_diffrn_radiation.wavelength_id                    1 
_diffrn_radiation.pdbx_monochromatic_or_laue_m_l   M 
_diffrn_radiation.monochromator                    'double crystal monochromator' 
_diffrn_radiation.pdbx_diffrn_protocol             'SINGLE WAVELENGTH' 
_diffrn_radiation.pdbx_scattering_type             x-ray 
# 
_diffrn_radiation_wavelength.id           1 
_diffrn_radiation_wavelength.wavelength   0.97950 
_diffrn_radiation_wavelength.wt           1.0 
# 
_diffrn_source.diffrn_id                   1 
_diffrn_source.source                      SYNCHROTRON 
_diffrn_source.type                        'CHESS BEAMLINE F2' 
_diffrn_source.pdbx_synchrotron_site       CHESS 
_diffrn_source.pdbx_synchrotron_beamline   F2 
_diffrn_source.pdbx_wavelength             ? 
_diffrn_source.pdbx_wavelength_list        0.97950 
# 
_reflns.entry_id                     3OSM 
_reflns.observed_criterion_sigma_I   3 
_reflns.observed_criterion_sigma_F   0 
_reflns.d_resolution_low             50.0 
_reflns.d_resolution_high            1.70 
_reflns.number_obs                   12661 
_reflns.number_all                   ? 
_reflns.percent_possible_obs         93.7 
_reflns.pdbx_Rmerge_I_obs            ? 
_reflns.pdbx_Rsym_value              0.045 
_reflns.pdbx_netI_over_sigmaI        24 
_reflns.B_iso_Wilson_estimate        ? 
_reflns.pdbx_redundancy              1.9 
_reflns.R_free_details               ? 
_reflns.limit_h_max                  ? 
_reflns.limit_h_min                  ? 
_reflns.limit_k_max                  ? 
_reflns.limit_k_min                  ? 
_reflns.limit_l_max                  ? 
_reflns.limit_l_min                  ? 
_reflns.observed_criterion_F_max     ? 
_reflns.observed_criterion_F_min     ? 
_reflns.pdbx_chi_squared             ? 
_reflns.pdbx_scaling_rejects         ? 
_reflns.pdbx_diffrn_id               1 
_reflns.pdbx_ordinal                 1 
# 
_reflns_shell.d_res_high             1.70 
_reflns_shell.d_res_low              1.76 
_reflns_shell.percent_possible_all   93.1 
_reflns_shell.Rmerge_I_obs           ? 
_reflns_shell.pdbx_Rsym_value        0.24 
_reflns_shell.meanI_over_sigI_obs    2.9 
_reflns_shell.pdbx_redundancy        1.8 
_reflns_shell.percent_possible_obs   ? 
_reflns_shell.number_unique_all      ? 
_reflns_shell.number_measured_all    ? 
_reflns_shell.number_measured_obs    ? 
_reflns_shell.number_unique_obs      ? 
_reflns_shell.pdbx_chi_squared       ? 
_reflns_shell.pdbx_diffrn_id         ? 
_reflns_shell.pdbx_ordinal           1 
# 
_refine.pdbx_refine_id                           'X-RAY DIFFRACTION' 
_refine.entry_id                                 3OSM 
_refine.ls_number_reflns_obs                     12019 
_refine.ls_number_reflns_all                     12451 
_refine.pdbx_ls_sigma_I                          ? 
_refine.pdbx_ls_sigma_F                          . 
_refine.pdbx_data_cutoff_high_absF               ? 
_refine.pdbx_data_cutoff_low_absF                ? 
_refine.pdbx_data_cutoff_high_rms_absF           ? 
_refine.ls_d_res_low                             36.84 
_refine.ls_d_res_high                            1.70 
_refine.ls_percent_reflns_obs                    96.53 
_refine.ls_R_factor_obs                          0.18792 
_refine.ls_R_factor_all                          ? 
_refine.ls_R_factor_R_work                       0.18746 
_refine.ls_R_factor_R_free                       0.19703 
_refine.ls_R_factor_R_free_error                 ? 
_refine.ls_R_factor_R_free_error_details         ? 
_refine.ls_percent_reflns_R_free                 4.9 
_refine.ls_number_reflns_R_free                  613 
_refine.ls_number_parameters                     ? 
_refine.ls_number_restraints                     ? 
_refine.occupancy_min                            ? 
_refine.occupancy_max                            ? 
_refine.correlation_coeff_Fo_to_Fc               0.959 
_refine.correlation_coeff_Fo_to_Fc_free          0.955 
_refine.B_iso_mean                               18.747 
_refine.aniso_B[1][1]                            1.12 
_refine.aniso_B[2][2]                            0.14 
_refine.aniso_B[3][3]                            -0.68 
_refine.aniso_B[1][2]                            0.90 
_refine.aniso_B[1][3]                            0.46 
_refine.aniso_B[2][3]                            0.10 
_refine.solvent_model_details                    MASK 
_refine.solvent_model_param_ksol                 ? 
_refine.solvent_model_param_bsol                 ? 
_refine.pdbx_solvent_vdw_probe_radii             1.40 
_refine.pdbx_solvent_ion_probe_radii             0.80 
_refine.pdbx_solvent_shrinkage_radii             0.80 
_refine.pdbx_ls_cross_valid_method               THROUGHOUT 
_refine.details                                  'HYDROGENS HAVE BEEN ADDED IN THE RIDING POSITIONS' 
_refine.pdbx_starting_model                      ? 
_refine.pdbx_method_to_determine_struct          'MOLECULAR REPLACEMENT' 
_refine.pdbx_isotropic_thermal_model             ? 
_refine.pdbx_stereochemistry_target_values       'MAXIMUM LIKELIHOOD' 
_refine.pdbx_stereochem_target_val_spec_case     ? 
_refine.pdbx_R_Free_selection_details            RANDOM 
_refine.pdbx_overall_ESU_R                       0.121 
_refine.pdbx_overall_ESU_R_Free                  0.102 
_refine.overall_SU_ML                            ? 
_refine.pdbx_overall_phase_error                 ? 
_refine.overall_SU_B                             ? 
_refine.overall_SU_R_Cruickshank_DPI             ? 
_refine.pdbx_overall_SU_R_free_Cruickshank_DPI   ? 
_refine.pdbx_overall_SU_R_Blow_DPI               ? 
_refine.pdbx_overall_SU_R_free_Blow_DPI          ? 
_refine.ls_redundancy_reflns_obs                 ? 
_refine.B_iso_min                                ? 
_refine.B_iso_max                                ? 
_refine.overall_SU_R_free                        ? 
_refine.ls_wR_factor_R_free                      ? 
_refine.ls_wR_factor_R_work                      ? 
_refine.overall_FOM_free_R_set                   ? 
_refine.overall_FOM_work_R_set                   ? 
_refine.pdbx_diffrn_id                           1 
_refine.pdbx_TLS_residual_ADP_flag               ? 
# 
_refine_hist.pdbx_refine_id                   'X-RAY DIFFRACTION' 
_refine_hist.cycle_id                         LAST 
_refine_hist.pdbx_number_atoms_protein        920 
_refine_hist.pdbx_number_atoms_nucleic_acid   0 
_refine_hist.pdbx_number_atoms_ligand         16 
_refine_hist.number_atoms_solvent             120 
_refine_hist.number_atoms_total               1056 
_refine_hist.d_res_high                       1.70 
_refine_hist.d_res_low                        36.84 
# 
loop_
_refine_ls_restr.type 
_refine_ls_restr.dev_ideal 
_refine_ls_restr.dev_ideal_target 
_refine_ls_restr.weight 
_refine_ls_restr.number 
_refine_ls_restr.pdbx_refine_id 
_refine_ls_restr.pdbx_restraint_function 
r_bond_refined_d             0.012  0.022  ? 952  'X-RAY DIFFRACTION' ? 
r_bond_other_d               ?      ?      ? ?    'X-RAY DIFFRACTION' ? 
r_angle_refined_deg          1.387  2.012  ? 1280 'X-RAY DIFFRACTION' ? 
r_angle_other_deg            ?      ?      ? ?    'X-RAY DIFFRACTION' ? 
r_dihedral_angle_1_deg       5.136  5.000  ? 118  'X-RAY DIFFRACTION' ? 
r_dihedral_angle_2_deg       40.084 24.839 ? 31   'X-RAY DIFFRACTION' ? 
r_dihedral_angle_3_deg       12.556 15.000 ? 188  'X-RAY DIFFRACTION' ? 
r_dihedral_angle_4_deg       13.659 15.000 ? 3    'X-RAY DIFFRACTION' ? 
r_chiral_restr               0.092  0.200  ? 156  'X-RAY DIFFRACTION' ? 
r_gen_planes_refined         0.005  0.021  ? 656  'X-RAY DIFFRACTION' ? 
r_gen_planes_other           ?      ?      ? ?    'X-RAY DIFFRACTION' ? 
r_nbd_refined                ?      ?      ? ?    'X-RAY DIFFRACTION' ? 
r_nbd_other                  ?      ?      ? ?    'X-RAY DIFFRACTION' ? 
r_nbtor_refined              ?      ?      ? ?    'X-RAY DIFFRACTION' ? 
r_nbtor_other                ?      ?      ? ?    'X-RAY DIFFRACTION' ? 
r_xyhbond_nbd_refined        ?      ?      ? ?    'X-RAY DIFFRACTION' ? 
r_xyhbond_nbd_other          ?      ?      ? ?    'X-RAY DIFFRACTION' ? 
r_metal_ion_refined          ?      ?      ? ?    'X-RAY DIFFRACTION' ? 
r_metal_ion_other            ?      ?      ? ?    'X-RAY DIFFRACTION' ? 
r_symmetry_vdw_refined       ?      ?      ? ?    'X-RAY DIFFRACTION' ? 
r_symmetry_vdw_other         ?      ?      ? ?    'X-RAY DIFFRACTION' ? 
r_symmetry_hbond_refined     ?      ?      ? ?    'X-RAY DIFFRACTION' ? 
r_symmetry_hbond_other       ?      ?      ? ?    'X-RAY DIFFRACTION' ? 
r_symmetry_metal_ion_refined ?      ?      ? ?    'X-RAY DIFFRACTION' ? 
r_symmetry_metal_ion_other   ?      ?      ? ?    'X-RAY DIFFRACTION' ? 
r_mcbond_it                  0.825  1.500  ? 589  'X-RAY DIFFRACTION' ? 
r_mcbond_other               ?      ?      ? ?    'X-RAY DIFFRACTION' ? 
r_mcangle_it                 1.427  2.000  ? 952  'X-RAY DIFFRACTION' ? 
r_scbond_it                  2.444  3.000  ? 363  'X-RAY DIFFRACTION' ? 
r_scangle_it                 4.129  4.500  ? 328  'X-RAY DIFFRACTION' ? 
r_rigid_bond_restr           ?      ?      ? ?    'X-RAY DIFFRACTION' ? 
r_sphericity_free            ?      ?      ? ?    'X-RAY DIFFRACTION' ? 
r_sphericity_bonded          ?      ?      ? ?    'X-RAY DIFFRACTION' ? 
# 
_refine_ls_shell.pdbx_refine_id                   'X-RAY DIFFRACTION' 
_refine_ls_shell.pdbx_total_number_of_bins_used   20 
_refine_ls_shell.d_res_high                       1.700 
_refine_ls_shell.d_res_low                        1.744 
_refine_ls_shell.number_reflns_R_work             842 
_refine_ls_shell.R_factor_R_work                  0.257 
_refine_ls_shell.percent_reflns_obs               92.31 
_refine_ls_shell.R_factor_R_free                  0.283 
_refine_ls_shell.R_factor_R_free_error            ? 
_refine_ls_shell.percent_reflns_R_free            ? 
_refine_ls_shell.number_reflns_R_free             46 
_refine_ls_shell.number_reflns_all                ? 
_refine_ls_shell.R_factor_all                     ? 
_refine_ls_shell.redundancy_reflns_obs            ? 
_refine_ls_shell.number_reflns_obs                ? 
# 
_struct.entry_id                  3OSM 
_struct.title                     'Structure of the Kinase Associated Domain-1 (KA1) from Kcc4p' 
_struct.pdbx_model_details        ? 
_struct.pdbx_CASP_flag            ? 
_struct.pdbx_model_type_details   ? 
# 
_struct_keywords.entry_id        3OSM 
_struct_keywords.pdbx_keywords   'LIPID BINDING PROTEIN' 
_struct_keywords.text            
'Kinase Associated-1(KA1) Domain, TRANSFERASE, LIPID BINDING PROTEIN, MEMBRANE ASSOCIATION, KINASE' 
# 
loop_
_struct_asym.id 
_struct_asym.pdbx_blank_PDB_chainid_flag 
_struct_asym.pdbx_modified 
_struct_asym.entity_id 
_struct_asym.details 
A N N 1 ? 
B N N 2 ? 
C N N 3 ? 
D N N 4 ? 
# 
_struct_ref.id                         1 
_struct_ref.db_name                    UNP 
_struct_ref.db_code                    KCC4_YEAST 
_struct_ref.pdbx_db_accession          P25389 
_struct_ref.entity_id                  1 
_struct_ref.pdbx_seq_one_letter_code   
;KKPPNSVLLKKFSKGKILELEIHAKIPEKRLYEGLHKLLEGWKQYGLKNLVFNITNMIITGKLVNDSILFLRSTLFEIMV
LPNGDGRSLIKFNKKTGSTKTLTKLATEIQIILQKEGVLDK
;
_struct_ref.pdbx_align_begin           917 
_struct_ref.pdbx_db_isoform            ? 
# 
_struct_ref_seq.align_id                      1 
_struct_ref_seq.ref_id                        1 
_struct_ref_seq.pdbx_PDB_id_code              3OSM 
_struct_ref_seq.pdbx_strand_id                A 
_struct_ref_seq.seq_align_beg                 8 
_struct_ref_seq.pdbx_seq_align_beg_ins_code   ? 
_struct_ref_seq.seq_align_end                 128 
_struct_ref_seq.pdbx_seq_align_end_ins_code   ? 
_struct_ref_seq.pdbx_db_accession             P25389 
_struct_ref_seq.db_align_beg                  917 
_struct_ref_seq.pdbx_db_align_beg_ins_code    ? 
_struct_ref_seq.db_align_end                  1037 
_struct_ref_seq.pdbx_db_align_end_ins_code    ? 
_struct_ref_seq.pdbx_auth_seq_align_beg       917 
_struct_ref_seq.pdbx_auth_seq_align_end       1037 
# 
loop_
_struct_ref_seq_dif.align_id 
_struct_ref_seq_dif.pdbx_pdb_id_code 
_struct_ref_seq_dif.mon_id 
_struct_ref_seq_dif.pdbx_pdb_strand_id 
_struct_ref_seq_dif.seq_num 
_struct_ref_seq_dif.pdbx_pdb_ins_code 
_struct_ref_seq_dif.pdbx_seq_db_name 
_struct_ref_seq_dif.pdbx_seq_db_accession_code 
_struct_ref_seq_dif.db_mon_id 
_struct_ref_seq_dif.pdbx_seq_db_seq_num 
_struct_ref_seq_dif.details 
_struct_ref_seq_dif.pdbx_auth_seq_num 
_struct_ref_seq_dif.pdbx_ordinal 
1 3OSM MET A 1 ? UNP P25389 ? ? 'expression tag' 910 1 
1 3OSM HIS A 2 ? UNP P25389 ? ? 'expression tag' 911 2 
1 3OSM HIS A 3 ? UNP P25389 ? ? 'expression tag' 912 3 
1 3OSM HIS A 4 ? UNP P25389 ? ? 'expression tag' 913 4 
1 3OSM HIS A 5 ? UNP P25389 ? ? 'expression tag' 914 5 
1 3OSM HIS A 6 ? UNP P25389 ? ? 'expression tag' 915 6 
1 3OSM HIS A 7 ? UNP P25389 ? ? 'expression tag' 916 7 
# 
_pdbx_struct_assembly.id                   1 
_pdbx_struct_assembly.details              author_and_software_defined_assembly 
_pdbx_struct_assembly.method_details       PISA 
_pdbx_struct_assembly.oligomeric_details   monomeric 
_pdbx_struct_assembly.oligomeric_count     1 
# 
_pdbx_struct_assembly_gen.assembly_id       1 
_pdbx_struct_assembly_gen.oper_expression   1 
_pdbx_struct_assembly_gen.asym_id_list      A,B,C,D 
# 
_pdbx_struct_oper_list.id                   1 
_pdbx_struct_oper_list.type                 'identity operation' 
_pdbx_struct_oper_list.name                 1_555 
_pdbx_struct_oper_list.symmetry_operation   x,y,z 
_pdbx_struct_oper_list.matrix[1][1]         1.0000000000 
_pdbx_struct_oper_list.matrix[1][2]         0.0000000000 
_pdbx_struct_oper_list.matrix[1][3]         0.0000000000 
_pdbx_struct_oper_list.vector[1]            0.0000000000 
_pdbx_struct_oper_list.matrix[2][1]         0.0000000000 
_pdbx_struct_oper_list.matrix[2][2]         1.0000000000 
_pdbx_struct_oper_list.matrix[2][3]         0.0000000000 
_pdbx_struct_oper_list.vector[2]            0.0000000000 
_pdbx_struct_oper_list.matrix[3][1]         0.0000000000 
_pdbx_struct_oper_list.matrix[3][2]         0.0000000000 
_pdbx_struct_oper_list.matrix[3][3]         1.0000000000 
_pdbx_struct_oper_list.vector[3]            0.0000000000 
# 
_struct_biol.id        1 
_struct_biol.details   ? 
# 
loop_
_struct_conf.conf_type_id 
_struct_conf.id 
_struct_conf.pdbx_PDB_helix_id 
_struct_conf.beg_label_comp_id 
_struct_conf.beg_label_asym_id 
_struct_conf.beg_label_seq_id 
_struct_conf.pdbx_beg_PDB_ins_code 
_struct_conf.end_label_comp_id 
_struct_conf.end_label_asym_id 
_struct_conf.end_label_seq_id 
_struct_conf.pdbx_end_PDB_ins_code 
_struct_conf.beg_auth_comp_id 
_struct_conf.beg_auth_asym_id 
_struct_conf.beg_auth_seq_id 
_struct_conf.end_auth_comp_id 
_struct_conf.end_auth_asym_id 
_struct_conf.end_auth_seq_id 
_struct_conf.pdbx_PDB_helix_class 
_struct_conf.details 
_struct_conf.pdbx_PDB_helix_length 
HELX_P HELX_P1 1 PRO A 11  ? LEU A 16  ? PRO A 920  LEU A 925  1 ? 6  
HELX_P HELX_P2 2 LYS A 17  ? PHE A 19  ? LYS A 926  PHE A 928  5 ? 3  
HELX_P HELX_P3 3 PRO A 34  ? GLY A 48  ? PRO A 943  GLY A 957  1 ? 15 
HELX_P HELX_P4 4 TRP A 49  ? GLY A 53  ? TRP A 958  GLY A 962  5 ? 5  
HELX_P HELX_P5 5 SER A 105 ? GLY A 124 ? SER A 1014 GLY A 1033 1 ? 20 
# 
_struct_conf_type.id          HELX_P 
_struct_conf_type.criteria    ? 
_struct_conf_type.reference   ? 
# 
loop_
_struct_sheet.id 
_struct_sheet.type 
_struct_sheet.number_strands 
_struct_sheet.details 
A ? 3 ? 
B ? 5 ? 
# 
loop_
_struct_sheet_order.sheet_id 
_struct_sheet_order.range_id_1 
_struct_sheet_order.range_id_2 
_struct_sheet_order.offset 
_struct_sheet_order.sense 
A 1 2 ? anti-parallel 
A 2 3 ? anti-parallel 
B 1 2 ? anti-parallel 
B 2 3 ? anti-parallel 
B 3 4 ? anti-parallel 
B 4 5 ? anti-parallel 
# 
loop_
_struct_sheet_range.sheet_id 
_struct_sheet_range.id 
_struct_sheet_range.beg_label_comp_id 
_struct_sheet_range.beg_label_asym_id 
_struct_sheet_range.beg_label_seq_id 
_struct_sheet_range.pdbx_beg_PDB_ins_code 
_struct_sheet_range.end_label_comp_id 
_struct_sheet_range.end_label_asym_id 
_struct_sheet_range.end_label_seq_id 
_struct_sheet_range.pdbx_end_PDB_ins_code 
_struct_sheet_range.beg_auth_comp_id 
_struct_sheet_range.beg_auth_asym_id 
_struct_sheet_range.beg_auth_seq_id 
_struct_sheet_range.end_auth_comp_id 
_struct_sheet_range.end_auth_asym_id 
_struct_sheet_range.end_auth_seq_id 
A 1 LYS A 23 ? ILE A 24  ? LYS A 932  ILE A 933  
A 2 SER A 95 ? THR A 103 ? SER A 1004 THR A 1012 
A 3 ILE A 29 ? ALA A 31  ? ILE A 938  ALA A 940  
B 1 LYS A 23 ? ILE A 24  ? LYS A 932  ILE A 933  
B 2 SER A 95 ? THR A 103 ? SER A 1004 THR A 1012 
B 3 SER A 80 ? PRO A 89  ? SER A 989  PRO A 998  
B 4 ILE A 65 ? VAL A 71  ? ILE A 974  VAL A 980  
B 5 LYS A 55 ? ASN A 60  ? LYS A 964  ASN A 969  
# 
loop_
_pdbx_struct_sheet_hbond.sheet_id 
_pdbx_struct_sheet_hbond.range_id_1 
_pdbx_struct_sheet_hbond.range_id_2 
_pdbx_struct_sheet_hbond.range_1_label_atom_id 
_pdbx_struct_sheet_hbond.range_1_label_comp_id 
_pdbx_struct_sheet_hbond.range_1_label_asym_id 
_pdbx_struct_sheet_hbond.range_1_label_seq_id 
_pdbx_struct_sheet_hbond.range_1_PDB_ins_code 
_pdbx_struct_sheet_hbond.range_1_auth_atom_id 
_pdbx_struct_sheet_hbond.range_1_auth_comp_id 
_pdbx_struct_sheet_hbond.range_1_auth_asym_id 
_pdbx_struct_sheet_hbond.range_1_auth_seq_id 
_pdbx_struct_sheet_hbond.range_2_label_atom_id 
_pdbx_struct_sheet_hbond.range_2_label_comp_id 
_pdbx_struct_sheet_hbond.range_2_label_asym_id 
_pdbx_struct_sheet_hbond.range_2_label_seq_id 
_pdbx_struct_sheet_hbond.range_2_PDB_ins_code 
_pdbx_struct_sheet_hbond.range_2_auth_atom_id 
_pdbx_struct_sheet_hbond.range_2_auth_comp_id 
_pdbx_struct_sheet_hbond.range_2_auth_asym_id 
_pdbx_struct_sheet_hbond.range_2_auth_seq_id 
A 1 2 N LYS A 23  ? N LYS A 932  O LYS A 101 ? O LYS A 1010 
A 2 3 O SER A 95  ? O SER A 1004 N ALA A 31  ? N ALA A 940  
B 1 2 N LYS A 23  ? N LYS A 932  O LYS A 101 ? O LYS A 1010 
B 2 3 O ASN A 100 ? O ASN A 1009 N GLU A 84  ? N GLU A 993  
B 3 4 O THR A 81  ? O THR A 990  N LEU A 70  ? N LEU A 979  
B 4 5 O LYS A 69  ? O LYS A 978  N LYS A 55  ? N LYS A 964  
# 
loop_
_struct_site.id 
_struct_site.pdbx_evidence_code 
_struct_site.pdbx_auth_asym_id 
_struct_site.pdbx_auth_comp_id 
_struct_site.pdbx_auth_seq_id 
_struct_site.pdbx_auth_ins_code 
_struct_site.pdbx_num_residues 
_struct_site.details 
AC1 Software A SRT 1039 ? 8 'BINDING SITE FOR RESIDUE SRT A 1039' 
AC2 Software A GOL 1038 ? 6 'BINDING SITE FOR RESIDUE GOL A 1038' 
# 
loop_
_struct_site_gen.id 
_struct_site_gen.site_id 
_struct_site_gen.pdbx_num_res 
_struct_site_gen.label_comp_id 
_struct_site_gen.label_asym_id 
_struct_site_gen.label_seq_id 
_struct_site_gen.pdbx_auth_ins_code 
_struct_site_gen.auth_comp_id 
_struct_site_gen.auth_asym_id 
_struct_site_gen.auth_seq_id 
_struct_site_gen.label_atom_id 
_struct_site_gen.label_alt_id 
_struct_site_gen.symmetry 
_struct_site_gen.details 
1  AC1 8 HOH D .   ? HOH A 76   . ? 1_555 ? 
2  AC1 8 ARG A 79  ? ARG A 988  . ? 1_555 ? 
3  AC1 8 ARG A 94  ? ARG A 1003 . ? 1_556 ? 
4  AC1 8 LYS A 101 ? LYS A 1010 . ? 1_555 ? 
5  AC1 8 GLY A 104 ? GLY A 1013 . ? 1_555 ? 
6  AC1 8 SER A 105 ? SER A 1014 . ? 1_555 ? 
7  AC1 8 THR A 106 ? THR A 1015 . ? 1_555 ? 
8  AC1 8 LYS A 107 ? LYS A 1016 . ? 1_555 ? 
9  AC2 6 HOH D .   ? HOH A 18   . ? 1_565 ? 
10 AC2 6 HOH D .   ? HOH A 105  . ? 1_565 ? 
11 AC2 6 LYS A 17  ? LYS A 926  . ? 1_555 ? 
12 AC2 6 TYR A 52  ? TYR A 961  . ? 1_565 ? 
13 AC2 6 LEU A 112 ? LEU A 1021 . ? 1_565 ? 
14 AC2 6 GLU A 115 ? GLU A 1024 . ? 1_565 ? 
# 
_pdbx_validate_torsion.id              1 
_pdbx_validate_torsion.PDB_model_num   1 
_pdbx_validate_torsion.auth_comp_id    LYS 
_pdbx_validate_torsion.auth_asym_id    A 
_pdbx_validate_torsion.auth_seq_id     941 
_pdbx_validate_torsion.PDB_ins_code    ? 
_pdbx_validate_torsion.label_alt_id    ? 
_pdbx_validate_torsion.phi             -97.74 
_pdbx_validate_torsion.psi             32.10 
# 
loop_
_pdbx_validate_chiral.id 
_pdbx_validate_chiral.PDB_model_num 
_pdbx_validate_chiral.auth_atom_id 
_pdbx_validate_chiral.label_alt_id 
_pdbx_validate_chiral.auth_asym_id 
_pdbx_validate_chiral.auth_comp_id 
_pdbx_validate_chiral.auth_seq_id 
_pdbx_validate_chiral.PDB_ins_code 
_pdbx_validate_chiral.details 
_pdbx_validate_chiral.omega 
1 1 C2 ? A SRT 1039 ? 'WRONG HAND' . 
2 1 C3 ? A SRT 1039 ? 'WRONG HAND' . 
# 
loop_
_pdbx_unobs_or_zero_occ_residues.id 
_pdbx_unobs_or_zero_occ_residues.PDB_model_num 
_pdbx_unobs_or_zero_occ_residues.polymer_flag 
_pdbx_unobs_or_zero_occ_residues.occupancy_flag 
_pdbx_unobs_or_zero_occ_residues.auth_asym_id 
_pdbx_unobs_or_zero_occ_residues.auth_comp_id 
_pdbx_unobs_or_zero_occ_residues.auth_seq_id 
_pdbx_unobs_or_zero_occ_residues.PDB_ins_code 
_pdbx_unobs_or_zero_occ_residues.label_asym_id 
_pdbx_unobs_or_zero_occ_residues.label_comp_id 
_pdbx_unobs_or_zero_occ_residues.label_seq_id 
1 1 Y 1 A MET 910  ? A MET 1   
2 1 Y 1 A HIS 911  ? A HIS 2   
3 1 Y 1 A HIS 912  ? A HIS 3   
4 1 Y 1 A HIS 913  ? A HIS 4   
5 1 Y 1 A HIS 914  ? A HIS 5   
6 1 Y 1 A HIS 915  ? A HIS 6   
7 1 Y 1 A HIS 916  ? A HIS 7   
8 1 Y 1 A LYS 917  ? A LYS 8   
9 1 Y 1 A LYS 1037 ? A LYS 128 
# 
loop_
_chem_comp_atom.comp_id 
_chem_comp_atom.atom_id 
_chem_comp_atom.type_symbol 
_chem_comp_atom.pdbx_aromatic_flag 
_chem_comp_atom.pdbx_stereo_config 
_chem_comp_atom.pdbx_ordinal 
ALA N    N N N 1   
ALA CA   C N S 2   
ALA C    C N N 3   
ALA O    O N N 4   
ALA CB   C N N 5   
ALA OXT  O N N 6   
ALA H    H N N 7   
ALA H2   H N N 8   
ALA HA   H N N 9   
ALA HB1  H N N 10  
ALA HB2  H N N 11  
ALA HB3  H N N 12  
ALA HXT  H N N 13  
ARG N    N N N 14  
ARG CA   C N S 15  
ARG C    C N N 16  
ARG O    O N N 17  
ARG CB   C N N 18  
ARG CG   C N N 19  
ARG CD   C N N 20  
ARG NE   N N N 21  
ARG CZ   C N N 22  
ARG NH1  N N N 23  
ARG NH2  N N N 24  
ARG OXT  O N N 25  
ARG H    H N N 26  
ARG H2   H N N 27  
ARG HA   H N N 28  
ARG HB2  H N N 29  
ARG HB3  H N N 30  
ARG HG2  H N N 31  
ARG HG3  H N N 32  
ARG HD2  H N N 33  
ARG HD3  H N N 34  
ARG HE   H N N 35  
ARG HH11 H N N 36  
ARG HH12 H N N 37  
ARG HH21 H N N 38  
ARG HH22 H N N 39  
ARG HXT  H N N 40  
ASN N    N N N 41  
ASN CA   C N S 42  
ASN C    C N N 43  
ASN O    O N N 44  
ASN CB   C N N 45  
ASN CG   C N N 46  
ASN OD1  O N N 47  
ASN ND2  N N N 48  
ASN OXT  O N N 49  
ASN H    H N N 50  
ASN H2   H N N 51  
ASN HA   H N N 52  
ASN HB2  H N N 53  
ASN HB3  H N N 54  
ASN HD21 H N N 55  
ASN HD22 H N N 56  
ASN HXT  H N N 57  
ASP N    N N N 58  
ASP CA   C N S 59  
ASP C    C N N 60  
ASP O    O N N 61  
ASP CB   C N N 62  
ASP CG   C N N 63  
ASP OD1  O N N 64  
ASP OD2  O N N 65  
ASP OXT  O N N 66  
ASP H    H N N 67  
ASP H2   H N N 68  
ASP HA   H N N 69  
ASP HB2  H N N 70  
ASP HB3  H N N 71  
ASP HD2  H N N 72  
ASP HXT  H N N 73  
GLN N    N N N 74  
GLN CA   C N S 75  
GLN C    C N N 76  
GLN O    O N N 77  
GLN CB   C N N 78  
GLN CG   C N N 79  
GLN CD   C N N 80  
GLN OE1  O N N 81  
GLN NE2  N N N 82  
GLN OXT  O N N 83  
GLN H    H N N 84  
GLN H2   H N N 85  
GLN HA   H N N 86  
GLN HB2  H N N 87  
GLN HB3  H N N 88  
GLN HG2  H N N 89  
GLN HG3  H N N 90  
GLN HE21 H N N 91  
GLN HE22 H N N 92  
GLN HXT  H N N 93  
GLU N    N N N 94  
GLU CA   C N S 95  
GLU C    C N N 96  
GLU O    O N N 97  
GLU CB   C N N 98  
GLU CG   C N N 99  
GLU CD   C N N 100 
GLU OE1  O N N 101 
GLU OE2  O N N 102 
GLU OXT  O N N 103 
GLU H    H N N 104 
GLU H2   H N N 105 
GLU HA   H N N 106 
GLU HB2  H N N 107 
GLU HB3  H N N 108 
GLU HG2  H N N 109 
GLU HG3  H N N 110 
GLU HE2  H N N 111 
GLU HXT  H N N 112 
GLY N    N N N 113 
GLY CA   C N N 114 
GLY C    C N N 115 
GLY O    O N N 116 
GLY OXT  O N N 117 
GLY H    H N N 118 
GLY H2   H N N 119 
GLY HA2  H N N 120 
GLY HA3  H N N 121 
GLY HXT  H N N 122 
GOL C1   C N N 123 
GOL O1   O N N 124 
GOL C2   C N N 125 
GOL O2   O N N 126 
GOL C3   C N N 127 
GOL O3   O N N 128 
GOL H11  H N N 129 
GOL H12  H N N 130 
GOL HO1  H N N 131 
GOL H2   H N N 132 
GOL HO2  H N N 133 
GOL H31  H N N 134 
GOL H32  H N N 135 
GOL HO3  H N N 136 
HIS N    N N N 137 
HIS CA   C N S 138 
HIS C    C N N 139 
HIS O    O N N 140 
HIS CB   C N N 141 
HIS CG   C Y N 142 
HIS ND1  N Y N 143 
HIS CD2  C Y N 144 
HIS CE1  C Y N 145 
HIS NE2  N Y N 146 
HIS OXT  O N N 147 
HIS H    H N N 148 
HIS H2   H N N 149 
HIS HA   H N N 150 
HIS HB2  H N N 151 
HIS HB3  H N N 152 
HIS HD1  H N N 153 
HIS HD2  H N N 154 
HIS HE1  H N N 155 
HIS HE2  H N N 156 
HIS HXT  H N N 157 
HOH O    O N N 158 
HOH H1   H N N 159 
HOH H2   H N N 160 
ILE N    N N N 161 
ILE CA   C N S 162 
ILE C    C N N 163 
ILE O    O N N 164 
ILE CB   C N S 165 
ILE CG1  C N N 166 
ILE CG2  C N N 167 
ILE CD1  C N N 168 
ILE OXT  O N N 169 
ILE H    H N N 170 
ILE H2   H N N 171 
ILE HA   H N N 172 
ILE HB   H N N 173 
ILE HG12 H N N 174 
ILE HG13 H N N 175 
ILE HG21 H N N 176 
ILE HG22 H N N 177 
ILE HG23 H N N 178 
ILE HD11 H N N 179 
ILE HD12 H N N 180 
ILE HD13 H N N 181 
ILE HXT  H N N 182 
LEU N    N N N 183 
LEU CA   C N S 184 
LEU C    C N N 185 
LEU O    O N N 186 
LEU CB   C N N 187 
LEU CG   C N N 188 
LEU CD1  C N N 189 
LEU CD2  C N N 190 
LEU OXT  O N N 191 
LEU H    H N N 192 
LEU H2   H N N 193 
LEU HA   H N N 194 
LEU HB2  H N N 195 
LEU HB3  H N N 196 
LEU HG   H N N 197 
LEU HD11 H N N 198 
LEU HD12 H N N 199 
LEU HD13 H N N 200 
LEU HD21 H N N 201 
LEU HD22 H N N 202 
LEU HD23 H N N 203 
LEU HXT  H N N 204 
LYS N    N N N 205 
LYS CA   C N S 206 
LYS C    C N N 207 
LYS O    O N N 208 
LYS CB   C N N 209 
LYS CG   C N N 210 
LYS CD   C N N 211 
LYS CE   C N N 212 
LYS NZ   N N N 213 
LYS OXT  O N N 214 
LYS H    H N N 215 
LYS H2   H N N 216 
LYS HA   H N N 217 
LYS HB2  H N N 218 
LYS HB3  H N N 219 
LYS HG2  H N N 220 
LYS HG3  H N N 221 
LYS HD2  H N N 222 
LYS HD3  H N N 223 
LYS HE2  H N N 224 
LYS HE3  H N N 225 
LYS HZ1  H N N 226 
LYS HZ2  H N N 227 
LYS HZ3  H N N 228 
LYS HXT  H N N 229 
MET N    N N N 230 
MET CA   C N S 231 
MET C    C N N 232 
MET O    O N N 233 
MET CB   C N N 234 
MET CG   C N N 235 
MET SD   S N N 236 
MET CE   C N N 237 
MET OXT  O N N 238 
MET H    H N N 239 
MET H2   H N N 240 
MET HA   H N N 241 
MET HB2  H N N 242 
MET HB3  H N N 243 
MET HG2  H N N 244 
MET HG3  H N N 245 
MET HE1  H N N 246 
MET HE2  H N N 247 
MET HE3  H N N 248 
MET HXT  H N N 249 
PHE N    N N N 250 
PHE CA   C N S 251 
PHE C    C N N 252 
PHE O    O N N 253 
PHE CB   C N N 254 
PHE CG   C Y N 255 
PHE CD1  C Y N 256 
PHE CD2  C Y N 257 
PHE CE1  C Y N 258 
PHE CE2  C Y N 259 
PHE CZ   C Y N 260 
PHE OXT  O N N 261 
PHE H    H N N 262 
PHE H2   H N N 263 
PHE HA   H N N 264 
PHE HB2  H N N 265 
PHE HB3  H N N 266 
PHE HD1  H N N 267 
PHE HD2  H N N 268 
PHE HE1  H N N 269 
PHE HE2  H N N 270 
PHE HZ   H N N 271 
PHE HXT  H N N 272 
PRO N    N N N 273 
PRO CA   C N S 274 
PRO C    C N N 275 
PRO O    O N N 276 
PRO CB   C N N 277 
PRO CG   C N N 278 
PRO CD   C N N 279 
PRO OXT  O N N 280 
PRO H    H N N 281 
PRO HA   H N N 282 
PRO HB2  H N N 283 
PRO HB3  H N N 284 
PRO HG2  H N N 285 
PRO HG3  H N N 286 
PRO HD2  H N N 287 
PRO HD3  H N N 288 
PRO HXT  H N N 289 
SER N    N N N 290 
SER CA   C N S 291 
SER C    C N N 292 
SER O    O N N 293 
SER CB   C N N 294 
SER OG   O N N 295 
SER OXT  O N N 296 
SER H    H N N 297 
SER H2   H N N 298 
SER HA   H N N 299 
SER HB2  H N N 300 
SER HB3  H N N 301 
SER HG   H N N 302 
SER HXT  H N N 303 
SRT O1   O N N 304 
SRT O11  O N N 305 
SRT C1   C N N 306 
SRT C2   C N S 307 
SRT O2   O N N 308 
SRT C3   C N R 309 
SRT O3   O N N 310 
SRT C4   C N N 311 
SRT O4   O N N 312 
SRT O41  O N N 313 
SRT H1   H N N 314 
SRT H2   H N N 315 
SRT HA   H N N 316 
SRT H3   H N N 317 
SRT HB   H N N 318 
SRT H41  H N N 319 
THR N    N N N 320 
THR CA   C N S 321 
THR C    C N N 322 
THR O    O N N 323 
THR CB   C N R 324 
THR OG1  O N N 325 
THR CG2  C N N 326 
THR OXT  O N N 327 
THR H    H N N 328 
THR H2   H N N 329 
THR HA   H N N 330 
THR HB   H N N 331 
THR HG1  H N N 332 
THR HG21 H N N 333 
THR HG22 H N N 334 
THR HG23 H N N 335 
THR HXT  H N N 336 
TRP N    N N N 337 
TRP CA   C N S 338 
TRP C    C N N 339 
TRP O    O N N 340 
TRP CB   C N N 341 
TRP CG   C Y N 342 
TRP CD1  C Y N 343 
TRP CD2  C Y N 344 
TRP NE1  N Y N 345 
TRP CE2  C Y N 346 
TRP CE3  C Y N 347 
TRP CZ2  C Y N 348 
TRP CZ3  C Y N 349 
TRP CH2  C Y N 350 
TRP OXT  O N N 351 
TRP H    H N N 352 
TRP H2   H N N 353 
TRP HA   H N N 354 
TRP HB2  H N N 355 
TRP HB3  H N N 356 
TRP HD1  H N N 357 
TRP HE1  H N N 358 
TRP HE3  H N N 359 
TRP HZ2  H N N 360 
TRP HZ3  H N N 361 
TRP HH2  H N N 362 
TRP HXT  H N N 363 
TYR N    N N N 364 
TYR CA   C N S 365 
TYR C    C N N 366 
TYR O    O N N 367 
TYR CB   C N N 368 
TYR CG   C Y N 369 
TYR CD1  C Y N 370 
TYR CD2  C Y N 371 
TYR CE1  C Y N 372 
TYR CE2  C Y N 373 
TYR CZ   C Y N 374 
TYR OH   O N N 375 
TYR OXT  O N N 376 
TYR H    H N N 377 
TYR H2   H N N 378 
TYR HA   H N N 379 
TYR HB2  H N N 380 
TYR HB3  H N N 381 
TYR HD1  H N N 382 
TYR HD2  H N N 383 
TYR HE1  H N N 384 
TYR HE2  H N N 385 
TYR HH   H N N 386 
TYR HXT  H N N 387 
VAL N    N N N 388 
VAL CA   C N S 389 
VAL C    C N N 390 
VAL O    O N N 391 
VAL CB   C N N 392 
VAL CG1  C N N 393 
VAL CG2  C N N 394 
VAL OXT  O N N 395 
VAL H    H N N 396 
VAL H2   H N N 397 
VAL HA   H N N 398 
VAL HB   H N N 399 
VAL HG11 H N N 400 
VAL HG12 H N N 401 
VAL HG13 H N N 402 
VAL HG21 H N N 403 
VAL HG22 H N N 404 
VAL HG23 H N N 405 
VAL HXT  H N N 406 
# 
loop_
_chem_comp_bond.comp_id 
_chem_comp_bond.atom_id_1 
_chem_comp_bond.atom_id_2 
_chem_comp_bond.value_order 
_chem_comp_bond.pdbx_aromatic_flag 
_chem_comp_bond.pdbx_stereo_config 
_chem_comp_bond.pdbx_ordinal 
ALA N   CA   sing N N 1   
ALA N   H    sing N N 2   
ALA N   H2   sing N N 3   
ALA CA  C    sing N N 4   
ALA CA  CB   sing N N 5   
ALA CA  HA   sing N N 6   
ALA C   O    doub N N 7   
ALA C   OXT  sing N N 8   
ALA CB  HB1  sing N N 9   
ALA CB  HB2  sing N N 10  
ALA CB  HB3  sing N N 11  
ALA OXT HXT  sing N N 12  
ARG N   CA   sing N N 13  
ARG N   H    sing N N 14  
ARG N   H2   sing N N 15  
ARG CA  C    sing N N 16  
ARG CA  CB   sing N N 17  
ARG CA  HA   sing N N 18  
ARG C   O    doub N N 19  
ARG C   OXT  sing N N 20  
ARG CB  CG   sing N N 21  
ARG CB  HB2  sing N N 22  
ARG CB  HB3  sing N N 23  
ARG CG  CD   sing N N 24  
ARG CG  HG2  sing N N 25  
ARG CG  HG3  sing N N 26  
ARG CD  NE   sing N N 27  
ARG CD  HD2  sing N N 28  
ARG CD  HD3  sing N N 29  
ARG NE  CZ   sing N N 30  
ARG NE  HE   sing N N 31  
ARG CZ  NH1  sing N N 32  
ARG CZ  NH2  doub N N 33  
ARG NH1 HH11 sing N N 34  
ARG NH1 HH12 sing N N 35  
ARG NH2 HH21 sing N N 36  
ARG NH2 HH22 sing N N 37  
ARG OXT HXT  sing N N 38  
ASN N   CA   sing N N 39  
ASN N   H    sing N N 40  
ASN N   H2   sing N N 41  
ASN CA  C    sing N N 42  
ASN CA  CB   sing N N 43  
ASN CA  HA   sing N N 44  
ASN C   O    doub N N 45  
ASN C   OXT  sing N N 46  
ASN CB  CG   sing N N 47  
ASN CB  HB2  sing N N 48  
ASN CB  HB3  sing N N 49  
ASN CG  OD1  doub N N 50  
ASN CG  ND2  sing N N 51  
ASN ND2 HD21 sing N N 52  
ASN ND2 HD22 sing N N 53  
ASN OXT HXT  sing N N 54  
ASP N   CA   sing N N 55  
ASP N   H    sing N N 56  
ASP N   H2   sing N N 57  
ASP CA  C    sing N N 58  
ASP CA  CB   sing N N 59  
ASP CA  HA   sing N N 60  
ASP C   O    doub N N 61  
ASP C   OXT  sing N N 62  
ASP CB  CG   sing N N 63  
ASP CB  HB2  sing N N 64  
ASP CB  HB3  sing N N 65  
ASP CG  OD1  doub N N 66  
ASP CG  OD2  sing N N 67  
ASP OD2 HD2  sing N N 68  
ASP OXT HXT  sing N N 69  
GLN N   CA   sing N N 70  
GLN N   H    sing N N 71  
GLN N   H2   sing N N 72  
GLN CA  C    sing N N 73  
GLN CA  CB   sing N N 74  
GLN CA  HA   sing N N 75  
GLN C   O    doub N N 76  
GLN C   OXT  sing N N 77  
GLN CB  CG   sing N N 78  
GLN CB  HB2  sing N N 79  
GLN CB  HB3  sing N N 80  
GLN CG  CD   sing N N 81  
GLN CG  HG2  sing N N 82  
GLN CG  HG3  sing N N 83  
GLN CD  OE1  doub N N 84  
GLN CD  NE2  sing N N 85  
GLN NE2 HE21 sing N N 86  
GLN NE2 HE22 sing N N 87  
GLN OXT HXT  sing N N 88  
GLU N   CA   sing N N 89  
GLU N   H    sing N N 90  
GLU N   H2   sing N N 91  
GLU CA  C    sing N N 92  
GLU CA  CB   sing N N 93  
GLU CA  HA   sing N N 94  
GLU C   O    doub N N 95  
GLU C   OXT  sing N N 96  
GLU CB  CG   sing N N 97  
GLU CB  HB2  sing N N 98  
GLU CB  HB3  sing N N 99  
GLU CG  CD   sing N N 100 
GLU CG  HG2  sing N N 101 
GLU CG  HG3  sing N N 102 
GLU CD  OE1  doub N N 103 
GLU CD  OE2  sing N N 104 
GLU OE2 HE2  sing N N 105 
GLU OXT HXT  sing N N 106 
GLY N   CA   sing N N 107 
GLY N   H    sing N N 108 
GLY N   H2   sing N N 109 
GLY CA  C    sing N N 110 
GLY CA  HA2  sing N N 111 
GLY CA  HA3  sing N N 112 
GLY C   O    doub N N 113 
GLY C   OXT  sing N N 114 
GLY OXT HXT  sing N N 115 
GOL C1  O1   sing N N 116 
GOL C1  C2   sing N N 117 
GOL C1  H11  sing N N 118 
GOL C1  H12  sing N N 119 
GOL O1  HO1  sing N N 120 
GOL C2  O2   sing N N 121 
GOL C2  C3   sing N N 122 
GOL C2  H2   sing N N 123 
GOL O2  HO2  sing N N 124 
GOL C3  O3   sing N N 125 
GOL C3  H31  sing N N 126 
GOL C3  H32  sing N N 127 
GOL O3  HO3  sing N N 128 
HIS N   CA   sing N N 129 
HIS N   H    sing N N 130 
HIS N   H2   sing N N 131 
HIS CA  C    sing N N 132 
HIS CA  CB   sing N N 133 
HIS CA  HA   sing N N 134 
HIS C   O    doub N N 135 
HIS C   OXT  sing N N 136 
HIS CB  CG   sing N N 137 
HIS CB  HB2  sing N N 138 
HIS CB  HB3  sing N N 139 
HIS CG  ND1  sing Y N 140 
HIS CG  CD2  doub Y N 141 
HIS ND1 CE1  doub Y N 142 
HIS ND1 HD1  sing N N 143 
HIS CD2 NE2  sing Y N 144 
HIS CD2 HD2  sing N N 145 
HIS CE1 NE2  sing Y N 146 
HIS CE1 HE1  sing N N 147 
HIS NE2 HE2  sing N N 148 
HIS OXT HXT  sing N N 149 
HOH O   H1   sing N N 150 
HOH O   H2   sing N N 151 
ILE N   CA   sing N N 152 
ILE N   H    sing N N 153 
ILE N   H2   sing N N 154 
ILE CA  C    sing N N 155 
ILE CA  CB   sing N N 156 
ILE CA  HA   sing N N 157 
ILE C   O    doub N N 158 
ILE C   OXT  sing N N 159 
ILE CB  CG1  sing N N 160 
ILE CB  CG2  sing N N 161 
ILE CB  HB   sing N N 162 
ILE CG1 CD1  sing N N 163 
ILE CG1 HG12 sing N N 164 
ILE CG1 HG13 sing N N 165 
ILE CG2 HG21 sing N N 166 
ILE CG2 HG22 sing N N 167 
ILE CG2 HG23 sing N N 168 
ILE CD1 HD11 sing N N 169 
ILE CD1 HD12 sing N N 170 
ILE CD1 HD13 sing N N 171 
ILE OXT HXT  sing N N 172 
LEU N   CA   sing N N 173 
LEU N   H    sing N N 174 
LEU N   H2   sing N N 175 
LEU CA  C    sing N N 176 
LEU CA  CB   sing N N 177 
LEU CA  HA   sing N N 178 
LEU C   O    doub N N 179 
LEU C   OXT  sing N N 180 
LEU CB  CG   sing N N 181 
LEU CB  HB2  sing N N 182 
LEU CB  HB3  sing N N 183 
LEU CG  CD1  sing N N 184 
LEU CG  CD2  sing N N 185 
LEU CG  HG   sing N N 186 
LEU CD1 HD11 sing N N 187 
LEU CD1 HD12 sing N N 188 
LEU CD1 HD13 sing N N 189 
LEU CD2 HD21 sing N N 190 
LEU CD2 HD22 sing N N 191 
LEU CD2 HD23 sing N N 192 
LEU OXT HXT  sing N N 193 
LYS N   CA   sing N N 194 
LYS N   H    sing N N 195 
LYS N   H2   sing N N 196 
LYS CA  C    sing N N 197 
LYS CA  CB   sing N N 198 
LYS CA  HA   sing N N 199 
LYS C   O    doub N N 200 
LYS C   OXT  sing N N 201 
LYS CB  CG   sing N N 202 
LYS CB  HB2  sing N N 203 
LYS CB  HB3  sing N N 204 
LYS CG  CD   sing N N 205 
LYS CG  HG2  sing N N 206 
LYS CG  HG3  sing N N 207 
LYS CD  CE   sing N N 208 
LYS CD  HD2  sing N N 209 
LYS CD  HD3  sing N N 210 
LYS CE  NZ   sing N N 211 
LYS CE  HE2  sing N N 212 
LYS CE  HE3  sing N N 213 
LYS NZ  HZ1  sing N N 214 
LYS NZ  HZ2  sing N N 215 
LYS NZ  HZ3  sing N N 216 
LYS OXT HXT  sing N N 217 
MET N   CA   sing N N 218 
MET N   H    sing N N 219 
MET N   H2   sing N N 220 
MET CA  C    sing N N 221 
MET CA  CB   sing N N 222 
MET CA  HA   sing N N 223 
MET C   O    doub N N 224 
MET C   OXT  sing N N 225 
MET CB  CG   sing N N 226 
MET CB  HB2  sing N N 227 
MET CB  HB3  sing N N 228 
MET CG  SD   sing N N 229 
MET CG  HG2  sing N N 230 
MET CG  HG3  sing N N 231 
MET SD  CE   sing N N 232 
MET CE  HE1  sing N N 233 
MET CE  HE2  sing N N 234 
MET CE  HE3  sing N N 235 
MET OXT HXT  sing N N 236 
PHE N   CA   sing N N 237 
PHE N   H    sing N N 238 
PHE N   H2   sing N N 239 
PHE CA  C    sing N N 240 
PHE CA  CB   sing N N 241 
PHE CA  HA   sing N N 242 
PHE C   O    doub N N 243 
PHE C   OXT  sing N N 244 
PHE CB  CG   sing N N 245 
PHE CB  HB2  sing N N 246 
PHE CB  HB3  sing N N 247 
PHE CG  CD1  doub Y N 248 
PHE CG  CD2  sing Y N 249 
PHE CD1 CE1  sing Y N 250 
PHE CD1 HD1  sing N N 251 
PHE CD2 CE2  doub Y N 252 
PHE CD2 HD2  sing N N 253 
PHE CE1 CZ   doub Y N 254 
PHE CE1 HE1  sing N N 255 
PHE CE2 CZ   sing Y N 256 
PHE CE2 HE2  sing N N 257 
PHE CZ  HZ   sing N N 258 
PHE OXT HXT  sing N N 259 
PRO N   CA   sing N N 260 
PRO N   CD   sing N N 261 
PRO N   H    sing N N 262 
PRO CA  C    sing N N 263 
PRO CA  CB   sing N N 264 
PRO CA  HA   sing N N 265 
PRO C   O    doub N N 266 
PRO C   OXT  sing N N 267 
PRO CB  CG   sing N N 268 
PRO CB  HB2  sing N N 269 
PRO CB  HB3  sing N N 270 
PRO CG  CD   sing N N 271 
PRO CG  HG2  sing N N 272 
PRO CG  HG3  sing N N 273 
PRO CD  HD2  sing N N 274 
PRO CD  HD3  sing N N 275 
PRO OXT HXT  sing N N 276 
SER N   CA   sing N N 277 
SER N   H    sing N N 278 
SER N   H2   sing N N 279 
SER CA  C    sing N N 280 
SER CA  CB   sing N N 281 
SER CA  HA   sing N N 282 
SER C   O    doub N N 283 
SER C   OXT  sing N N 284 
SER CB  OG   sing N N 285 
SER CB  HB2  sing N N 286 
SER CB  HB3  sing N N 287 
SER OG  HG   sing N N 288 
SER OXT HXT  sing N N 289 
SRT O1  C1   sing N N 290 
SRT O1  H1   sing N N 291 
SRT O11 C1   doub N N 292 
SRT C1  C2   sing N N 293 
SRT C2  O2   sing N N 294 
SRT C2  C3   sing N N 295 
SRT C2  H2   sing N N 296 
SRT O2  HA   sing N N 297 
SRT C3  O3   sing N N 298 
SRT C3  C4   sing N N 299 
SRT C3  H3   sing N N 300 
SRT O3  HB   sing N N 301 
SRT C4  O4   doub N N 302 
SRT C4  O41  sing N N 303 
SRT O41 H41  sing N N 304 
THR N   CA   sing N N 305 
THR N   H    sing N N 306 
THR N   H2   sing N N 307 
THR CA  C    sing N N 308 
THR CA  CB   sing N N 309 
THR CA  HA   sing N N 310 
THR C   O    doub N N 311 
THR C   OXT  sing N N 312 
THR CB  OG1  sing N N 313 
THR CB  CG2  sing N N 314 
THR CB  HB   sing N N 315 
THR OG1 HG1  sing N N 316 
THR CG2 HG21 sing N N 317 
THR CG2 HG22 sing N N 318 
THR CG2 HG23 sing N N 319 
THR OXT HXT  sing N N 320 
TRP N   CA   sing N N 321 
TRP N   H    sing N N 322 
TRP N   H2   sing N N 323 
TRP CA  C    sing N N 324 
TRP CA  CB   sing N N 325 
TRP CA  HA   sing N N 326 
TRP C   O    doub N N 327 
TRP C   OXT  sing N N 328 
TRP CB  CG   sing N N 329 
TRP CB  HB2  sing N N 330 
TRP CB  HB3  sing N N 331 
TRP CG  CD1  doub Y N 332 
TRP CG  CD2  sing Y N 333 
TRP CD1 NE1  sing Y N 334 
TRP CD1 HD1  sing N N 335 
TRP CD2 CE2  doub Y N 336 
TRP CD2 CE3  sing Y N 337 
TRP NE1 CE2  sing Y N 338 
TRP NE1 HE1  sing N N 339 
TRP CE2 CZ2  sing Y N 340 
TRP CE3 CZ3  doub Y N 341 
TRP CE3 HE3  sing N N 342 
TRP CZ2 CH2  doub Y N 343 
TRP CZ2 HZ2  sing N N 344 
TRP CZ3 CH2  sing Y N 345 
TRP CZ3 HZ3  sing N N 346 
TRP CH2 HH2  sing N N 347 
TRP OXT HXT  sing N N 348 
TYR N   CA   sing N N 349 
TYR N   H    sing N N 350 
TYR N   H2   sing N N 351 
TYR CA  C    sing N N 352 
TYR CA  CB   sing N N 353 
TYR CA  HA   sing N N 354 
TYR C   O    doub N N 355 
TYR C   OXT  sing N N 356 
TYR CB  CG   sing N N 357 
TYR CB  HB2  sing N N 358 
TYR CB  HB3  sing N N 359 
TYR CG  CD1  doub Y N 360 
TYR CG  CD2  sing Y N 361 
TYR CD1 CE1  sing Y N 362 
TYR CD1 HD1  sing N N 363 
TYR CD2 CE2  doub Y N 364 
TYR CD2 HD2  sing N N 365 
TYR CE1 CZ   doub Y N 366 
TYR CE1 HE1  sing N N 367 
TYR CE2 CZ   sing Y N 368 
TYR CE2 HE2  sing N N 369 
TYR CZ  OH   sing N N 370 
TYR OH  HH   sing N N 371 
TYR OXT HXT  sing N N 372 
VAL N   CA   sing N N 373 
VAL N   H    sing N N 374 
VAL N   H2   sing N N 375 
VAL CA  C    sing N N 376 
VAL CA  CB   sing N N 377 
VAL CA  HA   sing N N 378 
VAL C   O    doub N N 379 
VAL C   OXT  sing N N 380 
VAL CB  CG1  sing N N 381 
VAL CB  CG2  sing N N 382 
VAL CB  HB   sing N N 383 
VAL CG1 HG11 sing N N 384 
VAL CG1 HG12 sing N N 385 
VAL CG1 HG13 sing N N 386 
VAL CG2 HG21 sing N N 387 
VAL CG2 HG22 sing N N 388 
VAL CG2 HG23 sing N N 389 
VAL OXT HXT  sing N N 390 
# 
_atom_sites.entry_id                    3OSM 
_atom_sites.fract_transf_matrix[1][1]   0.00558320 
_atom_sites.fract_transf_matrix[1][2]   0.03106172 
_atom_sites.fract_transf_matrix[1][3]   0.02459989 
_atom_sites.fract_transf_matrix[2][1]   0.01574870 
_atom_sites.fract_transf_matrix[2][2]   -0.01091662 
_atom_sites.fract_transf_matrix[2][3]   0.02635532 
_atom_sites.fract_transf_matrix[3][1]   0.02635037 
_atom_sites.fract_transf_matrix[3][2]   0.00300811 
_atom_sites.fract_transf_matrix[3][3]   -0.00579387 
_atom_sites.fract_transf_vector[1]      -0.282767 
_atom_sites.fract_transf_vector[2]      -0.421138 
_atom_sites.fract_transf_vector[3]      -0.426707 
# 
loop_
_atom_type.symbol 
C 
N 
O 
S 
# 
loop_
_atom_site.group_PDB 
_atom_site.id 
_atom_site.type_symbol 
_atom_site.label_atom_id 
_atom_site.label_alt_id 
_atom_site.label_comp_id 
_atom_site.label_asym_id 
_atom_site.label_entity_id 
_atom_site.label_seq_id 
_atom_site.pdbx_PDB_ins_code 
_atom_site.Cartn_x 
_atom_site.Cartn_y 
_atom_site.Cartn_z 
_atom_site.occupancy 
_atom_site.B_iso_or_equiv 
_atom_site.pdbx_formal_charge 
_atom_site.auth_seq_id 
_atom_site.auth_comp_id 
_atom_site.auth_asym_id 
_atom_site.auth_atom_id 
_atom_site.pdbx_PDB_model_num 
ATOM   1    N N   . LYS A 1 9   ? -5.497  -14.110 14.313  1.00 27.95 ? 918  LYS A N   1 
ATOM   2    C CA  . LYS A 1 9   ? -4.638  -13.097 13.712  1.00 27.19 ? 918  LYS A CA  1 
ATOM   3    C C   . LYS A 1 9   ? -3.424  -12.819 14.580  1.00 26.15 ? 918  LYS A C   1 
ATOM   4    O O   . LYS A 1 9   ? -3.593  -12.408 15.702  1.00 26.58 ? 918  LYS A O   1 
ATOM   5    C CB  . LYS A 1 9   ? -5.419  -11.794 13.543  1.00 20.00 ? 918  LYS A CB  1 
ATOM   6    N N   . PRO A 1 10  ? -2.210  -13.033 14.086  1.00 24.28 ? 919  PRO A N   1 
ATOM   7    C CA  . PRO A 1 10  ? -1.078  -12.715 14.953  1.00 23.03 ? 919  PRO A CA  1 
ATOM   8    C C   . PRO A 1 10  ? -0.935  -11.206 15.154  1.00 21.33 ? 919  PRO A C   1 
ATOM   9    O O   . PRO A 1 10  ? -1.504  -10.434 14.371  1.00 21.23 ? 919  PRO A O   1 
ATOM   10   C CB  . PRO A 1 10  ? 0.129   -13.267 14.207  1.00 22.84 ? 919  PRO A CB  1 
ATOM   11   C CG  . PRO A 1 10  ? -0.288  -13.454 12.830  1.00 24.10 ? 919  PRO A CG  1 
ATOM   12   C CD  . PRO A 1 10  ? -1.786  -13.519 12.762  1.00 24.66 ? 919  PRO A CD  1 
ATOM   13   N N   . PRO A 1 11  ? -0.192  -10.787 16.200  1.00 19.32 ? 920  PRO A N   1 
ATOM   14   C CA  . PRO A 1 11  ? 0.036   -9.360  16.429  1.00 18.26 ? 920  PRO A CA  1 
ATOM   15   C C   . PRO A 1 11  ? 0.669   -8.677  15.222  1.00 17.75 ? 920  PRO A C   1 
ATOM   16   O O   . PRO A 1 11  ? 1.300   -9.348  14.396  1.00 17.63 ? 920  PRO A O   1 
ATOM   17   C CB  . PRO A 1 11  ? 1.016   -9.343  17.600  1.00 18.19 ? 920  PRO A CB  1 
ATOM   18   C CG  . PRO A 1 11  ? 0.714   -10.616 18.342  1.00 17.26 ? 920  PRO A CG  1 
ATOM   19   C CD  . PRO A 1 11  ? 0.431   -11.615 17.257  1.00 19.30 ? 920  PRO A CD  1 
ATOM   20   N N   . ASN A 1 12  ? 0.514   -7.356  15.126  1.00 16.00 ? 921  ASN A N   1 
ATOM   21   C CA  . ASN A 1 12  ? 1.030   -6.627  13.955  1.00 15.50 ? 921  ASN A CA  1 
ATOM   22   C C   . ASN A 1 12  ? 2.528   -6.771  13.789  1.00 15.42 ? 921  ASN A C   1 
ATOM   23   O O   . ASN A 1 12  ? 3.026   -6.807  12.665  1.00 14.51 ? 921  ASN A O   1 
ATOM   24   C CB  . ASN A 1 12  ? 0.618   -5.152  13.967  1.00 14.98 ? 921  ASN A CB  1 
ATOM   25   C CG  . ASN A 1 12  ? -0.831  -4.947  13.587  1.00 15.98 ? 921  ASN A CG  1 
ATOM   26   O OD1 . ASN A 1 12  ? -1.572  -5.906  13.353  1.00 17.59 ? 921  ASN A OD1 1 
ATOM   27   N ND2 . ASN A 1 12  ? -1.249  -3.688  13.541  1.00 15.45 ? 921  ASN A ND2 1 
ATOM   28   N N   . SER A 1 13  ? 3.259   -6.863  14.900  1.00 15.01 ? 922  SER A N   1 
ATOM   29   C CA  . SER A 1 13  ? 4.710   -7.017  14.810  1.00 15.94 ? 922  SER A CA  1 
ATOM   30   C C   . SER A 1 13  ? 5.107   -8.324  14.106  1.00 15.68 ? 922  SER A C   1 
ATOM   31   O O   . SER A 1 13  ? 6.153   -8.396  13.460  1.00 17.40 ? 922  SER A O   1 
ATOM   32   C CB  . SER A 1 13  ? 5.327   -6.962  16.211  1.00 15.93 ? 922  SER A CB  1 
ATOM   33   O OG  . SER A 1 13  ? 4.796   -8.007  16.994  1.00 17.38 ? 922  SER A OG  1 
ATOM   34   N N   . VAL A 1 14  ? 4.285   -9.363  14.255  1.00 15.82 ? 923  VAL A N   1 
ATOM   35   C CA  . VAL A 1 14  ? 4.487   -10.633 13.548  1.00 15.38 ? 923  VAL A CA  1 
ATOM   36   C C   . VAL A 1 14  ? 4.100   -10.466 12.056  1.00 15.37 ? 923  VAL A C   1 
ATOM   37   O O   . VAL A 1 14  ? 4.835   -10.893 11.145  1.00 15.58 ? 923  VAL A O   1 
ATOM   38   C CB  . VAL A 1 14  ? 3.656   -11.750 14.215  1.00 15.82 ? 923  VAL A CB  1 
ATOM   39   C CG1 . VAL A 1 14  ? 3.804   -13.072 13.494  1.00 17.51 ? 923  VAL A CG1 1 
ATOM   40   C CG2 . VAL A 1 14  ? 4.037   -11.903 15.680  1.00 16.05 ? 923  VAL A CG2 1 
ATOM   41   N N   . LEU A 1 15  ? 2.959   -9.828  11.802  1.00 14.11 ? 924  LEU A N   1 
ATOM   42   C CA  . LEU A 1 15  ? 2.498   -9.629  10.413  1.00 13.22 ? 924  LEU A CA  1 
ATOM   43   C C   . LEU A 1 15  ? 3.500   -8.837  9.593   1.00 13.48 ? 924  LEU A C   1 
ATOM   44   O O   . LEU A 1 15  ? 3.697   -9.109  8.409   1.00 13.21 ? 924  LEU A O   1 
ATOM   45   C CB  . LEU A 1 15  ? 1.144   -8.916  10.382  1.00 12.65 ? 924  LEU A CB  1 
ATOM   46   C CG  . LEU A 1 15  ? -0.039  -9.698  10.975  1.00 12.98 ? 924  LEU A CG  1 
ATOM   47   C CD1 . LEU A 1 15  ? -1.279  -8.822  11.003  1.00 12.72 ? 924  LEU A CD1 1 
ATOM   48   C CD2 . LEU A 1 15  ? -0.331  -11.006 10.227  1.00 14.10 ? 924  LEU A CD2 1 
ATOM   49   N N   . LEU A 1 16  ? 4.150   -7.868  10.228  1.00 14.19 ? 925  LEU A N   1 
ATOM   50   C CA  . LEU A 1 16  ? 5.107   -6.999  9.541   1.00 15.49 ? 925  LEU A CA  1 
ATOM   51   C C   . LEU A 1 16  ? 6.346   -7.746  9.035   1.00 16.49 ? 925  LEU A C   1 
ATOM   52   O O   . LEU A 1 16  ? 7.066   -7.223  8.189   1.00 15.84 ? 925  LEU A O   1 
ATOM   53   C CB  . LEU A 1 16  ? 5.518   -5.789  10.410  1.00 15.55 ? 925  LEU A CB  1 
ATOM   54   C CG  . LEU A 1 16  ? 4.469   -4.678  10.630  1.00 17.35 ? 925  LEU A CG  1 
ATOM   55   C CD1 . LEU A 1 16  ? 4.887   -3.757  11.770  1.00 20.30 ? 925  LEU A CD1 1 
ATOM   56   C CD2 . LEU A 1 16  ? 4.252   -3.863  9.336   1.00 16.39 ? 925  LEU A CD2 1 
ATOM   57   N N   . LYS A 1 17  ? 6.563   -8.963  9.549   1.00 17.35 ? 926  LYS A N   1 
ATOM   58   C CA  . LYS A 1 17  ? 7.675   -9.839  9.111   1.00 18.28 ? 926  LYS A CA  1 
ATOM   59   C C   . LYS A 1 17  ? 7.570   -10.145 7.618   1.00 18.33 ? 926  LYS A C   1 
ATOM   60   O O   . LYS A 1 17  ? 8.562   -10.476 6.976   1.00 18.71 ? 926  LYS A O   1 
ATOM   61   C CB  . LYS A 1 17  ? 7.705   -11.148 9.919   1.00 18.53 ? 926  LYS A CB  1 
ATOM   62   C CG  . LYS A 1 17  ? 8.094   -10.929 11.386  1.00 21.41 ? 926  LYS A CG  1 
ATOM   63   C CD  . LYS A 1 17  ? 9.579   -10.527 11.550  1.00 26.59 ? 926  LYS A CD  1 
ATOM   64   C CE  . LYS A 1 17  ? 10.480  -11.767 11.565  1.00 28.83 ? 926  LYS A CE  1 
ATOM   65   N NZ  . LYS A 1 17  ? 11.930  -11.458 11.720  1.00 31.69 ? 926  LYS A NZ  1 
ATOM   66   N N   . LYS A 1 18  ? 6.363   -10.020 7.079   1.00 17.45 ? 927  LYS A N   1 
ATOM   67   C CA  . LYS A 1 18  ? 6.138   -10.318 5.660   1.00 17.59 ? 927  LYS A CA  1 
ATOM   68   C C   . LYS A 1 18  ? 6.663   -9.275  4.686   1.00 16.97 ? 927  LYS A C   1 
ATOM   69   O O   . LYS A 1 18  ? 6.789   -9.567  3.486   1.00 17.42 ? 927  LYS A O   1 
ATOM   70   C CB  . LYS A 1 18  ? 4.665   -10.625 5.395   1.00 17.94 ? 927  LYS A CB  1 
ATOM   71   C CG  . LYS A 1 18  ? 4.219   -11.954 5.952   1.00 19.94 ? 927  LYS A CG  1 
ATOM   72   C CD  . LYS A 1 18  ? 4.786   -13.047 5.069   1.00 23.07 ? 927  LYS A CD  1 
ATOM   73   C CE  . LYS A 1 18  ? 4.379   -14.394 5.519   1.00 25.30 ? 927  LYS A CE  1 
ATOM   74   N NZ  . LYS A 1 18  ? 4.848   -15.384 4.498   1.00 27.98 ? 927  LYS A NZ  1 
ATOM   75   N N   . PHE A 1 19  ? 6.970   -8.070  5.176   1.00 17.32 ? 928  PHE A N   1 
ATOM   76   C CA  . PHE A 1 19  ? 7.614   -7.063  4.343   1.00 17.32 ? 928  PHE A CA  1 
ATOM   77   C C   . PHE A 1 19  ? 9.039   -7.497  4.003   1.00 18.43 ? 928  PHE A C   1 
ATOM   78   O O   . PHE A 1 19  ? 9.716   -8.165  4.789   1.00 17.98 ? 928  PHE A O   1 
ATOM   79   C CB  . PHE A 1 19  ? 7.725   -5.719  5.071   1.00 17.49 ? 928  PHE A CB  1 
ATOM   80   C CG  . PHE A 1 19  ? 6.530   -4.809  4.914   1.00 16.34 ? 928  PHE A CG  1 
ATOM   81   C CD1 . PHE A 1 19  ? 6.195   -3.945  5.943   1.00 15.53 ? 928  PHE A CD1 1 
ATOM   82   C CD2 . PHE A 1 19  ? 5.779   -4.769  3.745   1.00 11.92 ? 928  PHE A CD2 1 
ATOM   83   C CE1 . PHE A 1 19  ? 5.109   -3.056  5.843   1.00 15.42 ? 928  PHE A CE1 1 
ATOM   84   C CE2 . PHE A 1 19  ? 4.685   -3.872  3.634   1.00 12.33 ? 928  PHE A CE2 1 
ATOM   85   C CZ  . PHE A 1 19  ? 4.379   -3.002  4.705   1.00 10.82 ? 928  PHE A CZ  1 
ATOM   86   N N   . SER A 1 20  ? 9.508   -7.039  2.854   1.00 19.27 ? 929  SER A N   1 
ATOM   87   C CA  . SER A 1 20  ? 10.886  -7.231  2.436   1.00 20.74 ? 929  SER A CA  1 
ATOM   88   C C   . SER A 1 20  ? 11.738  -6.177  3.128   1.00 21.33 ? 929  SER A C   1 
ATOM   89   O O   . SER A 1 20  ? 11.204  -5.253  3.725   1.00 21.05 ? 929  SER A O   1 
ATOM   90   C CB  . SER A 1 20  ? 10.987  -7.047  0.925   1.00 20.64 ? 929  SER A CB  1 
ATOM   91   O OG  . SER A 1 20  ? 10.207  -8.007  0.233   1.00 22.72 ? 929  SER A OG  1 
ATOM   92   N N   . LYS A 1 21  ? 13.064  -6.305  3.028   1.00 22.53 ? 930  LYS A N   1 
ATOM   93   C CA  . LYS A 1 21  ? 13.963  -5.266  3.502   1.00 23.03 ? 930  LYS A CA  1 
ATOM   94   C C   . LYS A 1 21  ? 13.609  -3.950  2.813   1.00 23.93 ? 930  LYS A C   1 
ATOM   95   O O   . LYS A 1 21  ? 13.383  -3.917  1.599   1.00 23.48 ? 930  LYS A O   1 
ATOM   96   C CB  . LYS A 1 21  ? 15.419  -5.646  3.222   1.00 23.61 ? 930  LYS A CB  1 
ATOM   97   N N   . GLY A 1 22  ? 13.531  -2.879  3.601   1.00 24.03 ? 931  GLY A N   1 
ATOM   98   C CA  . GLY A 1 22  ? 13.204  -1.563  3.059   1.00 24.03 ? 931  GLY A CA  1 
ATOM   99   C C   . GLY A 1 22  ? 12.962  -0.531  4.140   1.00 24.06 ? 931  GLY A C   1 
ATOM   100  O O   . GLY A 1 22  ? 13.369  -0.711  5.302   1.00 24.24 ? 931  GLY A O   1 
ATOM   101  N N   . LYS A 1 23  ? 12.317  0.561   3.752   1.00 23.39 ? 932  LYS A N   1 
ATOM   102  C CA  . LYS A 1 23  ? 11.990  1.639   4.660   1.00 23.86 ? 932  LYS A CA  1 
ATOM   103  C C   . LYS A 1 23  ? 10.475  1.755   4.770   1.00 23.37 ? 932  LYS A C   1 
ATOM   104  O O   . LYS A 1 23  ? 9.801   2.070   3.794   1.00 22.43 ? 932  LYS A O   1 
ATOM   105  C CB  . LYS A 1 23  ? 12.585  2.961   4.156   1.00 24.56 ? 932  LYS A CB  1 
ATOM   106  C CG  . LYS A 1 23  ? 12.068  4.182   4.899   1.00 27.59 ? 932  LYS A CG  1 
ATOM   107  C CD  . LYS A 1 23  ? 12.620  5.478   4.333   1.00 30.68 ? 932  LYS A CD  1 
ATOM   108  C CE  . LYS A 1 23  ? 12.262  6.658   5.249   1.00 33.96 ? 932  LYS A CE  1 
ATOM   109  N NZ  . LYS A 1 23  ? 10.842  7.117   5.069   1.00 36.42 ? 932  LYS A NZ  1 
ATOM   110  N N   . ILE A 1 24  ? 9.952   1.487   5.965   1.00 23.09 ? 933  ILE A N   1 
ATOM   111  C CA  . ILE A 1 24  ? 8.531   1.648   6.231   1.00 23.26 ? 933  ILE A CA  1 
ATOM   112  C C   . ILE A 1 24  ? 8.229   3.133   6.429   1.00 23.26 ? 933  ILE A C   1 
ATOM   113  O O   . ILE A 1 24  ? 8.803   3.777   7.320   1.00 23.62 ? 933  ILE A O   1 
ATOM   114  C CB  . ILE A 1 24  ? 8.085   0.799   7.466   1.00 23.48 ? 933  ILE A CB  1 
ATOM   115  C CG1 . ILE A 1 24  ? 8.392   -0.689  7.219   1.00 24.02 ? 933  ILE A CG1 1 
ATOM   116  C CG2 . ILE A 1 24  ? 6.608   1.015   7.748   1.00 23.91 ? 933  ILE A CG2 1 
ATOM   117  C CD1 . ILE A 1 24  ? 8.490   -1.562  8.489   1.00 26.41 ? 933  ILE A CD1 1 
ATOM   118  N N   . LEU A 1 25  ? 7.326   3.674   5.615   1.00 22.62 ? 934  LEU A N   1 
ATOM   119  C CA  . LEU A 1 25  ? 6.967   5.077   5.685   1.00 22.61 ? 934  LEU A CA  1 
ATOM   120  C C   . LEU A 1 25  ? 6.315   5.362   7.021   1.00 23.48 ? 934  LEU A C   1 
ATOM   121  O O   . LEU A 1 25  ? 5.647   4.500   7.596   1.00 22.40 ? 934  LEU A O   1 
ATOM   122  C CB  . LEU A 1 25  ? 6.034   5.485   4.536   1.00 22.87 ? 934  LEU A CB  1 
ATOM   123  C CG  . LEU A 1 25  ? 6.487   5.315   3.080   1.00 23.52 ? 934  LEU A CG  1 
ATOM   124  C CD1 . LEU A 1 25  ? 5.586   6.097   2.134   1.00 23.82 ? 934  LEU A CD1 1 
ATOM   125  C CD2 . LEU A 1 25  ? 7.940   5.714   2.869   1.00 25.24 ? 934  LEU A CD2 1 
ATOM   126  N N   . GLU A 1 26  ? 6.553   6.558   7.539   1.00 23.76 ? 935  GLU A N   1 
ATOM   127  C CA  . GLU A 1 26  ? 5.847   6.956   8.749   1.00 24.40 ? 935  GLU A CA  1 
ATOM   128  C C   . GLU A 1 26  ? 4.348   7.193   8.507   1.00 23.83 ? 935  GLU A C   1 
ATOM   129  O O   . GLU A 1 26  ? 3.538   6.928   9.409   1.00 25.20 ? 935  GLU A O   1 
ATOM   130  C CB  . GLU A 1 26  ? 6.543   8.120   9.446   1.00 24.79 ? 935  GLU A CB  1 
ATOM   131  C CG  . GLU A 1 26  ? 7.734   7.659   10.288  1.00 25.39 ? 935  GLU A CG  1 
ATOM   132  N N   . LEU A 1 27  ? 3.982   7.635   7.315   1.00 22.86 ? 936  LEU A N   1 
ATOM   133  C CA  . LEU A 1 27  ? 2.575   7.839   7.062   1.00 21.30 ? 936  LEU A CA  1 
ATOM   134  C C   . LEU A 1 27  ? 1.862   6.495   6.979   1.00 20.76 ? 936  LEU A C   1 
ATOM   135  O O   . LEU A 1 27  ? 2.238   5.611   6.211   1.00 22.28 ? 936  LEU A O   1 
ATOM   136  C CB  . LEU A 1 27  ? 2.373   8.623   5.764   1.00 21.34 ? 936  LEU A CB  1 
ATOM   137  C CG  . LEU A 1 27  ? 0.923   8.907   5.363   1.00 21.98 ? 936  LEU A CG  1 
ATOM   138  C CD1 . LEU A 1 27  ? 0.219   9.725   6.435   1.00 23.94 ? 936  LEU A CD1 1 
ATOM   139  C CD2 . LEU A 1 27  ? 0.867   9.615   4.018   1.00 24.11 ? 936  LEU A CD2 1 
ATOM   140  N N   . GLU A 1 28  ? 0.812   6.378   7.780   1.00 18.62 ? 937  GLU A N   1 
ATOM   141  C CA  . GLU A 1 28  ? -0.099  5.245   7.783   1.00 17.04 ? 937  GLU A CA  1 
ATOM   142  C C   . GLU A 1 28  ? -1.497  5.746   7.476   1.00 16.07 ? 937  GLU A C   1 
ATOM   143  O O   . GLU A 1 28  ? -1.793  6.926   7.686   1.00 16.18 ? 937  GLU A O   1 
ATOM   144  C CB  . GLU A 1 28  ? -0.113  4.567   9.143   1.00 17.88 ? 937  GLU A CB  1 
ATOM   145  C CG  . GLU A 1 28  ? 1.206   3.947   9.528   1.00 20.13 ? 937  GLU A CG  1 
ATOM   146  C CD  . GLU A 1 28  ? 1.163   3.354   10.928  1.00 24.25 ? 937  GLU A CD  1 
ATOM   147  O OE1 . GLU A 1 28  ? 0.090   3.360   11.569  1.00 26.47 ? 937  GLU A OE1 1 
ATOM   148  O OE2 . GLU A 1 28  ? 2.220   2.891   11.400  1.00 28.75 ? 937  GLU A OE2 1 
ATOM   149  N N   . ILE A 1 29  ? -2.337  4.862   6.949   1.00 12.38 ? 938  ILE A N   1 
ATOM   150  C CA  . ILE A 1 29  ? -3.730  5.198   6.719   1.00 11.56 ? 938  ILE A CA  1 
ATOM   151  C C   . ILE A 1 29  ? -4.631  4.317   7.587   1.00 11.96 ? 938  ILE A C   1 
ATOM   152  O O   . ILE A 1 29  ? -4.597  3.093   7.481   1.00 12.00 ? 938  ILE A O   1 
ATOM   153  C CB  . ILE A 1 29  ? -4.126  5.050   5.230   1.00 11.67 ? 938  ILE A CB  1 
ATOM   154  C CG1 . ILE A 1 29  ? -3.180  5.895   4.360   1.00 11.76 ? 938  ILE A CG1 1 
ATOM   155  C CG2 . ILE A 1 29  ? -5.600  5.441   5.089   1.00 11.40 ? 938  ILE A CG2 1 
ATOM   156  C CD1 . ILE A 1 29  ? -3.381  5.722   2.875   1.00 12.84 ? 938  ILE A CD1 1 
ATOM   157  N N   . HIS A 1 30  ? -5.438  4.938   8.440   1.00 11.86 ? 939  HIS A N   1 
ATOM   158  C CA  . HIS A 1 30  ? -6.285  4.161   9.368   1.00 12.97 ? 939  HIS A CA  1 
ATOM   159  C C   . HIS A 1 30  ? -7.743  4.170   8.941   1.00 12.97 ? 939  HIS A C   1 
ATOM   160  O O   . HIS A 1 30  ? -8.309  5.259   8.751   1.00 13.83 ? 939  HIS A O   1 
ATOM   161  C CB  . HIS A 1 30  ? -6.157  4.761   10.781  1.00 13.79 ? 939  HIS A CB  1 
ATOM   162  C CG  . HIS A 1 30  ? -4.812  4.546   11.404  1.00 15.42 ? 939  HIS A CG  1 
ATOM   163  N ND1 . HIS A 1 30  ? -4.632  4.450   12.765  1.00 18.43 ? 939  HIS A ND1 1 
ATOM   164  C CD2 . HIS A 1 30  ? -3.588  4.381   10.852  1.00 18.04 ? 939  HIS A CD2 1 
ATOM   165  C CE1 . HIS A 1 30  ? -3.352  4.244   13.025  1.00 15.74 ? 939  HIS A CE1 1 
ATOM   166  N NE2 . HIS A 1 30  ? -2.697  4.207   11.884  1.00 18.80 ? 939  HIS A NE2 1 
ATOM   167  N N   . ALA A 1 31  ? -8.345  2.974   8.829   1.00 12.62 ? 940  ALA A N   1 
ATOM   168  C CA  . ALA A 1 31  ? -9.729  2.826   8.343   1.00 12.66 ? 940  ALA A CA  1 
ATOM   169  C C   . ALA A 1 31  ? -10.659 2.224   9.397   1.00 12.69 ? 940  ALA A C   1 
ATOM   170  O O   . ALA A 1 31  ? -10.208 1.481   10.277  1.00 13.58 ? 940  ALA A O   1 
ATOM   171  C CB  . ALA A 1 31  ? -9.754  1.970   7.080   1.00 11.71 ? 940  ALA A CB  1 
ATOM   172  N N   . LYS A 1 32  ? -11.946 2.500   9.281   1.00 12.96 ? 941  LYS A N   1 
ATOM   173  C CA  . LYS A 1 32  ? -12.950 1.982   10.202  1.00 14.48 ? 941  LYS A CA  1 
ATOM   174  C C   . LYS A 1 32  ? -13.668 0.735   9.673   1.00 14.82 ? 941  LYS A C   1 
ATOM   175  O O   . LYS A 1 32  ? -14.831 0.546   9.932   1.00 16.67 ? 941  LYS A O   1 
ATOM   176  C CB  . LYS A 1 32  ? -13.991 3.056   10.545  1.00 15.45 ? 941  LYS A CB  1 
ATOM   177  N N   . ILE A 1 33  ? -12.987 -0.085  8.903   1.00 13.43 ? 942  ILE A N   1 
ATOM   178  C CA  . ILE A 1 33  ? -13.562 -1.292  8.328   1.00 13.84 ? 942  ILE A CA  1 
ATOM   179  C C   . ILE A 1 33  ? -12.563 -2.416  8.617   1.00 14.44 ? 942  ILE A C   1 
ATOM   180  O O   . ILE A 1 33  ? -11.393 -2.130  8.905   1.00 14.01 ? 942  ILE A O   1 
ATOM   181  C CB  . ILE A 1 33  ? -13.844 -1.141  6.798   1.00 14.13 ? 942  ILE A CB  1 
ATOM   182  C CG1 . ILE A 1 33  ? -12.547 -0.983  5.994   1.00 13.76 ? 942  ILE A CG1 1 
ATOM   183  C CG2 . ILE A 1 33  ? -14.817 0.030   6.536   1.00 13.34 ? 942  ILE A CG2 1 
ATOM   184  C CD1 . ILE A 1 33  ? -12.773 -0.797  4.493   1.00 14.14 ? 942  ILE A CD1 1 
ATOM   185  N N   . PRO A 1 34  ? -13.016 -3.686  8.569   1.00 14.42 ? 943  PRO A N   1 
ATOM   186  C CA  . PRO A 1 34  ? -12.096 -4.810  8.803   1.00 14.56 ? 943  PRO A CA  1 
ATOM   187  C C   . PRO A 1 34  ? -11.032 -4.877  7.724   1.00 14.01 ? 943  PRO A C   1 
ATOM   188  O O   . PRO A 1 34  ? -11.284 -4.462  6.593   1.00 13.99 ? 943  PRO A O   1 
ATOM   189  C CB  . PRO A 1 34  ? -13.002 -6.041  8.698   1.00 15.53 ? 943  PRO A CB  1 
ATOM   190  C CG  . PRO A 1 34  ? -14.411 -5.495  8.947   1.00 14.90 ? 943  PRO A CG  1 
ATOM   191  C CD  . PRO A 1 34  ? -14.398 -4.142  8.339   1.00 14.42 ? 943  PRO A CD  1 
ATOM   192  N N   . GLU A 1 35  ? -9.862  -5.392  8.087   1.00 13.54 ? 944  GLU A N   1 
ATOM   193  C CA  . GLU A 1 35  ? -8.719  -5.524  7.170   1.00 13.89 ? 944  GLU A CA  1 
ATOM   194  C C   . GLU A 1 35  ? -9.063  -6.276  5.873   1.00 14.56 ? 944  GLU A C   1 
ATOM   195  O O   . GLU A 1 35  ? -8.639  -5.854  4.785   1.00 13.90 ? 944  GLU A O   1 
ATOM   196  C CB  . GLU A 1 35  ? -7.500  -6.138  7.897   1.00 13.92 ? 944  GLU A CB  1 
ATOM   197  C CG  . GLU A 1 35  ? -7.717  -7.563  8.485   1.00 16.78 ? 944  GLU A CG  1 
ATOM   198  C CD  . GLU A 1 35  ? -8.309  -7.572  9.894   1.00 16.24 ? 944  GLU A CD  1 
ATOM   199  O OE1 . GLU A 1 35  ? -8.259  -8.649  10.557  1.00 21.16 ? 944  GLU A OE1 1 
ATOM   200  O OE2 . GLU A 1 35  ? -8.817  -6.536  10.365  1.00 16.11 ? 944  GLU A OE2 1 
ATOM   201  N N   . LYS A 1 36  ? -9.866  -7.346  5.965   1.00 14.48 ? 945  LYS A N   1 
ATOM   202  C CA  . LYS A 1 36  ? -10.284 -8.058  4.740   1.00 16.28 ? 945  LYS A CA  1 
ATOM   203  C C   . LYS A 1 36  ? -11.034 -7.149  3.767   1.00 15.79 ? 945  LYS A C   1 
ATOM   204  O O   . LYS A 1 36  ? -10.795 -7.216  2.557   1.00 16.37 ? 945  LYS A O   1 
ATOM   205  C CB  . LYS A 1 36  ? -11.137 -9.301  5.041   1.00 16.55 ? 945  LYS A CB  1 
ATOM   206  C CG  . LYS A 1 36  ? -10.340 -10.448 5.643   1.00 20.34 ? 945  LYS A CG  1 
ATOM   207  N N   . ARG A 1 37  ? -11.907 -6.284  4.293   1.00 15.44 ? 946  ARG A N   1 
ATOM   208  C CA  . ARG A 1 37  ? -12.677 -5.353  3.451   1.00 14.76 ? 946  ARG A CA  1 
ATOM   209  C C   . ARG A 1 37  ? -11.793 -4.234  2.895   1.00 14.39 ? 946  ARG A C   1 
ATOM   210  O O   . ARG A 1 37  ? -11.971 -3.776  1.753   1.00 13.51 ? 946  ARG A O   1 
ATOM   211  C CB  . ARG A 1 37  ? -13.875 -4.771  4.209   1.00 15.72 ? 946  ARG A CB  1 
ATOM   212  C CG  . ARG A 1 37  ? -14.848 -5.815  4.685   1.00 17.53 ? 946  ARG A CG  1 
ATOM   213  C CD  . ARG A 1 37  ? -15.550 -6.442  3.513   1.00 22.09 ? 946  ARG A CD  1 
ATOM   214  N NE  . ARG A 1 37  ? -16.723 -7.196  3.921   1.00 27.51 ? 946  ARG A NE  1 
ATOM   215  C CZ  . ARG A 1 37  ? -17.615 -7.700  3.073   1.00 29.68 ? 946  ARG A CZ  1 
ATOM   216  N NH1 . ARG A 1 37  ? -17.469 -7.537  1.758   1.00 30.15 ? 946  ARG A NH1 1 
ATOM   217  N NH2 . ARG A 1 37  ? -18.658 -8.376  3.539   1.00 31.00 ? 946  ARG A NH2 1 
ATOM   218  N N   . LEU A 1 38  ? -10.841 -3.789  3.712   1.00 12.96 ? 947  LEU A N   1 
ATOM   219  C CA  . LEU A 1 38  ? -9.926  -2.740  3.266   1.00 14.02 ? 947  LEU A CA  1 
ATOM   220  C C   . LEU A 1 38  ? -9.065  -3.272  2.143   1.00 13.86 ? 947  LEU A C   1 
ATOM   221  O O   . LEU A 1 38  ? -8.906  -2.613  1.098   1.00 14.08 ? 947  LEU A O   1 
ATOM   222  C CB  . LEU A 1 38  ? -9.076  -2.203  4.410   1.00 13.97 ? 947  LEU A CB  1 
ATOM   223  C CG  . LEU A 1 38  ? -8.118  -1.040  4.085   1.00 14.39 ? 947  LEU A CG  1 
ATOM   224  C CD1 . LEU A 1 38  ? -8.832  0.146   3.411   1.00 17.07 ? 947  LEU A CD1 1 
ATOM   225  C CD2 . LEU A 1 38  ? -7.390  -0.587  5.350   1.00 12.59 ? 947  LEU A CD2 1 
ATOM   226  N N   . TYR A 1 39  ? -8.541  -4.479  2.324   1.00 13.47 ? 948  TYR A N   1 
ATOM   227  C CA  . TYR A 1 39  ? -7.686  -5.057  1.292   1.00 12.79 ? 948  TYR A CA  1 
ATOM   228  C C   . TYR A 1 39  ? -8.456  -5.303  -0.008  1.00 14.00 ? 948  TYR A C   1 
ATOM   229  O O   . TYR A 1 39  ? -7.979  -4.971  -1.091  1.00 12.75 ? 948  TYR A O   1 
ATOM   230  C CB  . TYR A 1 39  ? -7.002  -6.335  1.786   1.00 13.13 ? 948  TYR A CB  1 
ATOM   231  C CG  . TYR A 1 39  ? -6.024  -6.861  0.749   1.00 12.76 ? 948  TYR A CG  1 
ATOM   232  C CD1 . TYR A 1 39  ? -6.431  -7.789  -0.186  1.00 11.73 ? 948  TYR A CD1 1 
ATOM   233  C CD2 . TYR A 1 39  ? -4.708  -6.385  0.686   1.00 11.73 ? 948  TYR A CD2 1 
ATOM   234  C CE1 . TYR A 1 39  ? -5.559  -8.254  -1.155  1.00 12.91 ? 948  TYR A CE1 1 
ATOM   235  C CE2 . TYR A 1 39  ? -3.816  -6.857  -0.284  1.00 13.00 ? 948  TYR A CE2 1 
ATOM   236  C CZ  . TYR A 1 39  ? -4.255  -7.795  -1.196  1.00 13.92 ? 948  TYR A CZ  1 
ATOM   237  O OH  . TYR A 1 39  ? -3.387  -8.269  -2.163  1.00 13.26 ? 948  TYR A OH  1 
ATOM   238  N N   . GLU A 1 40  ? -9.657  -5.853  0.106   1.00 14.03 ? 949  GLU A N   1 
ATOM   239  C CA  . GLU A 1 40  ? -10.465 -6.157  -1.071  1.00 14.80 ? 949  GLU A CA  1 
ATOM   240  C C   . GLU A 1 40  ? -10.685 -4.897  -1.905  1.00 14.26 ? 949  GLU A C   1 
ATOM   241  O O   . GLU A 1 40  ? -10.553 -4.930  -3.122  1.00 14.00 ? 949  GLU A O   1 
ATOM   242  C CB  . GLU A 1 40  ? -11.806 -6.778  -0.675  1.00 14.62 ? 949  GLU A CB  1 
ATOM   243  N N   . GLY A 1 41  ? -11.001 -3.784  -1.235  1.00 14.24 ? 950  GLY A N   1 
ATOM   244  C CA  . GLY A 1 41  ? -11.228 -2.519  -1.937  1.00 13.93 ? 950  GLY A CA  1 
ATOM   245  C C   . GLY A 1 41  ? -9.947  -1.995  -2.546  1.00 13.67 ? 950  GLY A C   1 
ATOM   246  O O   . GLY A 1 41  ? -9.952  -1.471  -3.647  1.00 12.76 ? 950  GLY A O   1 
ATOM   247  N N   . LEU A 1 42  ? -8.840  -2.135  -1.823  1.00 13.05 ? 951  LEU A N   1 
ATOM   248  C CA  . LEU A 1 42  ? -7.543  -1.667  -2.298  1.00 14.35 ? 951  LEU A CA  1 
ATOM   249  C C   . LEU A 1 42  ? -7.090  -2.407  -3.551  1.00 14.23 ? 951  LEU A C   1 
ATOM   250  O O   . LEU A 1 42  ? -6.546  -1.825  -4.466  1.00 14.46 ? 951  LEU A O   1 
ATOM   251  C CB  . LEU A 1 42  ? -6.506  -1.791  -1.179  1.00 14.32 ? 951  LEU A CB  1 
ATOM   252  C CG  . LEU A 1 42  ? -5.249  -0.953  -1.298  1.00 18.45 ? 951  LEU A CG  1 
ATOM   253  C CD1 . LEU A 1 42  ? -5.572  0.516   -1.350  1.00 19.54 ? 951  LEU A CD1 1 
ATOM   254  C CD2 . LEU A 1 42  ? -4.302  -1.262  -0.154  1.00 19.73 ? 951  LEU A CD2 1 
ATOM   255  N N   . HIS A 1 43  ? -7.337  -3.702  -3.545  1.00 15.18 ? 952  HIS A N   1 
ATOM   256  C CA  . HIS A 1 43  ? -7.005  -4.595  -4.634  1.00 15.66 ? 952  HIS A CA  1 
ATOM   257  C C   . HIS A 1 43  ? -7.747  -4.110  -5.872  1.00 16.56 ? 952  HIS A C   1 
ATOM   258  O O   . HIS A 1 43  ? -7.114  -3.861  -6.905  1.00 15.88 ? 952  HIS A O   1 
ATOM   259  C CB  . HIS A 1 43  ? -7.377  -6.036  -4.266  1.00 15.78 ? 952  HIS A CB  1 
ATOM   260  C CG  . HIS A 1 43  ? -7.081  -7.040  -5.341  1.00 18.56 ? 952  HIS A CG  1 
ATOM   261  N ND1 . HIS A 1 43  ? -7.153  -8.397  -5.122  1.00 21.32 ? 952  HIS A ND1 1 
ATOM   262  C CD2 . HIS A 1 43  ? -6.692  -6.887  -6.629  1.00 18.48 ? 952  HIS A CD2 1 
ATOM   263  C CE1 . HIS A 1 43  ? -6.837  -9.040  -6.232  1.00 21.33 ? 952  HIS A CE1 1 
ATOM   264  N NE2 . HIS A 1 43  ? -6.566  -8.147  -7.165  1.00 21.31 ? 952  HIS A NE2 1 
ATOM   265  N N   . LYS A 1 44  ? -9.072  -3.937  -5.750  1.00 16.27 ? 953  LYS A N   1 
ATOM   266  C CA  . LYS A 1 44  ? -9.896  -3.425  -6.848  1.00 16.80 ? 953  LYS A CA  1 
ATOM   267  C C   . LYS A 1 44  ? -9.435  -2.039  -7.307  1.00 16.11 ? 953  LYS A C   1 
ATOM   268  O O   . LYS A 1 44  ? -9.319  -1.777  -8.503  1.00 17.20 ? 953  LYS A O   1 
ATOM   269  C CB  . LYS A 1 44  ? -11.380 -3.374  -6.450  1.00 16.84 ? 953  LYS A CB  1 
ATOM   270  C CG  . LYS A 1 44  ? -12.081 -4.729  -6.391  1.00 20.52 ? 953  LYS A CG  1 
ATOM   271  C CD  . LYS A 1 44  ? -13.624 -4.603  -6.417  1.00 26.26 ? 953  LYS A CD  1 
ATOM   272  C CE  . LYS A 1 44  ? -14.209 -4.993  -7.772  1.00 29.26 ? 953  LYS A CE  1 
ATOM   273  N NZ  . LYS A 1 44  ? -15.732 -5.063  -7.810  1.00 31.50 ? 953  LYS A NZ  1 
ATOM   274  N N   . LEU A 1 45  ? -9.190  -1.146  -6.356  1.00 14.49 ? 954  LEU A N   1 
ATOM   275  C CA  . LEU A 1 45  ? -8.773  0.217   -6.699  1.00 14.44 ? 954  LEU A CA  1 
ATOM   276  C C   . LEU A 1 45  ? -7.460  0.247   -7.498  1.00 14.96 ? 954  LEU A C   1 
ATOM   277  O O   . LEU A 1 45  ? -7.384  0.845   -8.592  1.00 15.75 ? 954  LEU A O   1 
ATOM   278  C CB  . LEU A 1 45  ? -8.646  1.065   -5.441  1.00 13.55 ? 954  LEU A CB  1 
ATOM   279  C CG  . LEU A 1 45  ? -8.226  2.509   -5.634  1.00 13.19 ? 954  LEU A CG  1 
ATOM   280  C CD1 . LEU A 1 45  ? -9.412  3.261   -6.260  1.00 14.07 ? 954  LEU A CD1 1 
ATOM   281  C CD2 . LEU A 1 45  ? -7.804  3.128   -4.313  1.00 14.01 ? 954  LEU A CD2 1 
ATOM   282  N N   . LEU A 1 46  ? -6.440  -0.421  -6.976  1.00 14.53 ? 955  LEU A N   1 
ATOM   283  C CA  . LEU A 1 46  ? -5.115  -0.319  -7.582  1.00 14.58 ? 955  LEU A CA  1 
ATOM   284  C C   . LEU A 1 46  ? -5.002  -1.120  -8.898  1.00 15.13 ? 955  LEU A C   1 
ATOM   285  O O   . LEU A 1 46  ? -4.265  -0.725  -9.799  1.00 14.55 ? 955  LEU A O   1 
ATOM   286  C CB  . LEU A 1 46  ? -4.026  -0.697  -6.554  1.00 14.36 ? 955  LEU A CB  1 
ATOM   287  C CG  . LEU A 1 46  ? -3.873  0.185   -5.293  1.00 16.31 ? 955  LEU A CG  1 
ATOM   288  C CD1 . LEU A 1 46  ? -2.668  -0.305  -4.456  1.00 18.02 ? 955  LEU A CD1 1 
ATOM   289  C CD2 . LEU A 1 46  ? -3.702  1.669   -5.649  1.00 17.84 ? 955  LEU A CD2 1 
ATOM   290  N N   . GLU A 1 47  ? -5.777  -2.181  -9.044  1.00 15.23 ? 956  GLU A N   1 
ATOM   291  C CA  . GLU A 1 47  ? -5.789  -2.914  -10.303 1.00 18.39 ? 956  GLU A CA  1 
ATOM   292  C C   . GLU A 1 47  ? -6.224  -1.950  -11.404 1.00 18.29 ? 956  GLU A C   1 
ATOM   293  O O   . GLU A 1 47  ? -5.681  -1.967  -12.520 1.00 19.35 ? 956  GLU A O   1 
ATOM   294  C CB  . GLU A 1 47  ? -6.765  -4.093  -10.229 1.00 19.45 ? 956  GLU A CB  1 
ATOM   295  C CG  . GLU A 1 47  ? -7.089  -4.743  -11.580 1.00 25.82 ? 956  GLU A CG  1 
ATOM   296  C CD  . GLU A 1 47  ? -5.897  -5.455  -12.213 1.00 32.16 ? 956  GLU A CD  1 
ATOM   297  O OE1 . GLU A 1 47  ? -5.999  -5.836  -13.414 1.00 36.36 ? 956  GLU A OE1 1 
ATOM   298  O OE2 . GLU A 1 47  ? -4.862  -5.642  -11.524 1.00 34.40 ? 956  GLU A OE2 1 
ATOM   299  N N   . GLY A 1 48  ? -7.188  -1.096  -11.059 1.00 18.57 ? 957  GLY A N   1 
ATOM   300  C CA  . GLY A 1 48  ? -7.719  -0.060  -11.954 1.00 18.63 ? 957  GLY A CA  1 
ATOM   301  C C   . GLY A 1 48  ? -6.773  1.098   -12.246 1.00 18.12 ? 957  GLY A C   1 
ATOM   302  O O   . GLY A 1 48  ? -7.038  1.912   -13.132 1.00 18.82 ? 957  GLY A O   1 
ATOM   303  N N   . TRP A 1 49  ? -5.659  1.187   -11.526 1.00 18.18 ? 958  TRP A N   1 
ATOM   304  C CA  . TRP A 1 49  ? -4.702  2.274   -11.754 1.00 18.18 ? 958  TRP A CA  1 
ATOM   305  C C   . TRP A 1 49  ? -3.450  1.847   -12.519 1.00 17.99 ? 958  TRP A C   1 
ATOM   306  O O   . TRP A 1 49  ? -2.514  2.628   -12.660 1.00 18.42 ? 958  TRP A O   1 
ATOM   307  C CB  . TRP A 1 49  ? -4.292  2.920   -10.428 1.00 17.32 ? 958  TRP A CB  1 
ATOM   308  C CG  . TRP A 1 49  ? -5.358  3.673   -9.759  1.00 18.02 ? 958  TRP A CG  1 
ATOM   309  C CD1 . TRP A 1 49  ? -6.662  3.814   -10.164 1.00 15.81 ? 958  TRP A CD1 1 
ATOM   310  C CD2 . TRP A 1 49  ? -5.233  4.398   -8.535  1.00 15.98 ? 958  TRP A CD2 1 
ATOM   311  N NE1 . TRP A 1 49  ? -7.357  4.580   -9.247  1.00 16.26 ? 958  TRP A NE1 1 
ATOM   312  C CE2 . TRP A 1 49  ? -6.496  4.953   -8.242  1.00 16.38 ? 958  TRP A CE2 1 
ATOM   313  C CE3 . TRP A 1 49  ? -4.167  4.626   -7.644  1.00 17.86 ? 958  TRP A CE3 1 
ATOM   314  C CZ2 . TRP A 1 49  ? -6.732  5.728   -7.098  1.00 14.37 ? 958  TRP A CZ2 1 
ATOM   315  C CZ3 . TRP A 1 49  ? -4.393  5.407   -6.517  1.00 16.26 ? 958  TRP A CZ3 1 
ATOM   316  C CH2 . TRP A 1 49  ? -5.668  5.951   -6.250  1.00 17.98 ? 958  TRP A CH2 1 
ATOM   317  N N   . LYS A 1 50  ? -3.428  0.606   -12.994 1.00 19.10 ? 959  LYS A N   1 
ATOM   318  C CA  . LYS A 1 50  ? -2.320  0.112   -13.792 1.00 20.23 ? 959  LYS A CA  1 
ATOM   319  C C   . LYS A 1 50  ? -1.958  1.017   -14.971 1.00 20.68 ? 959  LYS A C   1 
ATOM   320  O O   . LYS A 1 50  ? -0.768  1.227   -15.251 1.00 20.30 ? 959  LYS A O   1 
ATOM   321  C CB  . LYS A 1 50  ? -2.624  -1.302  -14.309 1.00 21.13 ? 959  LYS A CB  1 
ATOM   322  N N   . GLN A 1 51  ? -2.958  1.589   -15.649 1.00 20.86 ? 960  GLN A N   1 
ATOM   323  C CA  . GLN A 1 51  ? -2.646  2.434   -16.818 1.00 21.62 ? 960  GLN A CA  1 
ATOM   324  C C   . GLN A 1 51  ? -2.005  3.774   -16.441 1.00 21.64 ? 960  GLN A C   1 
ATOM   325  O O   . GLN A 1 51  ? -1.508  4.494   -17.307 1.00 22.05 ? 960  GLN A O   1 
ATOM   326  C CB  . GLN A 1 51  ? -3.874  2.675   -17.699 1.00 22.04 ? 960  GLN A CB  1 
ATOM   327  C CG  . GLN A 1 51  ? -4.870  3.620   -17.099 1.00 24.42 ? 960  GLN A CG  1 
ATOM   328  C CD  . GLN A 1 51  ? -6.051  3.885   -18.000 1.00 27.66 ? 960  GLN A CD  1 
ATOM   329  O OE1 . GLN A 1 51  ? -7.198  3.695   -17.596 1.00 31.93 ? 960  GLN A OE1 1 
ATOM   330  N NE2 . GLN A 1 51  ? -5.785  4.328   -19.225 1.00 27.99 ? 960  GLN A NE2 1 
ATOM   331  N N   . TYR A 1 52  ? -2.001  4.090   -15.149 1.00 20.93 ? 961  TYR A N   1 
ATOM   332  C CA  . TYR A 1 52  ? -1.472  5.362   -14.680 1.00 21.04 ? 961  TYR A CA  1 
ATOM   333  C C   . TYR A 1 52  ? -0.052  5.243   -14.135 1.00 21.55 ? 961  TYR A C   1 
ATOM   334  O O   . TYR A 1 52  ? 0.466   6.175   -13.504 1.00 22.59 ? 961  TYR A O   1 
ATOM   335  C CB  . TYR A 1 52  ? -2.432  5.986   -13.662 1.00 20.32 ? 961  TYR A CB  1 
ATOM   336  C CG  . TYR A 1 52  ? -3.815  6.208   -14.242 1.00 18.87 ? 961  TYR A CG  1 
ATOM   337  C CD1 . TYR A 1 52  ? -4.026  7.156   -15.229 1.00 17.59 ? 961  TYR A CD1 1 
ATOM   338  C CD2 . TYR A 1 52  ? -4.909  5.471   -13.803 1.00 18.96 ? 961  TYR A CD2 1 
ATOM   339  C CE1 . TYR A 1 52  ? -5.286  7.365   -15.769 1.00 16.98 ? 961  TYR A CE1 1 
ATOM   340  C CE2 . TYR A 1 52  ? -6.179  5.675   -14.343 1.00 17.11 ? 961  TYR A CE2 1 
ATOM   341  C CZ  . TYR A 1 52  ? -6.353  6.610   -15.327 1.00 18.54 ? 961  TYR A CZ  1 
ATOM   342  O OH  . TYR A 1 52  ? -7.603  6.803   -15.851 1.00 17.43 ? 961  TYR A OH  1 
ATOM   343  N N   . GLY A 1 53  ? 0.589   4.114   -14.416 1.00 21.15 ? 962  GLY A N   1 
ATOM   344  C CA  . GLY A 1 53  ? 2.003   3.942   -14.087 1.00 21.47 ? 962  GLY A CA  1 
ATOM   345  C C   . GLY A 1 53  ? 2.286   3.010   -12.918 1.00 20.89 ? 962  GLY A C   1 
ATOM   346  O O   . GLY A 1 53  ? 3.410   2.991   -12.403 1.00 21.93 ? 962  GLY A O   1 
ATOM   347  N N   . LEU A 1 54  ? 1.281   2.253   -12.481 1.00 20.26 ? 963  LEU A N   1 
ATOM   348  C CA  . LEU A 1 54  ? 1.506   1.226   -11.460 1.00 19.85 ? 963  LEU A CA  1 
ATOM   349  C C   . LEU A 1 54  ? 1.896   -0.059  -12.155 1.00 19.29 ? 963  LEU A C   1 
ATOM   350  O O   . LEU A 1 54  ? 1.049   -0.734  -12.740 1.00 19.67 ? 963  LEU A O   1 
ATOM   351  C CB  . LEU A 1 54  ? 0.256   0.978   -10.606 1.00 20.03 ? 963  LEU A CB  1 
ATOM   352  C CG  . LEU A 1 54  ? -0.120  1.964   -9.511  1.00 20.88 ? 963  LEU A CG  1 
ATOM   353  C CD1 . LEU A 1 54  ? -1.303  1.451   -8.709  1.00 17.36 ? 963  LEU A CD1 1 
ATOM   354  C CD2 . LEU A 1 54  ? 1.063   2.178   -8.572  1.00 25.49 ? 963  LEU A CD2 1 
ATOM   355  N N   . LYS A 1 55  ? 3.173   -0.401  -12.080 1.00 18.59 ? 964  LYS A N   1 
ATOM   356  C CA  . LYS A 1 55  ? 3.705   -1.542  -12.840 1.00 18.21 ? 964  LYS A CA  1 
ATOM   357  C C   . LYS A 1 55  ? 3.877   -2.797  -11.989 1.00 17.33 ? 964  LYS A C   1 
ATOM   358  O O   . LYS A 1 55  ? 4.074   -2.701  -10.798 1.00 14.91 ? 964  LYS A O   1 
ATOM   359  C CB  . LYS A 1 55  ? 5.035   -1.147  -13.485 1.00 19.13 ? 964  LYS A CB  1 
ATOM   360  C CG  . LYS A 1 55  ? 4.916   0.074   -14.401 1.00 21.83 ? 964  LYS A CG  1 
ATOM   361  C CD  . LYS A 1 55  ? 6.160   0.256   -15.262 1.00 27.81 ? 964  LYS A CD  1 
ATOM   362  C CE  . LYS A 1 55  ? 6.076   1.531   -16.114 1.00 31.23 ? 964  LYS A CE  1 
ATOM   363  N NZ  . LYS A 1 55  ? 4.879   1.553   -17.019 1.00 34.54 ? 964  LYS A NZ  1 
ATOM   364  N N   . ASN A 1 56  ? 3.800   -3.970  -12.627 1.00 16.42 ? 965  ASN A N   1 
ATOM   365  C CA  . ASN A 1 56  ? 4.135   -5.259  -12.001 1.00 17.16 ? 965  ASN A CA  1 
ATOM   366  C C   . ASN A 1 56  ? 3.342   -5.549  -10.731 1.00 16.09 ? 965  ASN A C   1 
ATOM   367  O O   . ASN A 1 56  ? 3.899   -6.044  -9.755  1.00 15.53 ? 965  ASN A O   1 
ATOM   368  C CB  . ASN A 1 56  ? 5.641   -5.374  -11.701 1.00 18.11 ? 965  ASN A CB  1 
ATOM   369  C CG  . ASN A 1 56  ? 6.514   -5.197  -12.948 1.00 22.19 ? 965  ASN A CG  1 
ATOM   370  O OD1 . ASN A 1 56  ? 6.170   -5.657  -14.039 1.00 27.17 ? 965  ASN A OD1 1 
ATOM   371  N ND2 . ASN A 1 56  ? 7.661   -4.540  -12.776 1.00 26.91 ? 965  ASN A ND2 1 
ATOM   372  N N   . LEU A 1 57  ? 2.057   -5.204  -10.736 1.00 15.36 ? 966  LEU A N   1 
ATOM   373  C CA  . LEU A 1 57  ? 1.273   -5.367  -9.510  1.00 14.90 ? 966  LEU A CA  1 
ATOM   374  C C   . LEU A 1 57  ? 1.112   -6.820  -9.215  1.00 15.00 ? 966  LEU A C   1 
ATOM   375  O O   . LEU A 1 57  ? 0.815   -7.611  -10.119 1.00 15.63 ? 966  LEU A O   1 
ATOM   376  C CB  . LEU A 1 57  ? -0.100  -4.708  -9.630  1.00 15.12 ? 966  LEU A CB  1 
ATOM   377  C CG  . LEU A 1 57  ? -0.093  -3.191  -9.500  1.00 15.64 ? 966  LEU A CG  1 
ATOM   378  C CD1 . LEU A 1 57  ? -1.467  -2.628  -9.892  1.00 15.26 ? 966  LEU A CD1 1 
ATOM   379  C CD2 . LEU A 1 57  ? 0.305   -2.731  -8.093  1.00 15.28 ? 966  LEU A CD2 1 
ATOM   380  N N   . VAL A 1 58  ? 1.327   -7.186  -7.959  1.00 14.38 ? 967  VAL A N   1 
ATOM   381  C CA  . VAL A 1 58  ? 1.101   -8.550  -7.486  1.00 14.58 ? 967  VAL A CA  1 
ATOM   382  C C   . VAL A 1 58  ? 0.281   -8.447  -6.217  1.00 14.64 ? 967  VAL A C   1 
ATOM   383  O O   . VAL A 1 58  ? 0.633   -7.707  -5.293  1.00 15.17 ? 967  VAL A O   1 
ATOM   384  C CB  . VAL A 1 58  ? 2.446   -9.283  -7.215  1.00 14.98 ? 967  VAL A CB  1 
ATOM   385  C CG1 . VAL A 1 58  ? 2.226   -10.681 -6.600  1.00 14.77 ? 967  VAL A CG1 1 
ATOM   386  C CG2 . VAL A 1 58  ? 3.235   -9.402  -8.466  1.00 13.53 ? 967  VAL A CG2 1 
ATOM   387  N N   . PHE A 1 59  ? -0.837  -9.168  -6.187  1.00 14.21 ? 968  PHE A N   1 
ATOM   388  C CA  . PHE A 1 59  ? -1.763  -9.086  -5.053  1.00 14.38 ? 968  PHE A CA  1 
ATOM   389  C C   . PHE A 1 59  ? -1.638  -10.345 -4.229  1.00 14.86 ? 968  PHE A C   1 
ATOM   390  O O   . PHE A 1 59  ? -2.188  -11.403 -4.578  1.00 15.37 ? 968  PHE A O   1 
ATOM   391  C CB  . PHE A 1 59  ? -3.201  -8.845  -5.541  1.00 13.55 ? 968  PHE A CB  1 
ATOM   392  C CG  . PHE A 1 59  ? -3.368  -7.555  -6.287  1.00 15.56 ? 968  PHE A CG  1 
ATOM   393  C CD1 . PHE A 1 59  ? -3.526  -6.363  -5.585  1.00 17.80 ? 968  PHE A CD1 1 
ATOM   394  C CD2 . PHE A 1 59  ? -3.350  -7.519  -7.687  1.00 16.73 ? 968  PHE A CD2 1 
ATOM   395  C CE1 . PHE A 1 59  ? -3.667  -5.156  -6.247  1.00 19.60 ? 968  PHE A CE1 1 
ATOM   396  C CE2 . PHE A 1 59  ? -3.480  -6.306  -8.369  1.00 16.65 ? 968  PHE A CE2 1 
ATOM   397  C CZ  . PHE A 1 59  ? -3.644  -5.117  -7.640  1.00 15.39 ? 968  PHE A CZ  1 
ATOM   398  N N   . ASN A 1 60  ? -0.880  -10.243 -3.145  1.00 14.56 ? 969  ASN A N   1 
ATOM   399  C CA  . ASN A 1 60  ? -0.698  -11.367 -2.245  1.00 15.23 ? 969  ASN A CA  1 
ATOM   400  C C   . ASN A 1 60  ? -1.847  -11.326 -1.255  1.00 15.74 ? 969  ASN A C   1 
ATOM   401  O O   . ASN A 1 60  ? -1.733  -10.781 -0.144  1.00 15.28 ? 969  ASN A O   1 
ATOM   402  C CB  . ASN A 1 60  ? 0.658   -11.253 -1.564  1.00 15.55 ? 969  ASN A CB  1 
ATOM   403  C CG  . ASN A 1 60  ? 0.899   -12.343 -0.543  1.00 16.54 ? 969  ASN A CG  1 
ATOM   404  O OD1 . ASN A 1 60  ? 0.046   -13.191 -0.295  1.00 18.28 ? 969  ASN A OD1 1 
ATOM   405  N ND2 . ASN A 1 60  ? 2.076   -12.310 0.071   1.00 20.20 ? 969  ASN A ND2 1 
ATOM   406  N N   . ILE A 1 61  ? -2.970  -11.880 -1.693  1.00 16.32 ? 970  ILE A N   1 
ATOM   407  C CA  . ILE A 1 61  ? -4.220  -11.827 -0.947  1.00 16.90 ? 970  ILE A CA  1 
ATOM   408  C C   . ILE A 1 61  ? -4.041  -12.523 0.389   1.00 18.18 ? 970  ILE A C   1 
ATOM   409  O O   . ILE A 1 61  ? -4.545  -12.047 1.409   1.00 18.08 ? 970  ILE A O   1 
ATOM   410  C CB  . ILE A 1 61  ? -5.402  -12.427 -1.755  1.00 16.89 ? 970  ILE A CB  1 
ATOM   411  C CG1 . ILE A 1 61  ? -5.611  -11.640 -3.059  1.00 17.68 ? 970  ILE A CG1 1 
ATOM   412  C CG2 . ILE A 1 61  ? -6.666  -12.471 -0.910  1.00 17.94 ? 970  ILE A CG2 1 
ATOM   413  C CD1 . ILE A 1 61  ? -6.641  -12.254 -4.025  1.00 20.54 ? 970  ILE A CD1 1 
ATOM   414  N N   . THR A 1 62  ? -3.285  -13.624 0.376   1.00 18.51 ? 971  THR A N   1 
ATOM   415  C CA  . THR A 1 62  ? -2.970  -14.400 1.587   1.00 19.36 ? 971  THR A CA  1 
ATOM   416  C C   . THR A 1 62  ? -2.472  -13.539 2.758   1.00 19.39 ? 971  THR A C   1 
ATOM   417  O O   . THR A 1 62  ? -2.948  -13.663 3.897   1.00 20.34 ? 971  THR A O   1 
ATOM   418  C CB  . THR A 1 62  ? -1.920  -15.484 1.258   1.00 19.39 ? 971  THR A CB  1 
ATOM   419  O OG1 . THR A 1 62  ? -2.411  -16.285 0.182   1.00 20.90 ? 971  THR A OG1 1 
ATOM   420  C CG2 . THR A 1 62  ? -1.634  -16.368 2.466   1.00 21.02 ? 971  THR A CG2 1 
ATOM   421  N N   . ASN A 1 63  ? -1.521  -12.671 2.457   1.00 18.25 ? 972  ASN A N   1 
ATOM   422  C CA  . ASN A 1 63  ? -0.890  -11.837 3.463   1.00 17.49 ? 972  ASN A CA  1 
ATOM   423  C C   . ASN A 1 63  ? -1.365  -10.394 3.414   1.00 16.42 ? 972  ASN A C   1 
ATOM   424  O O   . ASN A 1 63  ? -0.821  -9.533  4.118   1.00 16.53 ? 972  ASN A O   1 
ATOM   425  C CB  . ASN A 1 63  ? 0.623   -11.926 3.330   1.00 17.30 ? 972  ASN A CB  1 
ATOM   426  C CG  . ASN A 1 63  ? 1.145   -13.315 3.614   1.00 20.69 ? 972  ASN A CG  1 
ATOM   427  O OD1 . ASN A 1 63  ? 1.739   -13.973 2.743   1.00 23.07 ? 972  ASN A OD1 1 
ATOM   428  N ND2 . ASN A 1 63  ? 0.925   -13.777 4.829   1.00 18.41 ? 972  ASN A ND2 1 
ATOM   429  N N   . MET A 1 64  ? -2.403  -10.146 2.616   1.00 15.07 ? 973  MET A N   1 
ATOM   430  C CA  . MET A 1 64  ? -2.951  -8.790  2.413   1.00 14.77 ? 973  MET A CA  1 
ATOM   431  C C   . MET A 1 64  ? -1.841  -7.799  2.085   1.00 14.16 ? 973  MET A C   1 
ATOM   432  O O   . MET A 1 64  ? -1.724  -6.696  2.691   1.00 13.47 ? 973  MET A O   1 
ATOM   433  C CB  . MET A 1 64  ? -3.752  -8.332  3.624   1.00 15.31 ? 973  MET A CB  1 
ATOM   434  C CG  . MET A 1 64  ? -4.956  -9.230  3.925   1.00 16.37 ? 973  MET A CG  1 
ATOM   435  S SD  . MET A 1 64  ? -6.027  -8.514  5.177   1.00 20.94 ? 973  MET A SD  1 
ATOM   436  C CE  . MET A 1 64  ? -7.080  -9.902  5.546   1.00 22.82 ? 973  MET A CE  1 
ATOM   437  N N   . ILE A 1 65  ? -1.025  -8.207  1.117   1.00 14.05 ? 974  ILE A N   1 
ATOM   438  C CA  . ILE A 1 65  ? 0.064   -7.394  0.630   1.00 13.90 ? 974  ILE A CA  1 
ATOM   439  C C   . ILE A 1 65  ? -0.147  -7.085  -0.843  1.00 14.04 ? 974  ILE A C   1 
ATOM   440  O O   . ILE A 1 65  ? -0.607  -7.938  -1.597  1.00 14.04 ? 974  ILE A O   1 
ATOM   441  C CB  . ILE A 1 65  ? 1.404   -8.127  0.800   1.00 13.99 ? 974  ILE A CB  1 
ATOM   442  C CG1 . ILE A 1 65  ? 1.767   -8.174  2.278   1.00 14.54 ? 974  ILE A CG1 1 
ATOM   443  C CG2 . ILE A 1 65  ? 2.526   -7.442  0.050   1.00 15.46 ? 974  ILE A CG2 1 
ATOM   444  C CD1 . ILE A 1 65  ? 2.939   -9.062  2.575   1.00 15.91 ? 974  ILE A CD1 1 
ATOM   445  N N   . ILE A 1 66  ? 0.209   -5.868  -1.240  1.00 12.89 ? 975  ILE A N   1 
ATOM   446  C CA  . ILE A 1 66  ? 0.275   -5.539  -2.658  1.00 12.12 ? 975  ILE A CA  1 
ATOM   447  C C   . ILE A 1 66  ? 1.692   -5.113  -2.977  1.00 12.08 ? 975  ILE A C   1 
ATOM   448  O O   . ILE A 1 66  ? 2.264   -4.238  -2.283  1.00 13.00 ? 975  ILE A O   1 
ATOM   449  C CB  . ILE A 1 66  ? -0.709  -4.409  -3.042  1.00 12.59 ? 975  ILE A CB  1 
ATOM   450  C CG1 . ILE A 1 66  ? -2.111  -4.816  -2.631  1.00 13.29 ? 975  ILE A CG1 1 
ATOM   451  C CG2 . ILE A 1 66  ? -0.595  -4.114  -4.572  1.00 12.54 ? 975  ILE A CG2 1 
ATOM   452  C CD1 . ILE A 1 66  ? -3.109  -3.691  -2.659  1.00 17.06 ? 975  ILE A CD1 1 
ATOM   453  N N   . THR A 1 67  ? 2.290   -5.724  -3.992  1.00 11.53 ? 976  THR A N   1 
ATOM   454  C CA  . THR A 1 67  ? 3.618   -5.262  -4.405  1.00 13.19 ? 976  THR A CA  1 
ATOM   455  C C   . THR A 1 67  ? 3.565   -4.674  -5.788  1.00 12.91 ? 976  THR A C   1 
ATOM   456  O O   . THR A 1 67  ? 2.708   -5.036  -6.602  1.00 13.62 ? 976  THR A O   1 
ATOM   457  C CB  . THR A 1 67  ? 4.712   -6.350  -4.324  1.00 13.02 ? 976  THR A CB  1 
ATOM   458  O OG1 . THR A 1 67  ? 4.503   -7.312  -5.348  1.00 17.29 ? 976  THR A OG1 1 
ATOM   459  C CG2 . THR A 1 67  ? 4.678   -7.041  -2.985  1.00 12.69 ? 976  THR A CG2 1 
ATOM   460  N N   . GLY A 1 68  ? 4.488   -3.767  -6.078  1.00 12.83 ? 977  GLY A N   1 
ATOM   461  C CA  . GLY A 1 68  ? 4.468   -3.095  -7.379  1.00 13.98 ? 977  GLY A CA  1 
ATOM   462  C C   . GLY A 1 68  ? 5.611   -2.116  -7.569  1.00 14.00 ? 977  GLY A C   1 
ATOM   463  O O   . GLY A 1 68  ? 6.531   -2.036  -6.763  1.00 14.77 ? 977  GLY A O   1 
ATOM   464  N N   . LYS A 1 69  ? 5.557   -1.406  -8.688  1.00 14.55 ? 978  LYS A N   1 
ATOM   465  C CA  . LYS A 1 69  ? 6.675   -0.579  -9.123  1.00 15.16 ? 978  LYS A CA  1 
ATOM   466  C C   . LYS A 1 69  ? 6.146   0.729   -9.656  1.00 15.79 ? 978  LYS A C   1 
ATOM   467  O O   . LYS A 1 69  ? 5.194   0.728   -10.428 1.00 15.09 ? 978  LYS A O   1 
ATOM   468  C CB  . LYS A 1 69  ? 7.423   -1.316  -10.242 1.00 15.15 ? 978  LYS A CB  1 
ATOM   469  C CG  . LYS A 1 69  ? 8.462   -0.508  -11.039 1.00 16.88 ? 978  LYS A CG  1 
ATOM   470  C CD  . LYS A 1 69  ? 9.084   -1.437  -12.078 1.00 21.01 ? 978  LYS A CD  1 
ATOM   471  C CE  . LYS A 1 69  ? 10.148  -0.749  -12.908 1.00 24.15 ? 978  LYS A CE  1 
ATOM   472  N NZ  . LYS A 1 69  ? 10.839  -1.751  -13.789 1.00 25.81 ? 978  LYS A NZ  1 
ATOM   473  N N   . LEU A 1 70  ? 6.787   1.832   -9.251  1.00 16.27 ? 979  LEU A N   1 
ATOM   474  C CA  . LEU A 1 70  ? 6.579   3.151   -9.833  1.00 17.78 ? 979  LEU A CA  1 
ATOM   475  C C   . LEU A 1 70  ? 7.897   3.559   -10.491 1.00 18.39 ? 979  LEU A C   1 
ATOM   476  O O   . LEU A 1 70  ? 8.953   3.099   -10.063 1.00 18.27 ? 979  LEU A O   1 
ATOM   477  C CB  . LEU A 1 70  ? 6.225   4.156   -8.733  1.00 16.99 ? 979  LEU A CB  1 
ATOM   478  C CG  . LEU A 1 70  ? 4.994   3.828   -7.867  1.00 19.49 ? 979  LEU A CG  1 
ATOM   479  C CD1 . LEU A 1 70  ? 5.000   4.622   -6.557  1.00 20.96 ? 979  LEU A CD1 1 
ATOM   480  C CD2 . LEU A 1 70  ? 3.748   4.105   -8.669  1.00 21.88 ? 979  LEU A CD2 1 
ATOM   481  N N   . VAL A 1 71  ? 7.838   4.409   -11.511 1.00 19.17 ? 980  VAL A N   1 
ATOM   482  C CA  . VAL A 1 71  ? 9.045   4.800   -12.250 1.00 20.17 ? 980  VAL A CA  1 
ATOM   483  C C   . VAL A 1 71  ? 9.231   6.318   -12.275 1.00 20.39 ? 980  VAL A C   1 
ATOM   484  O O   . VAL A 1 71  ? 8.269   7.072   -12.134 1.00 19.27 ? 980  VAL A O   1 
ATOM   485  C CB  . VAL A 1 71  ? 9.078   4.214   -13.703 1.00 21.12 ? 980  VAL A CB  1 
ATOM   486  C CG1 . VAL A 1 71  ? 9.125   2.680   -13.660 1.00 22.63 ? 980  VAL A CG1 1 
ATOM   487  C CG2 . VAL A 1 71  ? 7.894   4.707   -14.553 1.00 21.62 ? 980  VAL A CG2 1 
ATOM   488  N N   . ASN A 1 72  ? 10.472  6.771   -12.435 1.00 20.39 ? 981  ASN A N   1 
ATOM   489  C CA  . ASN A 1 72  ? 10.713  8.190   -12.650 1.00 21.61 ? 981  ASN A CA  1 
ATOM   490  C C   . ASN A 1 72  ? 10.398  8.560   -14.111 1.00 22.11 ? 981  ASN A C   1 
ATOM   491  O O   . ASN A 1 72  ? 9.919   7.715   -14.881 1.00 21.21 ? 981  ASN A O   1 
ATOM   492  C CB  . ASN A 1 72  ? 12.139  8.604   -12.231 1.00 21.72 ? 981  ASN A CB  1 
ATOM   493  C CG  . ASN A 1 72  ? 13.217  8.066   -13.167 1.00 22.62 ? 981  ASN A CG  1 
ATOM   494  O OD1 . ASN A 1 72  ? 12.944  7.253   -14.035 1.00 23.05 ? 981  ASN A OD1 1 
ATOM   495  N ND2 . ASN A 1 72  ? 14.454  8.530   -12.980 1.00 20.55 ? 981  ASN A ND2 1 
ATOM   496  N N   . ASP A 1 73  ? 10.677  9.809   -14.485 1.00 23.17 ? 982  ASP A N   1 
ATOM   497  C CA  . ASP A 1 73  ? 10.289  10.297  -15.809 1.00 24.81 ? 982  ASP A CA  1 
ATOM   498  C C   . ASP A 1 73  ? 11.394  10.235  -16.845 1.00 24.79 ? 982  ASP A C   1 
ATOM   499  O O   . ASP A 1 73  ? 11.196  10.648  -17.996 1.00 25.67 ? 982  ASP A O   1 
ATOM   500  C CB  . ASP A 1 73  ? 9.728   11.719  -15.726 1.00 26.01 ? 982  ASP A CB  1 
ATOM   501  C CG  . ASP A 1 73  ? 8.492   11.814  -14.842 1.00 29.64 ? 982  ASP A CG  1 
ATOM   502  O OD1 . ASP A 1 73  ? 7.596   10.932  -14.932 1.00 32.39 ? 982  ASP A OD1 1 
ATOM   503  O OD2 . ASP A 1 73  ? 8.416   12.791  -14.056 1.00 34.68 ? 982  ASP A OD2 1 
ATOM   504  N N   . SER A 1 74  ? 12.551  9.712   -16.454 1.00 24.06 ? 983  SER A N   1 
ATOM   505  C CA  . SER A 1 74  ? 13.644  9.547   -17.408 1.00 23.58 ? 983  SER A CA  1 
ATOM   506  C C   . SER A 1 74  ? 13.540  8.228   -18.144 1.00 23.86 ? 983  SER A C   1 
ATOM   507  O O   . SER A 1 74  ? 13.221  7.197   -17.561 1.00 24.89 ? 983  SER A O   1 
ATOM   508  C CB  . SER A 1 74  ? 15.009  9.661   -16.719 1.00 23.06 ? 983  SER A CB  1 
ATOM   509  O OG  . SER A 1 74  ? 16.057  9.597   -17.672 1.00 20.28 ? 983  SER A OG  1 
ATOM   510  N N   . ILE A 1 75  ? 13.809  8.267   -19.435 1.00 24.02 ? 984  ILE A N   1 
ATOM   511  C CA  . ILE A 1 75  ? 13.893  7.035   -20.215 1.00 24.61 ? 984  ILE A CA  1 
ATOM   512  C C   . ILE A 1 75  ? 15.342  6.565   -20.360 1.00 23.57 ? 984  ILE A C   1 
ATOM   513  O O   . ILE A 1 75  ? 15.594  5.467   -20.825 1.00 24.22 ? 984  ILE A O   1 
ATOM   514  C CB  . ILE A 1 75  ? 13.206  7.165   -21.596 1.00 25.46 ? 984  ILE A CB  1 
ATOM   515  C CG1 . ILE A 1 75  ? 13.590  8.477   -22.298 1.00 26.72 ? 984  ILE A CG1 1 
ATOM   516  C CG2 . ILE A 1 75  ? 11.698  7.046   -21.436 1.00 26.41 ? 984  ILE A CG2 1 
ATOM   517  C CD1 . ILE A 1 75  ? 14.858  8.411   -23.140 1.00 29.79 ? 984  ILE A CD1 1 
ATOM   518  N N   . LEU A 1 76  ? 16.283  7.425   -19.968 1.00 22.28 ? 985  LEU A N   1 
ATOM   519  C CA  . LEU A 1 76  ? 17.712  7.106   -20.028 1.00 20.51 ? 985  LEU A CA  1 
ATOM   520  C C   . LEU A 1 76  ? 18.319  6.659   -18.688 1.00 20.19 ? 985  LEU A C   1 
ATOM   521  O O   . LEU A 1 76  ? 19.134  5.737   -18.644 1.00 19.48 ? 985  LEU A O   1 
ATOM   522  C CB  . LEU A 1 76  ? 18.499  8.297   -20.583 1.00 21.09 ? 985  LEU A CB  1 
ATOM   523  C CG  . LEU A 1 76  ? 20.012  8.109   -20.714 1.00 21.28 ? 985  LEU A CG  1 
ATOM   524  C CD1 . LEU A 1 76  ? 20.330  6.949   -21.647 1.00 21.70 ? 985  LEU A CD1 1 
ATOM   525  C CD2 . LEU A 1 76  ? 20.673  9.389   -21.199 1.00 21.75 ? 985  LEU A CD2 1 
ATOM   526  N N   . PHE A 1 77  ? 17.913  7.317   -17.604 1.00 18.03 ? 986  PHE A N   1 
ATOM   527  C CA  . PHE A 1 77  ? 18.400  7.011   -16.254 1.00 16.95 ? 986  PHE A CA  1 
ATOM   528  C C   . PHE A 1 77  ? 17.228  6.675   -15.347 1.00 17.01 ? 986  PHE A C   1 
ATOM   529  O O   . PHE A 1 77  ? 16.600  7.555   -14.739 1.00 17.05 ? 986  PHE A O   1 
ATOM   530  C CB  . PHE A 1 77  ? 19.271  8.146   -15.703 1.00 16.05 ? 986  PHE A CB  1 
ATOM   531  C CG  . PHE A 1 77  ? 20.572  8.336   -16.452 1.00 15.86 ? 986  PHE A CG  1 
ATOM   532  C CD1 . PHE A 1 77  ? 21.662  7.482   -16.229 1.00 13.03 ? 986  PHE A CD1 1 
ATOM   533  C CD2 . PHE A 1 77  ? 20.708  9.363   -17.377 1.00 13.83 ? 986  PHE A CD2 1 
ATOM   534  C CE1 . PHE A 1 77  ? 22.853  7.655   -16.919 1.00 12.55 ? 986  PHE A CE1 1 
ATOM   535  C CE2 . PHE A 1 77  ? 21.898  9.549   -18.080 1.00 14.99 ? 986  PHE A CE2 1 
ATOM   536  C CZ  . PHE A 1 77  ? 22.977  8.689   -17.864 1.00 15.61 ? 986  PHE A CZ  1 
ATOM   537  N N   . LEU A 1 78  ? 16.913  5.378   -15.297 1.00 16.92 ? 987  LEU A N   1 
ATOM   538  C CA  . LEU A 1 78  ? 15.742  4.895   -14.577 1.00 17.90 ? 987  LEU A CA  1 
ATOM   539  C C   . LEU A 1 78  ? 15.973  4.881   -13.076 1.00 18.50 ? 987  LEU A C   1 
ATOM   540  O O   . LEU A 1 78  ? 17.119  4.748   -12.596 1.00 18.74 ? 987  LEU A O   1 
ATOM   541  C CB  . LEU A 1 78  ? 15.320  3.508   -15.097 1.00 17.94 ? 987  LEU A CB  1 
ATOM   542  N N   . ARG A 1 79  ? 14.895  5.118   -12.335 1.00 17.77 ? 988  ARG A N   1 
ATOM   543  C CA  . ARG A 1 79  ? 14.900  4.979   -10.896 1.00 17.74 ? 988  ARG A CA  1 
ATOM   544  C C   . ARG A 1 79  ? 13.584  4.317   -10.559 1.00 17.92 ? 988  ARG A C   1 
ATOM   545  O O   . ARG A 1 79  ? 12.526  4.968   -10.603 1.00 18.59 ? 988  ARG A O   1 
ATOM   546  C CB  . ARG A 1 79  ? 14.994  6.340   -10.204 1.00 17.68 ? 988  ARG A CB  1 
ATOM   547  C CG  . ARG A 1 79  ? 15.189  6.238   -8.693  1.00 17.23 ? 988  ARG A CG  1 
ATOM   548  C CD  . ARG A 1 79  ? 15.014  7.600   -8.020  1.00 16.84 ? 988  ARG A CD  1 
ATOM   549  N NE  . ARG A 1 79  ? 15.554  7.567   -6.665  1.00 15.96 ? 988  ARG A NE  1 
ATOM   550  C CZ  . ARG A 1 79  ? 15.376  8.510   -5.750  1.00 17.28 ? 988  ARG A CZ  1 
ATOM   551  N NH1 . ARG A 1 79  ? 14.619  9.580   -6.017  1.00 17.28 ? 988  ARG A NH1 1 
ATOM   552  N NH2 . ARG A 1 79  ? 15.959  8.372   -4.566  1.00 17.65 ? 988  ARG A NH2 1 
ATOM   553  N N   . SER A 1 80  ? 13.638  3.015   -10.298 1.00 17.31 ? 989  SER A N   1 
ATOM   554  C CA  . SER A 1 80  ? 12.432  2.291   -9.895  1.00 17.51 ? 989  SER A CA  1 
ATOM   555  C C   . SER A 1 80  ? 12.139  2.633   -8.454  1.00 16.59 ? 989  SER A C   1 
ATOM   556  O O   . SER A 1 80  ? 13.054  2.657   -7.631  1.00 16.29 ? 989  SER A O   1 
ATOM   557  C CB  . SER A 1 80  ? 12.646  0.779   -10.003 1.00 18.28 ? 989  SER A CB  1 
ATOM   558  O OG  . SER A 1 80  ? 12.677  0.371   -11.349 1.00 21.02 ? 989  SER A OG  1 
ATOM   559  N N   . THR A 1 81  ? 10.863  2.907   -8.152  1.00 16.40 ? 990  THR A N   1 
ATOM   560  C CA  . THR A 1 81  ? 10.402  2.871   -6.760  1.00 14.85 ? 990  THR A CA  1 
ATOM   561  C C   . THR A 1 81  ? 9.616   1.575   -6.561  1.00 14.61 ? 990  THR A C   1 
ATOM   562  O O   . THR A 1 81  ? 8.482   1.452   -7.007  1.00 14.52 ? 990  THR A O   1 
ATOM   563  C CB  . THR A 1 81  ? 9.529   4.097   -6.404  1.00 15.50 ? 990  THR A CB  1 
ATOM   564  O OG1 . THR A 1 81  ? 10.318  5.288   -6.523  1.00 14.86 ? 990  THR A OG1 1 
ATOM   565  C CG2 . THR A 1 81  ? 9.030   3.981   -4.988  1.00 13.93 ? 990  THR A CG2 1 
ATOM   566  N N   . LEU A 1 82  ? 10.242  0.595   -5.924  1.00 14.78 ? 991  LEU A N   1 
ATOM   567  C CA  . LEU A 1 82  ? 9.602   -0.691  -5.713  1.00 14.56 ? 991  LEU A CA  1 
ATOM   568  C C   . LEU A 1 82  ? 8.993   -0.649  -4.334  1.00 14.51 ? 991  LEU A C   1 
ATOM   569  O O   . LEU A 1 82  ? 9.653   -0.267  -3.365  1.00 14.92 ? 991  LEU A O   1 
ATOM   570  C CB  . LEU A 1 82  ? 10.605  -1.836  -5.816  1.00 15.58 ? 991  LEU A CB  1 
ATOM   571  C CG  . LEU A 1 82  ? 11.326  -1.980  -7.153  1.00 17.33 ? 991  LEU A CG  1 
ATOM   572  C CD1 . LEU A 1 82  ? 12.269  -3.187  -7.070  1.00 20.56 ? 991  LEU A CD1 1 
ATOM   573  C CD2 . LEU A 1 82  ? 10.361  -2.110  -8.324  1.00 19.09 ? 991  LEU A CD2 1 
ATOM   574  N N   . PHE A 1 83  ? 7.728   -1.028  -4.244  1.00 13.22 ? 992  PHE A N   1 
ATOM   575  C CA  . PHE A 1 83  ? 7.034   -0.866  -2.987  1.00 12.98 ? 992  PHE A CA  1 
ATOM   576  C C   . PHE A 1 83  ? 6.263   -2.101  -2.601  1.00 12.19 ? 992  PHE A C   1 
ATOM   577  O O   . PHE A 1 83  ? 5.961   -2.980  -3.424  1.00 11.63 ? 992  PHE A O   1 
ATOM   578  C CB  . PHE A 1 83  ? 6.069   0.322   -3.051  1.00 12.83 ? 992  PHE A CB  1 
ATOM   579  C CG  . PHE A 1 83  ? 4.944   0.138   -4.030  1.00 13.31 ? 992  PHE A CG  1 
ATOM   580  C CD1 . PHE A 1 83  ? 3.788   -0.568  -3.676  1.00 14.17 ? 992  PHE A CD1 1 
ATOM   581  C CD2 . PHE A 1 83  ? 5.034   0.671   -5.306  1.00 15.03 ? 992  PHE A CD2 1 
ATOM   582  C CE1 . PHE A 1 83  ? 2.739   -0.731  -4.564  1.00 15.68 ? 992  PHE A CE1 1 
ATOM   583  C CE2 . PHE A 1 83  ? 3.980   0.512   -6.216  1.00 15.05 ? 992  PHE A CE2 1 
ATOM   584  C CZ  . PHE A 1 83  ? 2.837   -0.196  -5.850  1.00 14.22 ? 992  PHE A CZ  1 
ATOM   585  N N   . GLU A 1 84  ? 5.911   -2.125  -1.325  1.00 12.14 ? 993  GLU A N   1 
ATOM   586  C CA  . GLU A 1 84  ? 4.953   -3.096  -0.790  1.00 12.60 ? 993  GLU A CA  1 
ATOM   587  C C   . GLU A 1 84  ? 3.946   -2.324  0.077   1.00 12.43 ? 993  GLU A C   1 
ATOM   588  O O   . GLU A 1 84  ? 4.321   -1.397  0.781   1.00 13.63 ? 993  GLU A O   1 
ATOM   589  C CB  . GLU A 1 84  ? 5.699   -4.119  0.062   1.00 12.92 ? 993  GLU A CB  1 
ATOM   590  C CG  . GLU A 1 84  ? 6.644   -5.030  -0.765  1.00 15.21 ? 993  GLU A CG  1 
ATOM   591  C CD  . GLU A 1 84  ? 7.524   -5.930  0.071   1.00 15.68 ? 993  GLU A CD  1 
ATOM   592  O OE1 . GLU A 1 84  ? 7.776   -5.601  1.239   1.00 15.54 ? 993  GLU A OE1 1 
ATOM   593  O OE2 . GLU A 1 84  ? 7.947   -6.979  -0.467  1.00 16.68 ? 993  GLU A OE2 1 
ATOM   594  N N   . ILE A 1 85  ? 2.676   -2.680  -0.021  1.00 11.60 ? 994  ILE A N   1 
ATOM   595  C CA  . ILE A 1 85  ? 1.630   -2.121  0.822   1.00 10.98 ? 994  ILE A CA  1 
ATOM   596  C C   . ILE A 1 85  ? 1.055   -3.283  1.611   1.00 10.76 ? 994  ILE A C   1 
ATOM   597  O O   . ILE A 1 85  ? 0.741   -4.323  1.044   1.00 11.48 ? 994  ILE A O   1 
ATOM   598  C CB  . ILE A 1 85  ? 0.525   -1.479  -0.064  1.00 11.04 ? 994  ILE A CB  1 
ATOM   599  C CG1 . ILE A 1 85  ? 1.135   -0.385  -0.956  1.00 12.15 ? 994  ILE A CG1 1 
ATOM   600  C CG2 . ILE A 1 85  ? -0.596  -0.895  0.818   1.00 11.93 ? 994  ILE A CG2 1 
ATOM   601  C CD1 . ILE A 1 85  ? 0.134   0.196   -1.973  1.00 15.58 ? 994  ILE A CD1 1 
ATOM   602  N N   . MET A 1 86  ? 0.896   -3.115  2.909   1.00 11.31 ? 995  MET A N   1 
ATOM   603  C CA  . MET A 1 86  ? 0.298   -4.166  3.707   1.00 10.87 ? 995  MET A CA  1 
ATOM   604  C C   . MET A 1 86  ? -0.913  -3.616  4.436   1.00 11.56 ? 995  MET A C   1 
ATOM   605  O O   . MET A 1 86  ? -0.877  -2.495  4.955   1.00 11.83 ? 995  MET A O   1 
ATOM   606  C CB  . MET A 1 86  ? 1.311   -4.726  4.705   1.00 11.00 ? 995  MET A CB  1 
ATOM   607  C CG  . MET A 1 86  ? 0.757   -5.882  5.552   1.00 10.58 ? 995  MET A CG  1 
ATOM   608  S SD  . MET A 1 86  ? 1.912   -6.492  6.825   1.00 13.89 ? 995  MET A SD  1 
ATOM   609  C CE  . MET A 1 86  ? 3.385   -6.834  5.847   1.00 15.80 ? 995  MET A CE  1 
ATOM   610  N N   . VAL A 1 87  ? -1.935  -4.435  4.573   1.00 10.93 ? 996  VAL A N   1 
ATOM   611  C CA  . VAL A 1 87  ? -3.115  -4.072  5.333   1.00 11.13 ? 996  VAL A CA  1 
ATOM   612  C C   . VAL A 1 87  ? -3.048  -4.932  6.603   1.00 11.31 ? 996  VAL A C   1 
ATOM   613  O O   . VAL A 1 87  ? -2.865  -6.115  6.505   1.00 12.64 ? 996  VAL A O   1 
ATOM   614  C CB  . VAL A 1 87  ? -4.401  -4.356  4.579   1.00 11.96 ? 996  VAL A CB  1 
ATOM   615  C CG1 . VAL A 1 87  ? -5.592  -4.211  5.483   1.00 13.12 ? 996  VAL A CG1 1 
ATOM   616  C CG2 . VAL A 1 87  ? -4.500  -3.459  3.394   1.00 11.42 ? 996  VAL A CG2 1 
ATOM   617  N N   . LEU A 1 88  ? -3.204  -4.291  7.755   1.00 10.59 ? 997  LEU A N   1 
ATOM   618  C CA  . LEU A 1 88  ? -3.145  -4.940  9.051   1.00 10.93 ? 997  LEU A CA  1 
ATOM   619  C C   . LEU A 1 88  ? -4.336  -4.611  9.921   1.00 11.58 ? 997  LEU A C   1 
ATOM   620  O O   . LEU A 1 88  ? -4.964  -3.621  9.762   1.00 12.17 ? 997  LEU A O   1 
ATOM   621  C CB  . LEU A 1 88  ? -1.913  -4.457  9.784   1.00 10.25 ? 997  LEU A CB  1 
ATOM   622  C CG  . LEU A 1 88  ? -0.589  -4.722  9.093   1.00 11.25 ? 997  LEU A CG  1 
ATOM   623  C CD1 . LEU A 1 88  ? -0.169  -3.522  8.298   1.00 14.63 ? 997  LEU A CD1 1 
ATOM   624  C CD2 . LEU A 1 88  ? 0.490   -5.064  10.057  1.00 15.26 ? 997  LEU A CD2 1 
ATOM   625  N N   . PRO A 1 89  ? -4.628  -5.475  10.863  1.00 12.34 ? 998  PRO A N   1 
ATOM   626  C CA  . PRO A 1 89  ? -5.742  -5.212  11.770  1.00 13.41 ? 998  PRO A CA  1 
ATOM   627  C C   . PRO A 1 89  ? -5.396  -4.029  12.662  1.00 14.01 ? 998  PRO A C   1 
ATOM   628  O O   . PRO A 1 89  ? -4.248  -3.794  12.924  1.00 15.14 ? 998  PRO A O   1 
ATOM   629  C CB  . PRO A 1 89  ? -5.818  -6.482  12.645  1.00 12.94 ? 998  PRO A CB  1 
ATOM   630  C CG  . PRO A 1 89  ? -5.011  -7.493  11.987  1.00 13.35 ? 998  PRO A CG  1 
ATOM   631  C CD  . PRO A 1 89  ? -4.016  -6.789  11.088  1.00 13.08 ? 998  PRO A CD  1 
ATOM   632  N N   . ASN A 1 90  ? -6.387  -3.303  13.114  1.00 14.56 ? 999  ASN A N   1 
ATOM   633  C CA  . ASN A 1 90  ? -6.138  -2.179  14.018  1.00 15.78 ? 999  ASN A CA  1 
ATOM   634  C C   . ASN A 1 90  ? -7.185  -2.083  15.135  1.00 17.16 ? 999  ASN A C   1 
ATOM   635  O O   . ASN A 1 90  ? -7.635  -0.987  15.490  1.00 17.62 ? 999  ASN A O   1 
ATOM   636  C CB  . ASN A 1 90  ? -6.033  -0.858  13.241  1.00 15.58 ? 999  ASN A CB  1 
ATOM   637  C CG  . ASN A 1 90  ? -5.426  0.265   14.071  1.00 18.03 ? 999  ASN A CG  1 
ATOM   638  O OD1 . ASN A 1 90  ? -4.567  0.033   14.943  1.00 19.49 ? 999  ASN A OD1 1 
ATOM   639  N ND2 . ASN A 1 90  ? -5.848  1.490   13.793  1.00 18.99 ? 999  ASN A ND2 1 
ATOM   640  N N   . GLY A 1 91  ? -7.534  -3.238  15.701  1.00 18.18 ? 1000 GLY A N   1 
ATOM   641  C CA  . GLY A 1 91  ? -8.571  -3.333  16.728  1.00 18.93 ? 1000 GLY A CA  1 
ATOM   642  C C   . GLY A 1 91  ? -9.849  -3.761  16.043  1.00 19.73 ? 1000 GLY A C   1 
ATOM   643  O O   . GLY A 1 91  ? -9.919  -3.798  14.811  1.00 19.32 ? 1000 GLY A O   1 
ATOM   644  N N   . ASP A 1 92  ? -10.863 -4.101  16.840  1.00 20.52 ? 1001 ASP A N   1 
ATOM   645  C CA  . ASP A 1 92  ? -12.092 -4.680  16.310  1.00 21.18 ? 1001 ASP A CA  1 
ATOM   646  C C   . ASP A 1 92  ? -12.729 -3.696  15.352  1.00 20.48 ? 1001 ASP A C   1 
ATOM   647  O O   . ASP A 1 92  ? -12.877 -2.532  15.679  1.00 21.01 ? 1001 ASP A O   1 
ATOM   648  C CB  . ASP A 1 92  ? -13.091 -4.987  17.441  1.00 21.43 ? 1001 ASP A CB  1 
ATOM   649  C CG  . ASP A 1 92  ? -12.448 -5.705  18.605  1.00 23.70 ? 1001 ASP A CG  1 
ATOM   650  N N   . GLY A 1 93  ? -13.070 -4.180  14.169  1.00 19.86 ? 1002 GLY A N   1 
ATOM   651  C CA  . GLY A 1 93  ? -13.765 -3.385  13.169  1.00 18.08 ? 1002 GLY A CA  1 
ATOM   652  C C   . GLY A 1 93  ? -12.874 -2.413  12.407  1.00 17.26 ? 1002 GLY A C   1 
ATOM   653  O O   . GLY A 1 93  ? -13.372 -1.654  11.574  1.00 17.08 ? 1002 GLY A O   1 
ATOM   654  N N   . ARG A 1 94  ? -11.572 -2.433  12.694  1.00 15.19 ? 1003 ARG A N   1 
ATOM   655  C CA  . ARG A 1 94  ? -10.649 -1.429  12.138  1.00 14.70 ? 1003 ARG A CA  1 
ATOM   656  C C   . ARG A 1 94  ? -9.406  -2.042  11.531  1.00 13.93 ? 1003 ARG A C   1 
ATOM   657  O O   . ARG A 1 94  ? -9.042  -3.169  11.855  1.00 13.58 ? 1003 ARG A O   1 
ATOM   658  C CB  . ARG A 1 94  ? -10.222 -0.455  13.235  1.00 14.63 ? 1003 ARG A CB  1 
ATOM   659  C CG  . ARG A 1 94  ? -11.369 0.408   13.728  1.00 17.64 ? 1003 ARG A CG  1 
ATOM   660  C CD  . ARG A 1 94  ? -11.063 1.165   14.960  1.00 23.23 ? 1003 ARG A CD  1 
ATOM   661  N NE  . ARG A 1 94  ? -12.011 2.271   15.111  1.00 26.55 ? 1003 ARG A NE  1 
ATOM   662  C CZ  . ARG A 1 94  ? -13.305 2.143   15.429  1.00 30.10 ? 1003 ARG A CZ  1 
ATOM   663  N NH1 . ARG A 1 94  ? -13.855 0.947   15.645  1.00 30.00 ? 1003 ARG A NH1 1 
ATOM   664  N NH2 . ARG A 1 94  ? -14.065 3.225   15.528  1.00 30.80 ? 1003 ARG A NH2 1 
ATOM   665  N N   . SER A 1 95  ? -8.758  -1.280  10.648  1.00 12.58 ? 1004 SER A N   1 
ATOM   666  C CA  . SER A 1 95  ? -7.548  -1.718  9.958   1.00 11.44 ? 1004 SER A CA  1 
ATOM   667  C C   . SER A 1 95  ? -6.683  -0.526  9.580   1.00 11.99 ? 1004 SER A C   1 
ATOM   668  O O   . SER A 1 95  ? -7.088  0.648   9.716   1.00 12.37 ? 1004 SER A O   1 
ATOM   669  C CB  . SER A 1 95  ? -7.897  -2.573  8.725   1.00 11.89 ? 1004 SER A CB  1 
ATOM   670  O OG  . SER A 1 95  ? -8.817  -1.915  7.857   1.00 11.93 ? 1004 SER A OG  1 
ATOM   671  N N   . LEU A 1 96  ? -5.474  -0.804  9.128   1.00 11.20 ? 1005 LEU A N   1 
ATOM   672  C CA  . LEU A 1 96  ? -4.610  0.260   8.685   1.00 11.50 ? 1005 LEU A CA  1 
ATOM   673  C C   . LEU A 1 96  ? -3.772  -0.203  7.524   1.00 11.52 ? 1005 LEU A C   1 
ATOM   674  O O   . LEU A 1 96  ? -3.660  -1.403  7.249   1.00 11.23 ? 1005 LEU A O   1 
ATOM   675  C CB  . LEU A 1 96  ? -3.740  0.781   9.829   1.00 10.37 ? 1005 LEU A CB  1 
ATOM   676  C CG  . LEU A 1 96  ? -2.851  -0.230  10.543  1.00 12.82 ? 1005 LEU A CG  1 
ATOM   677  C CD1 . LEU A 1 96  ? -1.535  -0.307  9.831   1.00 15.51 ? 1005 LEU A CD1 1 
ATOM   678  C CD2 . LEU A 1 96  ? -2.658  0.219   11.994  1.00 14.84 ? 1005 LEU A CD2 1 
ATOM   679  N N   . ILE A 1 97  ? -3.197  0.760   6.819   1.00 11.58 ? 1006 ILE A N   1 
ATOM   680  C CA  . ILE A 1 97  ? -2.310  0.481   5.700   1.00 11.68 ? 1006 ILE A CA  1 
ATOM   681  C C   . ILE A 1 97  ? -0.905  1.017   5.994   1.00 11.59 ? 1006 ILE A C   1 
ATOM   682  O O   . ILE A 1 97  ? -0.750  2.167   6.401   1.00 12.33 ? 1006 ILE A O   1 
ATOM   683  C CB  . ILE A 1 97  ? -2.810  1.191   4.424   1.00 11.69 ? 1006 ILE A CB  1 
ATOM   684  C CG1 . ILE A 1 97  ? -4.325  0.997   4.236   1.00 12.35 ? 1006 ILE A CG1 1 
ATOM   685  C CG2 . ILE A 1 97  ? -2.031  0.711   3.211   1.00 13.52 ? 1006 ILE A CG2 1 
ATOM   686  C CD1 . ILE A 1 97  ? -4.918  1.623   2.889   1.00 12.61 ? 1006 ILE A CD1 1 
ATOM   687  N N   . LYS A 1 98  ? 0.100   0.168   5.805   1.00 11.94 ? 1007 LYS A N   1 
ATOM   688  C CA  . LYS A 1 98  ? 1.502   0.549   5.898   1.00 12.61 ? 1007 LYS A CA  1 
ATOM   689  C C   . LYS A 1 98  ? 2.156   0.428   4.531   1.00 11.63 ? 1007 LYS A C   1 
ATOM   690  O O   . LYS A 1 98  ? 1.779   -0.430  3.738   1.00 12.20 ? 1007 LYS A O   1 
ATOM   691  C CB  . LYS A 1 98  ? 2.227   -0.355  6.895   1.00 12.77 ? 1007 LYS A CB  1 
ATOM   692  C CG  . LYS A 1 98  ? 1.665   -0.205  8.279   1.00 16.51 ? 1007 LYS A CG  1 
ATOM   693  C CD  . LYS A 1 98  ? 2.392   0.856   9.000   1.00 26.52 ? 1007 LYS A CD  1 
ATOM   694  C CE  . LYS A 1 98  ? 3.432   0.236   9.878   1.00 28.07 ? 1007 LYS A CE  1 
ATOM   695  N NZ  . LYS A 1 98  ? 2.769   -0.435  11.025  1.00 34.15 ? 1007 LYS A NZ  1 
ATOM   696  N N   . PHE A 1 99  ? 3.126   1.307   4.293   1.00 11.57 ? 1008 PHE A N   1 
ATOM   697  C CA  . PHE A 1 99  ? 3.871   1.419   3.053   1.00 11.95 ? 1008 PHE A CA  1 
ATOM   698  C C   . PHE A 1 99  ? 5.347   1.137   3.305   1.00 12.50 ? 1008 PHE A C   1 
ATOM   699  O O   . PHE A 1 99  ? 5.976   1.762   4.172   1.00 14.56 ? 1008 PHE A O   1 
ATOM   700  C CB  . PHE A 1 99  ? 3.682   2.822   2.465   1.00 11.69 ? 1008 PHE A CB  1 
ATOM   701  C CG  . PHE A 1 99  ? 2.247   3.124   2.092   1.00 12.36 ? 1008 PHE A CG  1 
ATOM   702  C CD1 . PHE A 1 99  ? 1.798   2.929   0.784   1.00 12.29 ? 1008 PHE A CD1 1 
ATOM   703  C CD2 . PHE A 1 99  ? 1.338   3.589   3.064   1.00 11.04 ? 1008 PHE A CD2 1 
ATOM   704  C CE1 . PHE A 1 99  ? 0.465   3.186   0.445   1.00 14.43 ? 1008 PHE A CE1 1 
ATOM   705  C CE2 . PHE A 1 99  ? -0.012  3.843   2.723   1.00 11.67 ? 1008 PHE A CE2 1 
ATOM   706  C CZ  . PHE A 1 99  ? -0.436  3.631   1.409   1.00 12.07 ? 1008 PHE A CZ  1 
ATOM   707  N N   . ASN A 1 100 ? 5.875   0.188   2.551   1.00 12.14 ? 1009 ASN A N   1 
ATOM   708  C CA  . ASN A 1 100 ? 7.277   -0.198  2.633   1.00 13.27 ? 1009 ASN A CA  1 
ATOM   709  C C   . ASN A 1 100 ? 7.926   0.172   1.311   1.00 13.17 ? 1009 ASN A C   1 
ATOM   710  O O   . ASN A 1 100 ? 7.494   -0.285  0.250   1.00 13.01 ? 1009 ASN A O   1 
ATOM   711  C CB  . ASN A 1 100 ? 7.396   -1.698  2.884   1.00 13.46 ? 1009 ASN A CB  1 
ATOM   712  C CG  . ASN A 1 100 ? 8.833   -2.143  3.115   1.00 14.66 ? 1009 ASN A CG  1 
ATOM   713  O OD1 . ASN A 1 100 ? 9.616   -1.443  3.755   1.00 17.87 ? 1009 ASN A OD1 1 
ATOM   714  N ND2 . ASN A 1 100 ? 9.179   -3.301  2.579   1.00 14.41 ? 1009 ASN A ND2 1 
ATOM   715  N N   . LYS A 1 101 ? 8.945   1.014   1.377   1.00 12.92 ? 1010 LYS A N   1 
ATOM   716  C CA  . LYS A 1 101 ? 9.723   1.353   0.176   1.00 14.12 ? 1010 LYS A CA  1 
ATOM   717  C C   . LYS A 1 101 ? 10.979  0.462   0.076   1.00 14.48 ? 1010 LYS A C   1 
ATOM   718  O O   . LYS A 1 101 ? 11.908  0.598   0.888   1.00 16.08 ? 1010 LYS A O   1 
ATOM   719  C CB  . LYS A 1 101 ? 10.135  2.826   0.231   1.00 13.36 ? 1010 LYS A CB  1 
ATOM   720  C CG  . LYS A 1 101 ? 10.690  3.304   -1.104  1.00 14.44 ? 1010 LYS A CG  1 
ATOM   721  C CD  . LYS A 1 101 ? 11.322  4.680   -0.971  1.00 15.79 ? 1010 LYS A CD  1 
ATOM   722  C CE  . LYS A 1 101 ? 12.696  4.553   -0.341  1.00 18.29 ? 1010 LYS A CE  1 
ATOM   723  N NZ  . LYS A 1 101 ? 13.319  5.871   -0.198  1.00 19.77 ? 1010 LYS A NZ  1 
ATOM   724  N N   . LYS A 1 102 ? 11.020  -0.425  -0.912  1.00 14.94 ? 1011 LYS A N   1 
ATOM   725  C CA  . LYS A 1 102 ? 12.197  -1.304  -1.092  1.00 16.13 ? 1011 LYS A CA  1 
ATOM   726  C C   . LYS A 1 102 ? 13.365  -0.541  -1.717  1.00 15.97 ? 1011 LYS A C   1 
ATOM   727  O O   . LYS A 1 102 ? 14.529  -0.704  -1.307  1.00 16.88 ? 1011 LYS A O   1 
ATOM   728  C CB  . LYS A 1 102 ? 11.858  -2.510  -1.971  1.00 16.13 ? 1011 LYS A CB  1 
ATOM   729  C CG  . LYS A 1 102 ? 10.841  -3.473  -1.378  1.00 18.82 ? 1011 LYS A CG  1 
ATOM   730  C CD  . LYS A 1 102 ? 10.987  -4.863  -1.980  1.00 23.54 ? 1011 LYS A CD  1 
ATOM   731  C CE  . LYS A 1 102 ? 10.762  -4.883  -3.477  1.00 25.52 ? 1011 LYS A CE  1 
ATOM   732  N NZ  . LYS A 1 102 ? 11.189  -6.186  -4.074  1.00 27.93 ? 1011 LYS A NZ  1 
ATOM   733  N N   . THR A 1 103 ? 13.042  0.265   -2.711  1.00 16.24 ? 1012 THR A N   1 
ATOM   734  C CA  . THR A 1 103 ? 14.026  1.052   -3.455  1.00 17.26 ? 1012 THR A CA  1 
ATOM   735  C C   . THR A 1 103 ? 13.411  2.356   -3.908  1.00 16.86 ? 1012 THR A C   1 
ATOM   736  O O   . THR A 1 103 ? 12.179  2.472   -4.016  1.00 17.35 ? 1012 THR A O   1 
ATOM   737  C CB  . THR A 1 103 ? 14.520  0.317   -4.752  1.00 17.30 ? 1012 THR A CB  1 
ATOM   738  O OG1 . THR A 1 103 ? 13.468  0.262   -5.726  1.00 21.47 ? 1012 THR A OG1 1 
ATOM   739  C CG2 . THR A 1 103 ? 14.978  -1.062  -4.465  1.00 19.67 ? 1012 THR A CG2 1 
ATOM   740  N N   . GLY A 1 104 ? 14.251  3.344   -4.201  1.00 16.05 ? 1013 GLY A N   1 
ATOM   741  C CA  . GLY A 1 104 ? 13.785  4.468   -5.000  1.00 15.58 ? 1013 GLY A CA  1 
ATOM   742  C C   . GLY A 1 104 ? 13.334  5.655   -4.182  1.00 14.88 ? 1013 GLY A C   1 
ATOM   743  O O   . GLY A 1 104 ? 13.966  5.981   -3.178  1.00 15.66 ? 1013 GLY A O   1 
ATOM   744  N N   . SER A 1 105 ? 12.221  6.268   -4.589  1.00 14.64 ? 1014 SER A N   1 
ATOM   745  C CA  . SER A 1 105 ? 11.833  7.600   -4.092  1.00 15.04 ? 1014 SER A CA  1 
ATOM   746  C C   . SER A 1 105 ? 10.756  7.582   -3.013  1.00 15.66 ? 1014 SER A C   1 
ATOM   747  O O   . SER A 1 105 ? 9.632   7.094   -3.252  1.00 15.43 ? 1014 SER A O   1 
ATOM   748  C CB  . SER A 1 105 ? 11.343  8.464   -5.267  1.00 15.46 ? 1014 SER A CB  1 
ATOM   749  O OG  . SER A 1 105 ? 10.738  9.664   -4.809  1.00 13.95 ? 1014 SER A OG  1 
ATOM   750  N N   . THR A 1 106 ? 11.093  8.129   -1.846  1.00 15.43 ? 1015 THR A N   1 
ATOM   751  C CA  . THR A 1 106 ? 10.137  8.289   -0.757  1.00 15.27 ? 1015 THR A CA  1 
ATOM   752  C C   . THR A 1 106 ? 9.020   9.230   -1.184  1.00 15.35 ? 1015 THR A C   1 
ATOM   753  O O   . THR A 1 106 ? 7.852   8.987   -0.884  1.00 14.12 ? 1015 THR A O   1 
ATOM   754  C CB  . THR A 1 106 ? 10.826  8.809   0.522   1.00 15.47 ? 1015 THR A CB  1 
ATOM   755  O OG1 . THR A 1 106 ? 11.711  7.803   1.015   1.00 15.88 ? 1015 THR A OG1 1 
ATOM   756  C CG2 . THR A 1 106 ? 9.804   9.157   1.616   1.00 15.97 ? 1015 THR A CG2 1 
ATOM   757  N N   . LYS A 1 107 ? 9.375   10.291  -1.909  1.00 14.66 ? 1016 LYS A N   1 
ATOM   758  C CA  . LYS A 1 107 ? 8.353   11.238  -2.367  1.00 15.72 ? 1016 LYS A CA  1 
ATOM   759  C C   . LYS A 1 107 ? 7.318   10.564  -3.286  1.00 14.70 ? 1016 LYS A C   1 
ATOM   760  O O   . LYS A 1 107 ? 6.114   10.773  -3.144  1.00 15.37 ? 1016 LYS A O   1 
ATOM   761  C CB  . LYS A 1 107 ? 9.028   12.410  -3.066  1.00 15.94 ? 1016 LYS A CB  1 
ATOM   762  C CG  . LYS A 1 107 ? 8.063   13.446  -3.620  1.00 20.80 ? 1016 LYS A CG  1 
ATOM   763  C CD  . LYS A 1 107 ? 8.829   14.689  -4.063  1.00 24.62 ? 1016 LYS A CD  1 
ATOM   764  C CE  . LYS A 1 107 ? 8.013   15.944  -3.814  1.00 27.83 ? 1016 LYS A CE  1 
ATOM   765  N NZ  . LYS A 1 107 ? 7.501   15.974  -2.394  1.00 30.91 ? 1016 LYS A NZ  1 
ATOM   766  N N   . THR A 1 108 ? 7.792   9.722   -4.196  1.00 13.81 ? 1017 THR A N   1 
ATOM   767  C CA  . THR A 1 108 ? 6.940   9.032   -5.161  1.00 13.54 ? 1017 THR A CA  1 
ATOM   768  C C   . THR A 1 108 ? 5.965   8.087   -4.476  1.00 13.14 ? 1017 THR A C   1 
ATOM   769  O O   . THR A 1 108 ? 4.770   8.074   -4.782  1.00 13.22 ? 1017 THR A O   1 
ATOM   770  C CB  . THR A 1 108 ? 7.804   8.308   -6.203  1.00 13.87 ? 1017 THR A CB  1 
ATOM   771  O OG1 . THR A 1 108 ? 8.561   9.297   -6.914  1.00 14.78 ? 1017 THR A OG1 1 
ATOM   772  C CG2 . THR A 1 108 ? 6.967   7.521   -7.213  1.00 13.43 ? 1017 THR A CG2 1 
ATOM   773  N N   . LEU A 1 109 ? 6.460   7.323   -3.517  1.00 12.41 ? 1018 LEU A N   1 
ATOM   774  C CA  . LEU A 1 109 ? 5.610   6.405   -2.759  1.00 11.94 ? 1018 LEU A CA  1 
ATOM   775  C C   . LEU A 1 109 ? 4.595   7.137   -1.873  1.00 12.18 ? 1018 LEU A C   1 
ATOM   776  O O   . LEU A 1 109 ? 3.471   6.738   -1.783  1.00 12.50 ? 1018 LEU A O   1 
ATOM   777  C CB  . LEU A 1 109 ? 6.435   5.455   -1.924  1.00 12.70 ? 1018 LEU A CB  1 
ATOM   778  C CG  . LEU A 1 109 ? 5.639   4.377   -1.200  1.00 11.13 ? 1018 LEU A CG  1 
ATOM   779  C CD1 . LEU A 1 109 ? 4.757   3.614   -2.155  1.00 11.89 ? 1018 LEU A CD1 1 
ATOM   780  C CD2 . LEU A 1 109 ? 6.608   3.460   -0.502  1.00 13.33 ? 1018 LEU A CD2 1 
ATOM   781  N N   . THR A 1 110 ? 5.037   8.210   -1.217  1.00 11.61 ? 1019 THR A N   1 
ATOM   782  C CA  . THR A 1 110 ? 4.145   9.003   -0.386  1.00 12.34 ? 1019 THR A CA  1 
ATOM   783  C C   . THR A 1 110 ? 3.001   9.568   -1.251  1.00 12.76 ? 1019 THR A C   1 
ATOM   784  O O   . THR A 1 110 ? 1.854   9.572   -0.833  1.00 12.39 ? 1019 THR A O   1 
ATOM   785  C CB  . THR A 1 110 ? 4.925   10.132  0.315   1.00 12.75 ? 1019 THR A CB  1 
ATOM   786  O OG1 . THR A 1 110 ? 5.949   9.566   1.153   1.00 12.60 ? 1019 THR A OG1 1 
ATOM   787  C CG2 . THR A 1 110 ? 4.006   11.006  1.144   1.00 11.68 ? 1019 THR A CG2 1 
ATOM   788  N N   . LYS A 1 111 ? 3.309   10.009  -2.470  1.00 12.65 ? 1020 LYS A N   1 
ATOM   789  C CA  . LYS A 1 111 ? 2.267   10.489  -3.377  1.00 13.32 ? 1020 LYS A CA  1 
ATOM   790  C C   . LYS A 1 111 ? 1.174   9.448   -3.583  1.00 13.14 ? 1020 LYS A C   1 
ATOM   791  O O   . LYS A 1 111 ? -0.026  9.768   -3.511  1.00 14.24 ? 1020 LYS A O   1 
ATOM   792  C CB  . LYS A 1 111 ? 2.865   10.937  -4.727  1.00 14.62 ? 1020 LYS A CB  1 
ATOM   793  C CG  . LYS A 1 111 ? 1.841   11.608  -5.638  1.00 18.41 ? 1020 LYS A CG  1 
ATOM   794  C CD  . LYS A 1 111 ? 1.209   12.793  -4.898  1.00 23.88 ? 1020 LYS A CD  1 
ATOM   795  C CE  . LYS A 1 111 ? 0.265   13.555  -5.781  1.00 26.81 ? 1020 LYS A CE  1 
ATOM   796  N NZ  . LYS A 1 111 ? 1.004   14.036  -6.984  1.00 29.02 ? 1020 LYS A NZ  1 
ATOM   797  N N   . LEU A 1 112 ? 1.579   8.204   -3.825  1.00 12.79 ? 1021 LEU A N   1 
ATOM   798  C CA  . LEU A 1 112 ? 0.627   7.122   -4.038  1.00 12.61 ? 1021 LEU A CA  1 
ATOM   799  C C   . LEU A 1 112 ? -0.220  6.920   -2.789  1.00 12.53 ? 1021 LEU A C   1 
ATOM   800  O O   . LEU A 1 112 ? -1.428  6.704   -2.872  1.00 11.49 ? 1021 LEU A O   1 
ATOM   801  C CB  . LEU A 1 112 ? 1.356   5.826   -4.396  1.00 12.90 ? 1021 LEU A CB  1 
ATOM   802  C CG  . LEU A 1 112 ? 0.478   4.597   -4.638  1.00 14.40 ? 1021 LEU A CG  1 
ATOM   803  C CD1 . LEU A 1 112 ? -0.487  4.842   -5.788  1.00 16.13 ? 1021 LEU A CD1 1 
ATOM   804  C CD2 . LEU A 1 112 ? 1.334   3.368   -4.903  1.00 14.18 ? 1021 LEU A CD2 1 
ATOM   805  N N   . ALA A 1 113 ? 0.424   7.000   -1.628  1.00 12.47 ? 1022 ALA A N   1 
ATOM   806  C CA  . ALA A 1 113 ? -0.282  6.882   -0.343  1.00 11.29 ? 1022 ALA A CA  1 
ATOM   807  C C   . ALA A 1 113 ? -1.351  7.972   -0.225  1.00 11.95 ? 1022 ALA A C   1 
ATOM   808  O O   . ALA A 1 113 ? -2.501  7.716   0.185   1.00 11.58 ? 1022 ALA A O   1 
ATOM   809  C CB  . ALA A 1 113 ? 0.726   6.962   0.846   1.00 11.88 ? 1022 ALA A CB  1 
ATOM   810  N N   . THR A 1 114 ? -0.967  9.204   -0.559  1.00 11.66 ? 1023 THR A N   1 
ATOM   811  C CA  . THR A 1 114 ? -1.919  10.326  -0.497  1.00 12.83 ? 1023 THR A CA  1 
ATOM   812  C C   . THR A 1 114 ? -3.106  10.169  -1.430  1.00 12.73 ? 1023 THR A C   1 
ATOM   813  O O   . THR A 1 114 ? -4.226  10.521  -1.068  1.00 13.69 ? 1023 THR A O   1 
ATOM   814  C CB  . THR A 1 114 ? -1.243  11.725  -0.675  1.00 13.46 ? 1023 THR A CB  1 
ATOM   815  O OG1 . THR A 1 114 ? -0.771  11.907  -2.008  1.00 16.27 ? 1023 THR A OG1 1 
ATOM   816  C CG2 . THR A 1 114 ? -0.091  11.909  0.294   1.00 13.74 ? 1023 THR A CG2 1 
ATOM   817  N N   . GLU A 1 115 ? -2.873  9.609   -2.612  1.00 12.33 ? 1024 GLU A N   1 
ATOM   818  C CA  . GLU A 1 115 ? -3.939  9.338   -3.567  1.00 12.80 ? 1024 GLU A CA  1 
ATOM   819  C C   . GLU A 1 115 ? -4.900  8.234   -3.096  1.00 12.24 ? 1024 GLU A C   1 
ATOM   820  O O   . GLU A 1 115 ? -6.113  8.346   -3.239  1.00 11.93 ? 1024 GLU A O   1 
ATOM   821  C CB  . GLU A 1 115 ? -3.309  9.012   -4.911  1.00 13.00 ? 1024 GLU A CB  1 
ATOM   822  C CG  . GLU A 1 115 ? -2.661  10.248  -5.511  1.00 14.41 ? 1024 GLU A CG  1 
ATOM   823  C CD  . GLU A 1 115 ? -1.613  9.966   -6.564  1.00 18.69 ? 1024 GLU A CD  1 
ATOM   824  O OE1 . GLU A 1 115 ? -1.306  10.897  -7.346  1.00 21.84 ? 1024 GLU A OE1 1 
ATOM   825  O OE2 . GLU A 1 115 ? -1.075  8.839   -6.616  1.00 18.17 ? 1024 GLU A OE2 1 
ATOM   826  N N   . ILE A 1 116 ? -4.358  7.206   -2.461  1.00 12.73 ? 1025 ILE A N   1 
ATOM   827  C CA  . ILE A 1 116 ? -5.208  6.149   -1.876  1.00 12.43 ? 1025 ILE A CA  1 
ATOM   828  C C   . ILE A 1 116 ? -6.064  6.762   -0.771  1.00 12.45 ? 1025 ILE A C   1 
ATOM   829  O O   . ILE A 1 116 ? -7.261  6.488   -0.639  1.00 13.14 ? 1025 ILE A O   1 
ATOM   830  C CB  . ILE A 1 116 ? -4.356  4.952   -1.367  1.00 12.21 ? 1025 ILE A CB  1 
ATOM   831  C CG1 . ILE A 1 116 ? -3.662  4.223   -2.553  1.00 9.87  ? 1025 ILE A CG1 1 
ATOM   832  C CG2 . ILE A 1 116 ? -5.190  4.035   -0.402  1.00 10.37 ? 1025 ILE A CG2 1 
ATOM   833  C CD1 . ILE A 1 116 ? -2.437  3.414   -2.087  1.00 10.10 ? 1025 ILE A CD1 1 
ATOM   834  N N   . GLN A 1 117 ? -5.451  7.623   0.028   1.00 12.93 ? 1026 GLN A N   1 
ATOM   835  C CA  . GLN A 1 117 ? -6.149  8.203   1.155   1.00 13.24 ? 1026 GLN A CA  1 
ATOM   836  C C   . GLN A 1 117 ? -7.331  9.061   0.693   1.00 12.71 ? 1026 GLN A C   1 
ATOM   837  O O   . GLN A 1 117 ? -8.358  9.083   1.345   1.00 13.17 ? 1026 GLN A O   1 
ATOM   838  C CB  . GLN A 1 117 ? -5.197  9.043   1.993   1.00 12.78 ? 1026 GLN A CB  1 
ATOM   839  C CG  . GLN A 1 117 ? -5.816  9.484   3.292   1.00 14.56 ? 1026 GLN A CG  1 
ATOM   840  C CD  . GLN A 1 117 ? -4.808  10.164  4.180   1.00 17.56 ? 1026 GLN A CD  1 
ATOM   841  O OE1 . GLN A 1 117 ? -4.452  11.318  3.972   1.00 21.29 ? 1026 GLN A OE1 1 
ATOM   842  N NE2 . GLN A 1 117 ? -4.388  9.467   5.208   1.00 18.40 ? 1026 GLN A NE2 1 
ATOM   843  N N   . ILE A 1 118 ? -7.158  9.780   -0.411  1.00 12.84 ? 1027 ILE A N   1 
ATOM   844  C CA  . ILE A 1 118 ? -8.244  10.580  -0.995  1.00 13.02 ? 1027 ILE A CA  1 
ATOM   845  C C   . ILE A 1 118 ? -9.484  9.745   -1.293  1.00 12.96 ? 1027 ILE A C   1 
ATOM   846  O O   . ILE A 1 118 ? -10.621 10.134  -0.961  1.00 13.62 ? 1027 ILE A O   1 
ATOM   847  C CB  . ILE A 1 118 ? -7.778  11.287  -2.308  1.00 12.54 ? 1027 ILE A CB  1 
ATOM   848  C CG1 . ILE A 1 118 ? -6.796  12.428  -1.973  1.00 13.19 ? 1027 ILE A CG1 1 
ATOM   849  C CG2 . ILE A 1 118 ? -8.995  11.852  -3.078  1.00 13.11 ? 1027 ILE A CG2 1 
ATOM   850  C CD1 . ILE A 1 118 ? -6.140  13.093  -3.189  1.00 16.04 ? 1027 ILE A CD1 1 
ATOM   851  N N   . ILE A 1 119 ? -9.259  8.605   -1.931  1.00 12.94 ? 1028 ILE A N   1 
ATOM   852  C CA  . ILE A 1 119 ? -10.352 7.703   -2.298  1.00 13.50 ? 1028 ILE A CA  1 
ATOM   853  C C   . ILE A 1 119 ? -11.014 7.114   -1.044  1.00 13.72 ? 1028 ILE A C   1 
ATOM   854  O O   . ILE A 1 119 ? -12.244 7.059   -0.960  1.00 14.40 ? 1028 ILE A O   1 
ATOM   855  C CB  . ILE A 1 119 ? -9.873  6.568   -3.223  1.00 14.33 ? 1028 ILE A CB  1 
ATOM   856  C CG1 . ILE A 1 119 ? -9.290  7.119   -4.541  1.00 13.51 ? 1028 ILE A CG1 1 
ATOM   857  C CG2 . ILE A 1 119 ? -11.002 5.556   -3.478  1.00 14.65 ? 1028 ILE A CG2 1 
ATOM   858  C CD1 . ILE A 1 119 ? -10.292 7.965   -5.379  1.00 16.44 ? 1028 ILE A CD1 1 
ATOM   859  N N   . LEU A 1 120 ? -10.217 6.691   -0.068  1.00 13.02 ? 1029 LEU A N   1 
ATOM   860  C CA  . LEU A 1 120 ? -10.815 6.189   1.183   1.00 14.09 ? 1029 LEU A CA  1 
ATOM   861  C C   . LEU A 1 120 ? -11.658 7.251   1.873   1.00 14.52 ? 1029 LEU A C   1 
ATOM   862  O O   . LEU A 1 120 ? -12.725 6.955   2.413   1.00 14.42 ? 1029 LEU A O   1 
ATOM   863  C CB  . LEU A 1 120 ? -9.751  5.679   2.157   1.00 14.85 ? 1029 LEU A CB  1 
ATOM   864  C CG  . LEU A 1 120 ? -9.096  4.394   1.675   1.00 17.69 ? 1029 LEU A CG  1 
ATOM   865  C CD1 . LEU A 1 120 ? -7.816  4.119   2.447   1.00 21.06 ? 1029 LEU A CD1 1 
ATOM   866  C CD2 . LEU A 1 120 ? -10.035 3.236   1.823   1.00 22.20 ? 1029 LEU A CD2 1 
ATOM   867  N N   . GLN A 1 121 ? -11.155 8.483   1.881   1.00 15.43 ? 1030 GLN A N   1 
ATOM   868  C CA  . GLN A 1 121 ? -11.882 9.580   2.510   1.00 17.29 ? 1030 GLN A CA  1 
ATOM   869  C C   . GLN A 1 121 ? -13.238 9.765   1.829   1.00 17.52 ? 1030 GLN A C   1 
ATOM   870  O O   . GLN A 1 121 ? -14.264 9.845   2.493   1.00 17.93 ? 1030 GLN A O   1 
ATOM   871  C CB  . GLN A 1 121 ? -11.071 10.867  2.457   1.00 18.14 ? 1030 GLN A CB  1 
ATOM   872  C CG  . GLN A 1 121 ? -11.718 11.953  3.299   1.00 22.42 ? 1030 GLN A CG  1 
ATOM   873  C CD  . GLN A 1 121 ? -10.712 12.873  3.933   1.00 27.54 ? 1030 GLN A CD  1 
ATOM   874  O OE1 . GLN A 1 121 ? -10.118 13.712  3.264   1.00 33.24 ? 1030 GLN A OE1 1 
ATOM   875  N NE2 . GLN A 1 121 ? -10.525 12.736  5.236   1.00 30.84 ? 1030 GLN A NE2 1 
ATOM   876  N N   . LYS A 1 122 ? -13.230 9.777   0.506   1.00 17.77 ? 1031 LYS A N   1 
ATOM   877  C CA  . LYS A 1 122 ? -14.455 9.943   -0.269  1.00 18.73 ? 1031 LYS A CA  1 
ATOM   878  C C   . LYS A 1 122 ? -15.467 8.860   0.026   1.00 18.41 ? 1031 LYS A C   1 
ATOM   879  O O   . LYS A 1 122 ? -16.667 9.128   0.048   1.00 17.70 ? 1031 LYS A O   1 
ATOM   880  C CB  . LYS A 1 122 ? -14.154 9.976   -1.763  1.00 19.53 ? 1031 LYS A CB  1 
ATOM   881  C CG  . LYS A 1 122 ? -13.622 11.302  -2.210  1.00 23.56 ? 1031 LYS A CG  1 
ATOM   882  C CD  . LYS A 1 122 ? -13.301 11.335  -3.704  1.00 27.92 ? 1031 LYS A CD  1 
ATOM   883  C CE  . LYS A 1 122 ? -12.633 12.659  -4.039  1.00 30.39 ? 1031 LYS A CE  1 
ATOM   884  N NZ  . LYS A 1 122 ? -12.352 12.800  -5.497  1.00 31.80 ? 1031 LYS A NZ  1 
ATOM   885  N N   . GLU A 1 123 ? -14.981 7.634   0.231   1.00 17.70 ? 1032 GLU A N   1 
ATOM   886  C CA  . GLU A 1 123 ? -15.850 6.490   0.498   1.00 18.53 ? 1032 GLU A CA  1 
ATOM   887  C C   . GLU A 1 123 ? -16.359 6.430   1.931   1.00 18.53 ? 1032 GLU A C   1 
ATOM   888  O O   . GLU A 1 123 ? -17.191 5.588   2.263   1.00 19.49 ? 1032 GLU A O   1 
ATOM   889  C CB  . GLU A 1 123 ? -15.160 5.186   0.094   1.00 17.71 ? 1032 GLU A CB  1 
ATOM   890  C CG  . GLU A 1 123 ? -14.868 5.086   -1.399  1.00 18.87 ? 1032 GLU A CG  1 
ATOM   891  C CD  . GLU A 1 123 ? -16.121 5.262   -2.235  1.00 22.60 ? 1032 GLU A CD  1 
ATOM   892  O OE1 . GLU A 1 123 ? -17.120 4.567   -1.945  1.00 24.30 ? 1032 GLU A OE1 1 
ATOM   893  O OE2 . GLU A 1 123 ? -16.121 6.125   -3.147  1.00 23.00 ? 1032 GLU A OE2 1 
ATOM   894  N N   . GLY A 1 124 ? -15.868 7.327   2.778   1.00 18.14 ? 1033 GLY A N   1 
ATOM   895  C CA  . GLY A 1 124 ? -16.397 7.466   4.140   1.00 18.65 ? 1033 GLY A CA  1 
ATOM   896  C C   . GLY A 1 124 ? -15.897 6.410   5.101   1.00 18.38 ? 1033 GLY A C   1 
ATOM   897  O O   . GLY A 1 124 ? -16.510 6.181   6.146   1.00 19.54 ? 1033 GLY A O   1 
ATOM   898  N N   . VAL A 1 125 ? -14.824 5.718   4.723   1.00 17.32 ? 1034 VAL A N   1 
ATOM   899  C CA  . VAL A 1 125 ? -14.275 4.633   5.540   1.00 16.57 ? 1034 VAL A CA  1 
ATOM   900  C C   . VAL A 1 125 ? -13.091 4.943   6.461   1.00 16.73 ? 1034 VAL A C   1 
ATOM   901  O O   . VAL A 1 125 ? -12.618 4.055   7.168   1.00 16.35 ? 1034 VAL A O   1 
ATOM   902  C CB  . VAL A 1 125 ? -13.894 3.421   4.662   1.00 15.86 ? 1034 VAL A CB  1 
ATOM   903  C CG1 . VAL A 1 125 ? -15.119 2.889   3.932   1.00 15.52 ? 1034 VAL A CG1 1 
ATOM   904  C CG2 . VAL A 1 125 ? -12.803 3.803   3.673   1.00 15.91 ? 1034 VAL A CG2 1 
ATOM   905  N N   . LEU A 1 126 ? -12.604 6.179   6.459   1.00 17.24 ? 1035 LEU A N   1 
ATOM   906  C CA  . LEU A 1 126 ? -11.463 6.509   7.319   1.00 18.29 ? 1035 LEU A CA  1 
ATOM   907  C C   . LEU A 1 126 ? -11.842 6.592   8.793   1.00 20.64 ? 1035 LEU A C   1 
ATOM   908  O O   . LEU A 1 126 ? -12.970 6.986   9.157   1.00 20.18 ? 1035 LEU A O   1 
ATOM   909  C CB  . LEU A 1 126 ? -10.775 7.793   6.882   1.00 17.96 ? 1035 LEU A CB  1 
ATOM   910  C CG  . LEU A 1 126 ? -10.090 7.816   5.523   1.00 17.70 ? 1035 LEU A CG  1 
ATOM   911  C CD1 . LEU A 1 126 ? -9.525  9.193   5.279   1.00 20.45 ? 1035 LEU A CD1 1 
ATOM   912  C CD2 . LEU A 1 126 ? -8.994  6.753   5.427   1.00 20.09 ? 1035 LEU A CD2 1 
ATOM   913  N N   . ASP A 1 127 ? -10.879 6.225   9.631   1.00 21.62 ? 1036 ASP A N   1 
ATOM   914  C CA  . ASP A 1 127 ? -11.102 6.069   11.051  1.00 24.16 ? 1036 ASP A CA  1 
ATOM   915  C C   . ASP A 1 127 ? -11.101 7.419   11.738  1.00 25.65 ? 1036 ASP A C   1 
ATOM   916  O O   . ASP A 1 127 ? -10.155 8.194   11.565  1.00 28.29 ? 1036 ASP A O   1 
ATOM   917  C CB  . ASP A 1 127 ? -10.032 5.154   11.653  1.00 24.22 ? 1036 ASP A CB  1 
ATOM   918  C CG  . ASP A 1 127 ? -10.454 4.567   12.984  1.00 26.08 ? 1036 ASP A CG  1 
ATOM   919  O OD1 . ASP A 1 127 ? -11.662 4.670   13.326  1.00 29.69 ? 1036 ASP A OD1 1 
ATOM   920  O OD2 . ASP A 1 127 ? -9.586  4.016   13.690  1.00 26.73 ? 1036 ASP A OD2 1 
HETATM 921  O O1  . SRT B 2 .   ? 16.487  8.425   -1.114  1.00 27.38 ? 1039 SRT A O1  1 
HETATM 922  O O11 . SRT B 2 .   ? 16.572  10.370  -0.120  1.00 28.42 ? 1039 SRT A O11 1 
HETATM 923  C C1  . SRT B 2 .   ? 15.957  9.531   -0.829  1.00 26.94 ? 1039 SRT A C1  1 
HETATM 924  C C2  . SRT B 2 .   ? 14.550  9.818   -1.322  1.00 24.64 ? 1039 SRT A C2  1 
HETATM 925  O O2  . SRT B 2 .   ? 13.911  8.580   -1.560  1.00 21.71 ? 1039 SRT A O2  1 
HETATM 926  C C3  . SRT B 2 .   ? 14.379  10.357  -2.743  1.00 25.81 ? 1039 SRT A C3  1 
HETATM 927  O O3  . SRT B 2 .   ? 15.459  11.147  -3.232  1.00 23.92 ? 1039 SRT A O3  1 
HETATM 928  C C4  . SRT B 2 .   ? 13.026  10.990  -2.971  1.00 25.05 ? 1039 SRT A C4  1 
HETATM 929  O O4  . SRT B 2 .   ? 12.760  11.120  -4.179  1.00 25.30 ? 1039 SRT A O4  1 
HETATM 930  O O41 . SRT B 2 .   ? 12.208  11.294  -2.050  1.00 22.36 ? 1039 SRT A O41 1 
HETATM 931  C C1  . GOL C 3 .   ? 8.597   -14.188 16.195  1.00 25.80 ? 1038 GOL A C1  1 
HETATM 932  O O1  . GOL C 3 .   ? 8.812   -12.875 16.657  1.00 24.82 ? 1038 GOL A O1  1 
HETATM 933  C C2  . GOL C 3 .   ? 7.933   -14.247 14.817  1.00 28.59 ? 1038 GOL A C2  1 
HETATM 934  O O2  . GOL C 3 .   ? 8.803   -14.797 13.836  1.00 31.39 ? 1038 GOL A O2  1 
HETATM 935  C C3  . GOL C 3 .   ? 7.526   -12.860 14.357  1.00 28.98 ? 1038 GOL A C3  1 
HETATM 936  O O3  . GOL C 3 .   ? 8.638   -11.992 14.408  1.00 31.61 ? 1038 GOL A O3  1 
HETATM 937  O O   . HOH D 4 .   ? -14.436 -3.945  0.583   1.00 15.63 ? 1    HOH A O   1 
HETATM 938  O O   . HOH D 4 .   ? 10.534  6.141   -8.988  1.00 21.29 ? 2    HOH A O   1 
HETATM 939  O O   . HOH D 4 .   ? 14.573  1.648   0.883   1.00 27.79 ? 3    HOH A O   1 
HETATM 940  O O   . HOH D 4 .   ? 5.598   -6.868  -7.852  1.00 21.94 ? 4    HOH A O   1 
HETATM 941  O O   . HOH D 4 .   ? 0.591   8.278   9.786   1.00 20.15 ? 5    HOH A O   1 
HETATM 942  O O   . HOH D 4 .   ? -7.979  2.237   12.274  1.00 17.98 ? 6    HOH A O   1 
HETATM 943  O O   . HOH D 4 .   ? -9.759  -5.680  12.705  1.00 22.35 ? 7    HOH A O   1 
HETATM 944  O O   . HOH D 4 .   ? 1.397   -9.940  6.792   1.00 18.09 ? 8    HOH A O   1 
HETATM 945  O O   . HOH D 4 .   ? 3.482   3.272   6.359   1.00 15.29 ? 9    HOH A O   1 
HETATM 946  O O   . HOH D 4 .   ? 3.275   -3.893  -15.549 1.00 31.77 ? 10   HOH A O   1 
HETATM 947  O O   . HOH D 4 .   ? 2.265   -5.421  17.325  1.00 25.16 ? 11   HOH A O   1 
HETATM 948  O O   . HOH D 4 .   ? 4.372   -10.465 -0.918  1.00 40.61 ? 12   HOH A O   1 
HETATM 949  O O   . HOH D 4 .   ? -6.977  12.797  1.966   1.00 32.22 ? 13   HOH A O   1 
HETATM 950  O O   . HOH D 4 .   ? -8.927  -9.085  -3.218  1.00 27.71 ? 14   HOH A O   1 
HETATM 951  O O   . HOH D 4 .   ? 17.169  5.523   -5.589  1.00 20.48 ? 15   HOH A O   1 
HETATM 952  O O   . HOH D 4 .   ? 14.310  -8.625  2.114   1.00 27.90 ? 16   HOH A O   1 
HETATM 953  O O   . HOH D 4 .   ? 11.763  0.228   8.147   1.00 31.97 ? 17   HOH A O   1 
HETATM 954  O O   . HOH D 4 .   ? 3.665   8.450   -7.248  1.00 19.88 ? 18   HOH A O   1 
HETATM 955  O O   . HOH D 4 .   ? 4.771   13.078  -1.745  1.00 24.76 ? 19   HOH A O   1 
HETATM 956  O O   . HOH D 4 .   ? -11.030 -8.857  8.344   1.00 16.52 ? 20   HOH A O   1 
HETATM 957  O O   . HOH D 4 .   ? 8.701   -4.997  -9.937  1.00 23.51 ? 21   HOH A O   1 
HETATM 958  O O   . HOH D 4 .   ? 11.221  -10.847 7.844   1.00 38.39 ? 22   HOH A O   1 
HETATM 959  O O   . HOH D 4 .   ? -5.388  7.866   8.548   1.00 28.98 ? 23   HOH A O   1 
HETATM 960  O O   . HOH D 4 .   ? -9.457  1.822   -9.860  1.00 23.42 ? 24   HOH A O   1 
HETATM 961  O O   . HOH D 4 .   ? -13.750 8.827   5.580   1.00 20.11 ? 25   HOH A O   1 
HETATM 962  O O   . HOH D 4 .   ? 6.403   9.980   3.771   1.00 28.77 ? 26   HOH A O   1 
HETATM 963  O O   . HOH D 4 .   ? 4.923   5.141   -12.092 1.00 24.59 ? 27   HOH A O   1 
HETATM 964  O O   . HOH D 4 .   ? 0.715   -3.695  -12.923 1.00 23.85 ? 28   HOH A O   1 
HETATM 965  O O   . HOH D 4 .   ? -7.832  7.961   9.534   1.00 22.45 ? 29   HOH A O   1 
HETATM 966  O O   . HOH D 4 .   ? 10.359  8.836   -9.044  1.00 22.80 ? 30   HOH A O   1 
HETATM 967  O O   . HOH D 4 .   ? 4.311   -6.486  19.479  1.00 23.75 ? 31   HOH A O   1 
HETATM 968  O O   . HOH D 4 .   ? 8.063   -4.398  -4.982  1.00 23.26 ? 32   HOH A O   1 
HETATM 969  O O   . HOH D 4 .   ? 10.827  -3.186  5.725   1.00 25.33 ? 33   HOH A O   1 
HETATM 970  O O   . HOH D 4 .   ? 14.854  10.355  -10.484 1.00 25.15 ? 34   HOH A O   1 
HETATM 971  O O   . HOH D 4 .   ? -1.387  -7.895  -11.569 1.00 29.66 ? 35   HOH A O   1 
HETATM 972  O O   . HOH D 4 .   ? -2.907  -8.193  14.322  1.00 25.08 ? 36   HOH A O   1 
HETATM 973  O O   . HOH D 4 .   ? 8.323   -6.851  -3.216  1.00 28.39 ? 37   HOH A O   1 
HETATM 974  O O   . HOH D 4 .   ? 8.190   -6.748  13.488  1.00 25.99 ? 38   HOH A O   1 
HETATM 975  O O   . HOH D 4 .   ? -0.010  -12.213 6.966   1.00 17.51 ? 39   HOH A O   1 
HETATM 976  O O   . HOH D 4 .   ? 8.954   8.098   6.704   1.00 33.26 ? 40   HOH A O   1 
HETATM 977  O O   . HOH D 4 .   ? -10.431 -2.941  -10.638 1.00 30.14 ? 41   HOH A O   1 
HETATM 978  O O   . HOH D 4 .   ? -12.444 -6.629  13.017  1.00 28.90 ? 42   HOH A O   1 
HETATM 979  O O   . HOH D 4 .   ? -4.523  12.494  0.962   1.00 21.29 ? 43   HOH A O   1 
HETATM 980  O O   . HOH D 4 .   ? 6.577   13.901  0.093   1.00 33.98 ? 44   HOH A O   1 
HETATM 981  O O   . HOH D 4 .   ? 14.464  -3.557  6.415   1.00 38.51 ? 45   HOH A O   1 
HETATM 982  O O   . HOH D 4 .   ? -19.008 4.681   4.386   1.00 34.12 ? 46   HOH A O   1 
HETATM 983  O O   . HOH D 4 .   ? -3.586  -4.831  15.835  1.00 27.75 ? 47   HOH A O   1 
HETATM 984  O O   . HOH D 4 .   ? 7.601   -5.023  -7.583  1.00 29.35 ? 48   HOH A O   1 
HETATM 985  O O   . HOH D 4 .   ? -15.360 -6.841  12.462  1.00 32.75 ? 49   HOH A O   1 
HETATM 986  O O   . HOH D 4 .   ? 13.001  10.279  -8.470  1.00 20.25 ? 50   HOH A O   1 
HETATM 987  O O   . HOH D 4 .   ? 6.263   9.060   6.111   1.00 28.64 ? 51   HOH A O   1 
HETATM 988  O O   . HOH D 4 .   ? -10.529 16.295  2.955   1.00 33.69 ? 52   HOH A O   1 
HETATM 989  O O   . HOH D 4 .   ? -7.905  1.364   16.753  1.00 39.37 ? 53   HOH A O   1 
HETATM 990  O O   . HOH D 4 .   ? -1.279  -8.591  6.699   1.00 25.93 ? 54   HOH A O   1 
HETATM 991  O O   . HOH D 4 .   ? 11.439  5.794   -16.136 1.00 30.94 ? 55   HOH A O   1 
HETATM 992  O O   . HOH D 4 .   ? 15.731  2.682   -7.551  1.00 21.23 ? 56   HOH A O   1 
HETATM 993  O O   . HOH D 4 .   ? -5.597  0.656   -15.605 1.00 37.45 ? 57   HOH A O   1 
HETATM 994  O O   . HOH D 4 .   ? -13.907 -9.410  7.922   1.00 36.24 ? 58   HOH A O   1 
HETATM 995  O O   . HOH D 4 .   ? 12.450  4.630   -13.682 1.00 29.87 ? 59   HOH A O   1 
HETATM 996  O O   . HOH D 4 .   ? 17.047  10.269  -8.971  1.00 35.61 ? 60   HOH A O   1 
HETATM 997  O O   . HOH D 4 .   ? -2.282  13.346  1.997   1.00 30.49 ? 61   HOH A O   1 
HETATM 998  O O   . HOH D 4 .   ? -11.383 16.700  5.955   1.00 26.13 ? 62   HOH A O   1 
HETATM 999  O O   . HOH D 4 .   ? -15.433 -6.296  0.103   1.00 29.36 ? 64   HOH A O   1 
HETATM 1000 O O   . HOH D 4 .   ? -2.714  -11.477 7.066   1.00 30.83 ? 65   HOH A O   1 
HETATM 1001 O O   . HOH D 4 .   ? 0.550   -1.543  13.920  1.00 34.10 ? 67   HOH A O   1 
HETATM 1002 O O   . HOH D 4 .   ? 6.253   -0.371  10.994  1.00 34.60 ? 68   HOH A O   1 
HETATM 1003 O O   . HOH D 4 .   ? 6.892   -3.834  14.848  1.00 37.13 ? 69   HOH A O   1 
HETATM 1004 O O   . HOH D 4 .   ? 16.289  5.080   -2.130  1.00 34.53 ? 70   HOH A O   1 
HETATM 1005 O O   . HOH D 4 .   ? 15.301  6.124   1.509   1.00 30.83 ? 71   HOH A O   1 
HETATM 1006 O O   . HOH D 4 .   ? 16.886  2.911   -5.509  1.00 33.20 ? 72   HOH A O   1 
HETATM 1007 O O   . HOH D 4 .   ? -6.886  8.090   12.483  1.00 39.58 ? 73   HOH A O   1 
HETATM 1008 O O   . HOH D 4 .   ? -6.954  11.176  13.492  1.00 37.61 ? 74   HOH A O   1 
HETATM 1009 O O   . HOH D 4 .   ? 13.572  8.723   2.760   1.00 49.03 ? 75   HOH A O   1 
HETATM 1010 O O   . HOH D 4 .   ? 11.825  12.616  0.243   1.00 28.96 ? 76   HOH A O   1 
HETATM 1011 O O   . HOH D 4 .   ? 8.820   12.492  0.875   1.00 34.42 ? 77   HOH A O   1 
HETATM 1012 O O   . HOH D 4 .   ? 6.128   14.761  2.851   1.00 32.08 ? 78   HOH A O   1 
HETATM 1013 O O   . HOH D 4 .   ? 12.301  1.933   -13.678 1.00 39.84 ? 79   HOH A O   1 
HETATM 1014 O O   . HOH D 4 .   ? 10.731  3.606   -17.700 1.00 33.16 ? 80   HOH A O   1 
HETATM 1015 O O   . HOH D 4 .   ? 16.584  -0.685  1.747   1.00 45.52 ? 81   HOH A O   1 
HETATM 1016 O O   . HOH D 4 .   ? 17.764  0.259   -1.950  1.00 43.99 ? 82   HOH A O   1 
HETATM 1017 O O   . HOH D 4 .   ? 2.545   -8.967  -3.470  1.00 32.83 ? 83   HOH A O   1 
HETATM 1018 O O   . HOH D 4 .   ? 3.993   5.984   11.915  1.00 39.75 ? 84   HOH A O   1 
HETATM 1019 O O   . HOH D 4 .   ? -9.319  13.537  1.098   1.00 30.31 ? 85   HOH A O   1 
HETATM 1020 O O   . HOH D 4 .   ? -11.464 12.879  -0.271  1.00 27.26 ? 86   HOH A O   1 
HETATM 1021 O O   . HOH D 4 .   ? -10.200 4.655   -9.945  1.00 25.88 ? 87   HOH A O   1 
HETATM 1022 O O   . HOH D 4 .   ? 6.520   -8.990  0.896   1.00 29.63 ? 88   HOH A O   1 
HETATM 1023 O O   . HOH D 4 .   ? 2.899   7.213   -15.788 1.00 40.77 ? 89   HOH A O   1 
HETATM 1024 O O   . HOH D 4 .   ? -19.037 6.852   6.894   1.00 34.21 ? 90   HOH A O   1 
HETATM 1025 O O   . HOH D 4 .   ? -9.051  -6.968  14.733  1.00 32.72 ? 91   HOH A O   1 
HETATM 1026 O O   . HOH D 4 .   ? -17.366 -6.502  6.814   1.00 29.06 ? 92   HOH A O   1 
HETATM 1027 O O   . HOH D 4 .   ? -20.133 -9.954  5.878   1.00 36.80 ? 93   HOH A O   1 
HETATM 1028 O O   . HOH D 4 .   ? 11.352  -4.795  -10.722 1.00 33.91 ? 94   HOH A O   1 
HETATM 1029 O O   . HOH D 4 .   ? 10.420  -6.627  7.632   1.00 36.85 ? 95   HOH A O   1 
HETATM 1030 O O   . HOH D 4 .   ? -9.682  -2.828  -13.151 1.00 46.60 ? 96   HOH A O   1 
HETATM 1031 O O   . HOH D 4 .   ? -3.335  9.486   7.434   1.00 21.07 ? 97   HOH A O   1 
HETATM 1032 O O   . HOH D 4 .   ? 10.268  -11.108 4.601   1.00 32.13 ? 98   HOH A O   1 
HETATM 1033 O O   . HOH D 4 .   ? 10.736  5.547   8.073   1.00 34.30 ? 99   HOH A O   1 
HETATM 1034 O O   . HOH D 4 .   ? -1.195  -5.823  17.049  1.00 29.64 ? 100  HOH A O   1 
HETATM 1035 O O   . HOH D 4 .   ? 0.702   6.875   -17.157 1.00 36.33 ? 101  HOH A O   1 
HETATM 1036 O O   . HOH D 4 .   ? 9.793   -10.807 1.643   1.00 38.78 ? 102  HOH A O   1 
HETATM 1037 O O   . HOH D 4 .   ? 9.594   12.126  -6.665  1.00 43.78 ? 103  HOH A O   1 
HETATM 1038 O O   . HOH D 4 .   ? 8.614   3.424   10.252  1.00 35.22 ? 104  HOH A O   1 
HETATM 1039 O O   . HOH D 4 .   ? 0.295   11.019  -9.324  1.00 27.19 ? 105  HOH A O   1 
HETATM 1040 O O   . HOH D 4 .   ? -1.979  -15.504 5.979   1.00 34.74 ? 106  HOH A O   1 
HETATM 1041 O O   . HOH D 4 .   ? -3.423  -2.495  16.731  1.00 42.27 ? 107  HOH A O   1 
HETATM 1042 O O   . HOH D 4 .   ? 14.067  -5.440  -0.363  1.00 31.87 ? 108  HOH A O   1 
HETATM 1043 O O   . HOH D 4 .   ? 6.946   8.576   -14.292 1.00 42.16 ? 109  HOH A O   1 
HETATM 1044 O O   . HOH D 4 .   ? 11.213  7.685   10.236  1.00 50.30 ? 110  HOH A O   1 
HETATM 1045 O O   . HOH D 4 .   ? 11.746  11.973  -12.416 1.00 39.21 ? 111  HOH A O   1 
HETATM 1046 O O   . HOH D 4 .   ? -19.642 5.977   -1.189  1.00 36.07 ? 112  HOH A O   1 
HETATM 1047 O O   . HOH D 4 .   ? -11.227 11.617  7.965   1.00 36.67 ? 113  HOH A O   1 
HETATM 1048 O O   . HOH D 4 .   ? 6.661   8.984   -10.770 1.00 45.17 ? 114  HOH A O   1 
HETATM 1049 O O   . HOH D 4 .   ? 7.191   7.807   -16.549 1.00 38.62 ? 115  HOH A O   1 
HETATM 1050 O O   . HOH D 4 .   ? 2.106   1.630   -17.216 1.00 46.55 ? 116  HOH A O   1 
HETATM 1051 O O   . HOH D 4 .   ? 9.969   -6.894  -6.690  1.00 38.11 ? 117  HOH A O   1 
HETATM 1052 O O   . HOH D 4 .   ? -1.363  -17.888 5.315   1.00 46.44 ? 118  HOH A O   1 
HETATM 1053 O O   . HOH D 4 .   ? 14.483  0.539   7.433   1.00 40.94 ? 119  HOH A O   1 
HETATM 1054 O O   . HOH D 4 .   ? -6.049  -5.858  16.368  1.00 31.35 ? 120  HOH A O   1 
HETATM 1055 O O   . HOH D 4 .   ? 8.560   7.663   -18.896 1.00 57.62 ? 121  HOH A O   1 
HETATM 1056 O O   . HOH D 4 .   ? 10.683  0.886   10.662  1.00 42.49 ? 122  HOH A O   1 
# 
